data_2R0J
# 
_entry.id   2R0J 
# 
_audit_conform.dict_name       mmcif_pdbx.dic 
_audit_conform.dict_version    5.377 
_audit_conform.dict_location   http://mmcif.pdb.org/dictionaries/ascii/mmcif_pdbx.dic 
# 
loop_
_database_2.database_id 
_database_2.database_code 
_database_2.pdbx_database_accession 
_database_2.pdbx_DOI 
PDB   2R0J         pdb_00002r0j 10.2210/pdb2r0j/pdb 
RCSB  RCSB044274   ?            ?                   
WWPDB D_1000044274 ?            ?                   
# 
_pdbx_database_status.entry_id                        2R0J 
_pdbx_database_status.deposit_site                    RCSB 
_pdbx_database_status.process_site                    RCSB 
_pdbx_database_status.recvd_initial_deposition_date   2007-08-20 
_pdbx_database_status.status_code                     REL 
_pdbx_database_status.status_code_sf                  REL 
_pdbx_database_status.status_code_mr                  ? 
_pdbx_database_status.SG_entry                        Y 
_pdbx_database_status.pdb_format_compatible           Y 
_pdbx_database_status.status_code_cs                  ? 
_pdbx_database_status.methods_development_category    ? 
_pdbx_database_status.status_code_nmr_data            ? 
# 
loop_
_audit_author.name 
_audit_author.pdbx_ordinal 
'Wernimont, A.K.'                      1  
'Lew, J.'                              2  
'Lin, Y.H.'                            3  
'Hassanali, A.'                        4  
'Kozieradzki, I.'                      5  
'Zhao, Y.'                             6  
'Schapira, M.'                         7  
'Bochkarev, A.'                        8  
'Weigelt, J.'                          9  
'Sundstrom, M.'                        10 
'Arrowsmith, C.H.'                     11 
'Edwards, A.M.'                        12 
'Hui, R.'                              13 
'Brokx, S.'                            14 
'Structural Genomics Consortium (SGC)' 15 
# 
_citation.id                        primary 
_citation.title                     
'Crystal structure of the putative ubiquitin conjugating enzyme, PFE1350c, from Plasmodium falciparum.' 
_citation.journal_abbrev            'To be Published' 
_citation.journal_volume            ? 
_citation.page_first                ? 
_citation.page_last                 ? 
_citation.year                      ? 
_citation.journal_id_ASTM           ? 
_citation.country                   ? 
_citation.journal_id_ISSN           ? 
_citation.journal_id_CSD            0353 
_citation.book_publisher            ? 
_citation.pdbx_database_id_PubMed   ? 
_citation.pdbx_database_id_DOI      ? 
# 
loop_
_citation_author.citation_id 
_citation_author.name 
_citation_author.ordinal 
_citation_author.identifier_ORCID 
primary 'Wernimont, A.K.'  1  ? 
primary 'Lew, J.'          2  ? 
primary 'Lin, Y.H.'        3  ? 
primary 'Hassanali, A.'    4  ? 
primary 'Kozieradzki, I.'  5  ? 
primary 'Zhao, Y.'         6  ? 
primary 'Schapira, M.'     7  ? 
primary 'Bochkarev, A.'    8  ? 
primary 'Weigelt, J.'      9  ? 
primary 'Sundstrom, M.'    10 ? 
primary 'Arrowsmith, C.H.' 11 ? 
primary 'Edwards, A.M.'    12 ? 
primary 'Hui, R.'          13 ? 
primary 'Brokx, S.'        14 ? 
# 
_cell.length_a           73.747 
_cell.length_b           73.747 
_cell.length_c           79.112 
_cell.angle_alpha        90.000 
_cell.angle_beta         90.000 
_cell.angle_gamma        90.000 
_cell.entry_id           2R0J 
_cell.pdbx_unique_axis   ? 
_cell.Z_PDB              8 
_cell.length_a_esd       ? 
_cell.length_b_esd       ? 
_cell.length_c_esd       ? 
_cell.angle_alpha_esd    ? 
_cell.angle_beta_esd     ? 
_cell.angle_gamma_esd    ? 
# 
_symmetry.space_group_name_H-M             'P 43 21 2' 
_symmetry.entry_id                         2R0J 
_symmetry.Int_Tables_number                96 
_symmetry.pdbx_full_space_group_name_H-M   ? 
_symmetry.cell_setting                     ? 
_symmetry.space_group_name_Hall            ? 
# 
loop_
_entity.id 
_entity.type 
_entity.src_method 
_entity.pdbx_description 
_entity.formula_weight 
_entity.pdbx_number_of_molecules 
_entity.pdbx_ec 
_entity.pdbx_mutation 
_entity.pdbx_fragment 
_entity.details 
1 polymer man 'Ubiquitin carrier protein' 17059.451 1   6.3.2.- ? 'Residues 3-150' ? 
2 water   nat water                       18.015    169 ?       ? ?                ? 
# 
_entity_poly.entity_id                      1 
_entity_poly.type                           'polypeptide(L)' 
_entity_poly.nstd_linkage                   no 
_entity_poly.nstd_monomer                   no 
_entity_poly.pdbx_seq_one_letter_code       
;GIPRRITKETQNLANEPPPGIMAVPVPENYRHFNILINGPDGTPYEGGTYKLELFLPEQYPMEPPKVRFLTKIYHPNIDK
LGRICLDILKDKWSPALQIRTVLLSIQALLSSPEPDDPLDSKVAEHFKQDKNDAEHVARQWNKIYANNN
;
_entity_poly.pdbx_seq_one_letter_code_can   
;GIPRRITKETQNLANEPPPGIMAVPVPENYRHFNILINGPDGTPYEGGTYKLELFLPEQYPMEPPKVRFLTKIYHPNIDK
LGRICLDILKDKWSPALQIRTVLLSIQALLSSPEPDDPLDSKVAEHFKQDKNDAEHVARQWNKIYANNN
;
_entity_poly.pdbx_strand_id                 A 
_entity_poly.pdbx_target_identifier         ? 
# 
loop_
_entity_poly_seq.entity_id 
_entity_poly_seq.num 
_entity_poly_seq.mon_id 
_entity_poly_seq.hetero 
1 1   GLY n 
1 2   ILE n 
1 3   PRO n 
1 4   ARG n 
1 5   ARG n 
1 6   ILE n 
1 7   THR n 
1 8   LYS n 
1 9   GLU n 
1 10  THR n 
1 11  GLN n 
1 12  ASN n 
1 13  LEU n 
1 14  ALA n 
1 15  ASN n 
1 16  GLU n 
1 17  PRO n 
1 18  PRO n 
1 19  PRO n 
1 20  GLY n 
1 21  ILE n 
1 22  MET n 
1 23  ALA n 
1 24  VAL n 
1 25  PRO n 
1 26  VAL n 
1 27  PRO n 
1 28  GLU n 
1 29  ASN n 
1 30  TYR n 
1 31  ARG n 
1 32  HIS n 
1 33  PHE n 
1 34  ASN n 
1 35  ILE n 
1 36  LEU n 
1 37  ILE n 
1 38  ASN n 
1 39  GLY n 
1 40  PRO n 
1 41  ASP n 
1 42  GLY n 
1 43  THR n 
1 44  PRO n 
1 45  TYR n 
1 46  GLU n 
1 47  GLY n 
1 48  GLY n 
1 49  THR n 
1 50  TYR n 
1 51  LYS n 
1 52  LEU n 
1 53  GLU n 
1 54  LEU n 
1 55  PHE n 
1 56  LEU n 
1 57  PRO n 
1 58  GLU n 
1 59  GLN n 
1 60  TYR n 
1 61  PRO n 
1 62  MET n 
1 63  GLU n 
1 64  PRO n 
1 65  PRO n 
1 66  LYS n 
1 67  VAL n 
1 68  ARG n 
1 69  PHE n 
1 70  LEU n 
1 71  THR n 
1 72  LYS n 
1 73  ILE n 
1 74  TYR n 
1 75  HIS n 
1 76  PRO n 
1 77  ASN n 
1 78  ILE n 
1 79  ASP n 
1 80  LYS n 
1 81  LEU n 
1 82  GLY n 
1 83  ARG n 
1 84  ILE n 
1 85  CYS n 
1 86  LEU n 
1 87  ASP n 
1 88  ILE n 
1 89  LEU n 
1 90  LYS n 
1 91  ASP n 
1 92  LYS n 
1 93  TRP n 
1 94  SER n 
1 95  PRO n 
1 96  ALA n 
1 97  LEU n 
1 98  GLN n 
1 99  ILE n 
1 100 ARG n 
1 101 THR n 
1 102 VAL n 
1 103 LEU n 
1 104 LEU n 
1 105 SER n 
1 106 ILE n 
1 107 GLN n 
1 108 ALA n 
1 109 LEU n 
1 110 LEU n 
1 111 SER n 
1 112 SER n 
1 113 PRO n 
1 114 GLU n 
1 115 PRO n 
1 116 ASP n 
1 117 ASP n 
1 118 PRO n 
1 119 LEU n 
1 120 ASP n 
1 121 SER n 
1 122 LYS n 
1 123 VAL n 
1 124 ALA n 
1 125 GLU n 
1 126 HIS n 
1 127 PHE n 
1 128 LYS n 
1 129 GLN n 
1 130 ASP n 
1 131 LYS n 
1 132 ASN n 
1 133 ASP n 
1 134 ALA n 
1 135 GLU n 
1 136 HIS n 
1 137 VAL n 
1 138 ALA n 
1 139 ARG n 
1 140 GLN n 
1 141 TRP n 
1 142 ASN n 
1 143 LYS n 
1 144 ILE n 
1 145 TYR n 
1 146 ALA n 
1 147 ASN n 
1 148 ASN n 
1 149 ASN n 
# 
_entity_src_gen.entity_id                          1 
_entity_src_gen.pdbx_src_id                        1 
_entity_src_gen.pdbx_alt_source_flag               sample 
_entity_src_gen.pdbx_seq_type                      ? 
_entity_src_gen.pdbx_beg_seq_num                   ? 
_entity_src_gen.pdbx_end_seq_num                   ? 
_entity_src_gen.gene_src_common_name               ? 
_entity_src_gen.gene_src_genus                     Plasmodium 
_entity_src_gen.pdbx_gene_src_gene                 PFE1350c 
_entity_src_gen.gene_src_species                   'Plasmodium falciparum' 
_entity_src_gen.gene_src_strain                    3D7 
_entity_src_gen.gene_src_tissue                    ? 
_entity_src_gen.gene_src_tissue_fraction           ? 
_entity_src_gen.gene_src_details                   ? 
_entity_src_gen.pdbx_gene_src_fragment             ? 
_entity_src_gen.pdbx_gene_src_scientific_name      'Plasmodium falciparum' 
_entity_src_gen.pdbx_gene_src_ncbi_taxonomy_id     36329 
_entity_src_gen.pdbx_gene_src_variant              ? 
_entity_src_gen.pdbx_gene_src_cell_line            ? 
_entity_src_gen.pdbx_gene_src_atcc                 ? 
_entity_src_gen.pdbx_gene_src_organ                ? 
_entity_src_gen.pdbx_gene_src_organelle            ? 
_entity_src_gen.pdbx_gene_src_cell                 ? 
_entity_src_gen.pdbx_gene_src_cellular_location    ? 
_entity_src_gen.host_org_common_name               ? 
_entity_src_gen.pdbx_host_org_scientific_name      'Escherichia coli' 
_entity_src_gen.pdbx_host_org_ncbi_taxonomy_id     562 
_entity_src_gen.host_org_genus                     Escherichia 
_entity_src_gen.pdbx_host_org_gene                 ? 
_entity_src_gen.pdbx_host_org_organ                ? 
_entity_src_gen.host_org_species                   ? 
_entity_src_gen.pdbx_host_org_tissue               ? 
_entity_src_gen.pdbx_host_org_tissue_fraction      ? 
_entity_src_gen.pdbx_host_org_strain               DH5a 
_entity_src_gen.pdbx_host_org_variant              ? 
_entity_src_gen.pdbx_host_org_cell_line            ? 
_entity_src_gen.pdbx_host_org_atcc                 ? 
_entity_src_gen.pdbx_host_org_culture_collection   ? 
_entity_src_gen.pdbx_host_org_cell                 ? 
_entity_src_gen.pdbx_host_org_organelle            ? 
_entity_src_gen.pdbx_host_org_cellular_location    ? 
_entity_src_gen.pdbx_host_org_vector_type          Plasmid 
_entity_src_gen.pdbx_host_org_vector               ? 
_entity_src_gen.host_org_details                   ? 
_entity_src_gen.expression_system_id               ? 
_entity_src_gen.plasmid_name                       p15-mhl-LIC 
_entity_src_gen.plasmid_details                    ? 
_entity_src_gen.pdbx_description                   ? 
# 
_struct_ref.id                         1 
_struct_ref.db_name                    UNP 
_struct_ref.db_code                    Q8I3J4_PLAF7 
_struct_ref.pdbx_db_accession          Q8I3J4 
_struct_ref.entity_id                  1 
_struct_ref.pdbx_seq_one_letter_code   
;IPRRITKETQNLANEPPPGIMAVPVPENYRHFNILINGPDGTPYEGGTYKLELFLPEQYPMEPPKVRFLTKIYHPNIDKL
GRICLDILKDKWSPALQIRTVLLSIQALLSSPEPDDPLDSKVAEHFKQDKNDAEHVARQWNKIYANNN
;
_struct_ref.pdbx_align_begin           3 
_struct_ref.pdbx_db_isoform            ? 
# 
_struct_ref_seq.align_id                      1 
_struct_ref_seq.ref_id                        1 
_struct_ref_seq.pdbx_PDB_id_code              2R0J 
_struct_ref_seq.pdbx_strand_id                A 
_struct_ref_seq.seq_align_beg                 2 
_struct_ref_seq.pdbx_seq_align_beg_ins_code   ? 
_struct_ref_seq.seq_align_end                 149 
_struct_ref_seq.pdbx_seq_align_end_ins_code   ? 
_struct_ref_seq.pdbx_db_accession             Q8I3J4 
_struct_ref_seq.db_align_beg                  3 
_struct_ref_seq.pdbx_db_align_beg_ins_code    ? 
_struct_ref_seq.db_align_end                  150 
_struct_ref_seq.pdbx_db_align_end_ins_code    ? 
_struct_ref_seq.pdbx_auth_seq_align_beg       2 
_struct_ref_seq.pdbx_auth_seq_align_end       149 
# 
_struct_ref_seq_dif.align_id                     1 
_struct_ref_seq_dif.pdbx_pdb_id_code             2R0J 
_struct_ref_seq_dif.mon_id                       GLY 
_struct_ref_seq_dif.pdbx_pdb_strand_id           A 
_struct_ref_seq_dif.seq_num                      1 
_struct_ref_seq_dif.pdbx_pdb_ins_code            ? 
_struct_ref_seq_dif.pdbx_seq_db_name             UNP 
_struct_ref_seq_dif.pdbx_seq_db_accession_code   Q8I3J4 
_struct_ref_seq_dif.db_mon_id                    ? 
_struct_ref_seq_dif.pdbx_seq_db_seq_num          ? 
_struct_ref_seq_dif.details                      'expression tag' 
_struct_ref_seq_dif.pdbx_auth_seq_num            1 
_struct_ref_seq_dif.pdbx_ordinal                 1 
# 
loop_
_chem_comp.id 
_chem_comp.type 
_chem_comp.mon_nstd_flag 
_chem_comp.name 
_chem_comp.pdbx_synonyms 
_chem_comp.formula 
_chem_comp.formula_weight 
ALA 'L-peptide linking' y ALANINE         ? 'C3 H7 N O2'     89.093  
ARG 'L-peptide linking' y ARGININE        ? 'C6 H15 N4 O2 1' 175.209 
ASN 'L-peptide linking' y ASPARAGINE      ? 'C4 H8 N2 O3'    132.118 
ASP 'L-peptide linking' y 'ASPARTIC ACID' ? 'C4 H7 N O4'     133.103 
CYS 'L-peptide linking' y CYSTEINE        ? 'C3 H7 N O2 S'   121.158 
GLN 'L-peptide linking' y GLUTAMINE       ? 'C5 H10 N2 O3'   146.144 
GLU 'L-peptide linking' y 'GLUTAMIC ACID' ? 'C5 H9 N O4'     147.129 
GLY 'peptide linking'   y GLYCINE         ? 'C2 H5 N O2'     75.067  
HIS 'L-peptide linking' y HISTIDINE       ? 'C6 H10 N3 O2 1' 156.162 
HOH non-polymer         . WATER           ? 'H2 O'           18.015  
ILE 'L-peptide linking' y ISOLEUCINE      ? 'C6 H13 N O2'    131.173 
LEU 'L-peptide linking' y LEUCINE         ? 'C6 H13 N O2'    131.173 
LYS 'L-peptide linking' y LYSINE          ? 'C6 H15 N2 O2 1' 147.195 
MET 'L-peptide linking' y METHIONINE      ? 'C5 H11 N O2 S'  149.211 
PHE 'L-peptide linking' y PHENYLALANINE   ? 'C9 H11 N O2'    165.189 
PRO 'L-peptide linking' y PROLINE         ? 'C5 H9 N O2'     115.130 
SER 'L-peptide linking' y SERINE          ? 'C3 H7 N O3'     105.093 
THR 'L-peptide linking' y THREONINE       ? 'C4 H9 N O3'     119.119 
TRP 'L-peptide linking' y TRYPTOPHAN      ? 'C11 H12 N2 O2'  204.225 
TYR 'L-peptide linking' y TYROSINE        ? 'C9 H11 N O3'    181.189 
VAL 'L-peptide linking' y VALINE          ? 'C5 H11 N O2'    117.146 
# 
_exptl.crystals_number   1 
_exptl.entry_id          2R0J 
_exptl.method            'X-RAY DIFFRACTION' 
# 
_exptl_crystal.id                    1 
_exptl_crystal.density_Matthews      3.15 
_exptl_crystal.density_meas          ? 
_exptl_crystal.density_percent_sol   60.98 
_exptl_crystal.description           ? 
_exptl_crystal.F_000                 ? 
_exptl_crystal.preparation           ? 
# 
_exptl_crystal_grow.crystal_id      1 
_exptl_crystal_grow.method          'VAPOR DIFFUSION, HANGING DROP' 
_exptl_crystal_grow.pH              6.0 
_exptl_crystal_grow.temp            298 
_exptl_crystal_grow.temp_details    ? 
_exptl_crystal_grow.pdbx_details    '3.5M Sodium formate, 0.1M Bis-Tris pH 6.0, VAPOR DIFFUSION, HANGING DROP, temperature 298K' 
_exptl_crystal_grow.pdbx_pH_range   . 
# 
_diffrn.id                     1 
_diffrn.ambient_temp           100 
_diffrn.ambient_temp_details   ? 
_diffrn.crystal_id             1 
# 
_diffrn_detector.diffrn_id              1 
_diffrn_detector.detector               'IMAGE PLATE' 
_diffrn_detector.type                   'RIGAKU RAXIS IV' 
_diffrn_detector.pdbx_collection_date   2007-06-12 
_diffrn_detector.details                ? 
# 
_diffrn_radiation.diffrn_id                        1 
_diffrn_radiation.wavelength_id                    1 
_diffrn_radiation.pdbx_diffrn_protocol             'SINGLE WAVELENGTH' 
_diffrn_radiation.monochromator                    ? 
_diffrn_radiation.pdbx_monochromatic_or_laue_m_l   M 
_diffrn_radiation.pdbx_scattering_type             x-ray 
# 
_diffrn_radiation_wavelength.id           1 
_diffrn_radiation_wavelength.wavelength   1.5418 
_diffrn_radiation_wavelength.wt           1.0 
# 
_diffrn_source.diffrn_id                   1 
_diffrn_source.source                      'ROTATING ANODE' 
_diffrn_source.type                        'RIGAKU FR-E+ DW' 
_diffrn_source.pdbx_wavelength             ? 
_diffrn_source.pdbx_wavelength_list        1.5418 
_diffrn_source.pdbx_synchrotron_site       ? 
_diffrn_source.pdbx_synchrotron_beamline   ? 
# 
_reflns.entry_id                     2R0J 
_reflns.d_resolution_high            1.850 
_reflns.d_resolution_low             50.000 
_reflns.number_obs                   19224 
_reflns.pdbx_Rmerge_I_obs            0.047 
_reflns.pdbx_netI_over_sigmaI        20.600 
_reflns.pdbx_chi_squared             1.846 
_reflns.pdbx_redundancy              13.800 
_reflns.percent_possible_obs         99.700 
_reflns.observed_criterion_sigma_F   0 
_reflns.observed_criterion_sigma_I   0 
_reflns.number_all                   19224 
_reflns.pdbx_Rsym_value              0.040 
_reflns.B_iso_Wilson_estimate        ? 
_reflns.R_free_details               ? 
_reflns.limit_h_max                  ? 
_reflns.limit_h_min                  ? 
_reflns.limit_k_max                  ? 
_reflns.limit_k_min                  ? 
_reflns.limit_l_max                  ? 
_reflns.limit_l_min                  ? 
_reflns.observed_criterion_F_max     ? 
_reflns.observed_criterion_F_min     ? 
_reflns.pdbx_scaling_rejects         ? 
_reflns.pdbx_ordinal                 1 
_reflns.pdbx_diffrn_id               1 
# 
_reflns_shell.d_res_high             1.85 
_reflns_shell.d_res_low              1.92 
_reflns_shell.number_measured_obs    ? 
_reflns_shell.number_measured_all    ? 
_reflns_shell.number_unique_obs      ? 
_reflns_shell.Rmerge_I_obs           0.567 
_reflns_shell.meanI_over_sigI_obs    1.6 
_reflns_shell.pdbx_Rsym_value        0.627 
_reflns_shell.pdbx_chi_squared       1.357 
_reflns_shell.pdbx_redundancy        13.60 
_reflns_shell.percent_possible_obs   ? 
_reflns_shell.number_unique_all      1860 
_reflns_shell.percent_possible_all   99.40 
_reflns_shell.pdbx_ordinal           1 
_reflns_shell.pdbx_diffrn_id         1 
# 
_refine.entry_id                                 2R0J 
_refine.ls_d_res_high                            1.850 
_refine.ls_d_res_low                             32.99 
_refine.pdbx_ls_sigma_F                          0.00 
_refine.ls_percent_reflns_obs                    99.710 
_refine.ls_number_reflns_obs                     19203 
_refine.pdbx_ls_cross_valid_method               THROUGHOUT 
_refine.pdbx_R_Free_selection_details            RANDOM 
_refine.details                                  'HYDROGENS HAVE BEEN ADDED IN THE RIDING POSITIONS' 
_refine.ls_R_factor_obs                          0.195 
_refine.ls_R_factor_R_work                       0.193 
_refine.ls_R_factor_R_free                       0.231 
_refine.ls_percent_reflns_R_free                 5.100 
_refine.ls_number_reflns_R_free                  985 
_refine.B_iso_mean                               32.088 
_refine.aniso_B[1][1]                            0.090 
_refine.aniso_B[2][2]                            0.090 
_refine.aniso_B[3][3]                            -0.180 
_refine.aniso_B[1][2]                            0.000 
_refine.aniso_B[1][3]                            0.000 
_refine.aniso_B[2][3]                            0.000 
_refine.correlation_coeff_Fo_to_Fc               0.961 
_refine.correlation_coeff_Fo_to_Fc_free          0.949 
_refine.pdbx_overall_ESU_R                       0.118 
_refine.pdbx_overall_ESU_R_Free                  0.119 
_refine.overall_SU_ML                            0.080 
_refine.overall_SU_B                             2.580 
_refine.solvent_model_details                    MASK 
_refine.pdbx_solvent_vdw_probe_radii             1.400 
_refine.pdbx_solvent_ion_probe_radii             0.800 
_refine.pdbx_solvent_shrinkage_radii             0.800 
_refine.pdbx_method_to_determine_struct          'MOLECULAR REPLACEMENT' 
_refine.pdbx_stereochemistry_target_values       'MAXIMUM LIKELIHOOD' 
_refine.pdbx_ls_sigma_I                          ? 
_refine.ls_number_reflns_all                     19203 
_refine.ls_R_factor_all                          0.195 
_refine.ls_redundancy_reflns_obs                 ? 
_refine.pdbx_data_cutoff_high_absF               ? 
_refine.pdbx_data_cutoff_low_absF                ? 
_refine.ls_number_parameters                     ? 
_refine.ls_number_restraints                     ? 
_refine.ls_R_factor_R_free_error                 ? 
_refine.ls_R_factor_R_free_error_details         ? 
_refine.pdbx_starting_model                      'PDB entry 1QCQ' 
_refine.pdbx_stereochem_target_val_spec_case     ? 
_refine.solvent_model_param_bsol                 ? 
_refine.solvent_model_param_ksol                 ? 
_refine.occupancy_max                            ? 
_refine.occupancy_min                            ? 
_refine.pdbx_isotropic_thermal_model             ? 
_refine.B_iso_min                                ? 
_refine.B_iso_max                                ? 
_refine.overall_SU_R_Cruickshank_DPI             ? 
_refine.overall_SU_R_free                        ? 
_refine.pdbx_data_cutoff_high_rms_absF           ? 
_refine.ls_wR_factor_R_free                      ? 
_refine.ls_wR_factor_R_work                      ? 
_refine.overall_FOM_free_R_set                   ? 
_refine.overall_FOM_work_R_set                   ? 
_refine.pdbx_refine_id                           'X-RAY DIFFRACTION' 
_refine.pdbx_overall_phase_error                 ? 
_refine.pdbx_diffrn_id                           1 
_refine.pdbx_TLS_residual_ADP_flag               ? 
_refine.pdbx_overall_SU_R_free_Cruickshank_DPI   ? 
_refine.pdbx_overall_SU_R_Blow_DPI               ? 
_refine.pdbx_overall_SU_R_free_Blow_DPI          ? 
# 
_refine_hist.pdbx_refine_id                   'X-RAY DIFFRACTION' 
_refine_hist.cycle_id                         LAST 
_refine_hist.pdbx_number_atoms_protein        1185 
_refine_hist.pdbx_number_atoms_nucleic_acid   0 
_refine_hist.pdbx_number_atoms_ligand         0 
_refine_hist.number_atoms_solvent             169 
_refine_hist.number_atoms_total               1354 
_refine_hist.d_res_high                       1.850 
_refine_hist.d_res_low                        32.99 
# 
loop_
_refine_ls_restr.type 
_refine_ls_restr.number 
_refine_ls_restr.dev_ideal 
_refine_ls_restr.dev_ideal_target 
_refine_ls_restr.weight 
_refine_ls_restr.pdbx_refine_id 
_refine_ls_restr.pdbx_restraint_function 
r_bond_refined_d         1219 0.033  0.022  ? 'X-RAY DIFFRACTION' ? 
r_angle_refined_deg      1663 2.313  1.987  ? 'X-RAY DIFFRACTION' ? 
r_dihedral_angle_1_deg   146  6.632  5.000  ? 'X-RAY DIFFRACTION' ? 
r_dihedral_angle_2_deg   57   43.584 25.088 ? 'X-RAY DIFFRACTION' ? 
r_dihedral_angle_3_deg   207  14.685 15.000 ? 'X-RAY DIFFRACTION' ? 
r_dihedral_angle_4_deg   6    16.987 15.000 ? 'X-RAY DIFFRACTION' ? 
r_chiral_restr           180  0.191  0.200  ? 'X-RAY DIFFRACTION' ? 
r_gen_planes_refined     942  0.013  0.020  ? 'X-RAY DIFFRACTION' ? 
r_nbd_refined            582  0.221  0.200  ? 'X-RAY DIFFRACTION' ? 
r_nbtor_refined          819  0.313  0.200  ? 'X-RAY DIFFRACTION' ? 
r_xyhbond_nbd_refined    132  0.216  0.200  ? 'X-RAY DIFFRACTION' ? 
r_symmetry_vdw_refined   49   0.193  0.200  ? 'X-RAY DIFFRACTION' ? 
r_symmetry_hbond_refined 16   0.321  0.200  ? 'X-RAY DIFFRACTION' ? 
r_mcbond_it              786  2.081  1.500  ? 'X-RAY DIFFRACTION' ? 
r_mcangle_it             1221 2.790  2.000  ? 'X-RAY DIFFRACTION' ? 
r_scbond_it              522  4.365  3.000  ? 'X-RAY DIFFRACTION' ? 
r_scangle_it             442  6.202  4.500  ? 'X-RAY DIFFRACTION' ? 
# 
_refine_ls_shell.d_res_high                       1.850 
_refine_ls_shell.d_res_low                        1.898 
_refine_ls_shell.pdbx_total_number_of_bins_used   20 
_refine_ls_shell.percent_reflns_obs               99.220 
_refine_ls_shell.number_reflns_R_work             1327 
_refine_ls_shell.R_factor_all                     ? 
_refine_ls_shell.R_factor_R_work                  0.268 
_refine_ls_shell.R_factor_R_free                  0.364 
_refine_ls_shell.percent_reflns_R_free            ? 
_refine_ls_shell.number_reflns_R_free             73 
_refine_ls_shell.R_factor_R_free_error            ? 
_refine_ls_shell.number_reflns_all                1400 
_refine_ls_shell.number_reflns_obs                ? 
_refine_ls_shell.redundancy_reflns_obs            ? 
_refine_ls_shell.pdbx_refine_id                   'X-RAY DIFFRACTION' 
# 
_struct.entry_id                  2R0J 
_struct.title                     
'Crystal structure of the putative ubiquitin conjugating enzyme, PFE1350c, from Plasmodium falciparum' 
_struct.pdbx_model_details        ? 
_struct.pdbx_CASP_flag            N 
_struct.pdbx_model_type_details   ? 
# 
_struct_keywords.entry_id        2R0J 
_struct_keywords.pdbx_keywords   LIGASE 
_struct_keywords.text            
;ubiquitin conjugating, malaria, Plasmodium falciparum, Ligase, Ubl conjugation pathway, Structural Genomics, Structural Genomics Consortium, SGC
;
# 
loop_
_struct_asym.id 
_struct_asym.pdbx_blank_PDB_chainid_flag 
_struct_asym.pdbx_modified 
_struct_asym.entity_id 
_struct_asym.details 
A N N 1 ? 
B N N 2 ? 
# 
_struct_biol.id        1 
_struct_biol.details   ? 
# 
loop_
_struct_conf.conf_type_id 
_struct_conf.id 
_struct_conf.pdbx_PDB_helix_id 
_struct_conf.beg_label_comp_id 
_struct_conf.beg_label_asym_id 
_struct_conf.beg_label_seq_id 
_struct_conf.pdbx_beg_PDB_ins_code 
_struct_conf.end_label_comp_id 
_struct_conf.end_label_asym_id 
_struct_conf.end_label_seq_id 
_struct_conf.pdbx_end_PDB_ins_code 
_struct_conf.beg_auth_comp_id 
_struct_conf.beg_auth_asym_id 
_struct_conf.beg_auth_seq_id 
_struct_conf.end_auth_comp_id 
_struct_conf.end_auth_asym_id 
_struct_conf.end_auth_seq_id 
_struct_conf.pdbx_PDB_helix_class 
_struct_conf.details 
_struct_conf.pdbx_PDB_helix_length 
HELX_P HELX_P1 1 PRO A 3   ? GLU A 16  ? PRO A 3   GLU A 16  1 ? 14 
HELX_P HELX_P2 2 LEU A 86  ? LYS A 90  ? LEU A 86  LYS A 90  5 ? 5  
HELX_P HELX_P3 3 GLN A 98  ? SER A 112 ? GLN A 98  SER A 112 1 ? 15 
HELX_P HELX_P4 4 SER A 121 ? ASP A 130 ? SER A 121 ASP A 130 1 ? 10 
HELX_P HELX_P5 5 ASP A 130 ? ALA A 146 ? ASP A 130 ALA A 146 1 ? 17 
# 
_struct_conf_type.id          HELX_P 
_struct_conf_type.criteria    ? 
_struct_conf_type.reference   ? 
# 
_struct_mon_prot_cis.pdbx_id                1 
_struct_mon_prot_cis.label_comp_id          TYR 
_struct_mon_prot_cis.label_seq_id           60 
_struct_mon_prot_cis.label_asym_id          A 
_struct_mon_prot_cis.label_alt_id           . 
_struct_mon_prot_cis.pdbx_PDB_ins_code      ? 
_struct_mon_prot_cis.auth_comp_id           TYR 
_struct_mon_prot_cis.auth_seq_id            60 
_struct_mon_prot_cis.auth_asym_id           A 
_struct_mon_prot_cis.pdbx_label_comp_id_2   PRO 
_struct_mon_prot_cis.pdbx_label_seq_id_2    61 
_struct_mon_prot_cis.pdbx_label_asym_id_2   A 
_struct_mon_prot_cis.pdbx_PDB_ins_code_2    ? 
_struct_mon_prot_cis.pdbx_auth_comp_id_2    PRO 
_struct_mon_prot_cis.pdbx_auth_seq_id_2     61 
_struct_mon_prot_cis.pdbx_auth_asym_id_2    A 
_struct_mon_prot_cis.pdbx_PDB_model_num     1 
_struct_mon_prot_cis.pdbx_omega_angle       5.56 
# 
_struct_sheet.id               A 
_struct_sheet.type             ? 
_struct_sheet.number_strands   4 
_struct_sheet.details          ? 
# 
loop_
_struct_sheet_order.sheet_id 
_struct_sheet_order.range_id_1 
_struct_sheet_order.range_id_2 
_struct_sheet_order.offset 
_struct_sheet_order.sense 
A 1 2 ? anti-parallel 
A 2 3 ? anti-parallel 
A 3 4 ? anti-parallel 
# 
loop_
_struct_sheet_range.sheet_id 
_struct_sheet_range.id 
_struct_sheet_range.beg_label_comp_id 
_struct_sheet_range.beg_label_asym_id 
_struct_sheet_range.beg_label_seq_id 
_struct_sheet_range.pdbx_beg_PDB_ins_code 
_struct_sheet_range.end_label_comp_id 
_struct_sheet_range.end_label_asym_id 
_struct_sheet_range.end_label_seq_id 
_struct_sheet_range.pdbx_end_PDB_ins_code 
_struct_sheet_range.beg_auth_comp_id 
_struct_sheet_range.beg_auth_asym_id 
_struct_sheet_range.beg_auth_seq_id 
_struct_sheet_range.end_auth_comp_id 
_struct_sheet_range.end_auth_asym_id 
_struct_sheet_range.end_auth_seq_id 
A 1 ILE A 21 ? VAL A 26 ? ILE A 21 VAL A 26 
A 2 ASN A 29 ? ASN A 38 ? ASN A 29 ASN A 38 
A 3 THR A 49 ? PHE A 55 ? THR A 49 PHE A 55 
A 4 LYS A 66 ? PHE A 69 ? LYS A 66 PHE A 69 
# 
loop_
_pdbx_struct_sheet_hbond.sheet_id 
_pdbx_struct_sheet_hbond.range_id_1 
_pdbx_struct_sheet_hbond.range_id_2 
_pdbx_struct_sheet_hbond.range_1_label_atom_id 
_pdbx_struct_sheet_hbond.range_1_label_comp_id 
_pdbx_struct_sheet_hbond.range_1_label_asym_id 
_pdbx_struct_sheet_hbond.range_1_label_seq_id 
_pdbx_struct_sheet_hbond.range_1_PDB_ins_code 
_pdbx_struct_sheet_hbond.range_1_auth_atom_id 
_pdbx_struct_sheet_hbond.range_1_auth_comp_id 
_pdbx_struct_sheet_hbond.range_1_auth_asym_id 
_pdbx_struct_sheet_hbond.range_1_auth_seq_id 
_pdbx_struct_sheet_hbond.range_2_label_atom_id 
_pdbx_struct_sheet_hbond.range_2_label_comp_id 
_pdbx_struct_sheet_hbond.range_2_label_asym_id 
_pdbx_struct_sheet_hbond.range_2_label_seq_id 
_pdbx_struct_sheet_hbond.range_2_PDB_ins_code 
_pdbx_struct_sheet_hbond.range_2_auth_atom_id 
_pdbx_struct_sheet_hbond.range_2_auth_comp_id 
_pdbx_struct_sheet_hbond.range_2_auth_asym_id 
_pdbx_struct_sheet_hbond.range_2_auth_seq_id 
A 1 2 N VAL A 26 ? N VAL A 26 O HIS A 32 ? O HIS A 32 
A 2 3 N ILE A 37 ? N ILE A 37 O TYR A 50 ? O TYR A 50 
A 3 4 N PHE A 55 ? N PHE A 55 O LYS A 66 ? O LYS A 66 
# 
_atom_sites.entry_id                    2R0J 
_atom_sites.fract_transf_matrix[1][1]   -0.00266798 
_atom_sites.fract_transf_matrix[1][2]   0.01217163 
_atom_sites.fract_transf_matrix[1][3]   -0.00534854 
_atom_sites.fract_transf_matrix[2][1]   -0.01281369 
_atom_sites.fract_transf_matrix[2][2]   -0.00380861 
_atom_sites.fract_transf_matrix[2][3]   -0.00227543 
_atom_sites.fract_transf_matrix[3][1]   -0.00330421 
_atom_sites.fract_transf_matrix[3][2]   0.00429393 
_atom_sites.fract_transf_matrix[3][3]   0.01141989 
_atom_sites.fract_transf_vector[1]      0.234525 
_atom_sites.fract_transf_vector[2]      0.521668 
_atom_sites.fract_transf_vector[3]      0.265995 
# 
loop_
_atom_type.symbol 
C 
N 
O 
S 
# 
loop_
_atom_site.group_PDB 
_atom_site.id 
_atom_site.type_symbol 
_atom_site.label_atom_id 
_atom_site.label_alt_id 
_atom_site.label_comp_id 
_atom_site.label_asym_id 
_atom_site.label_entity_id 
_atom_site.label_seq_id 
_atom_site.pdbx_PDB_ins_code 
_atom_site.Cartn_x 
_atom_site.Cartn_y 
_atom_site.Cartn_z 
_atom_site.occupancy 
_atom_site.B_iso_or_equiv 
_atom_site.pdbx_formal_charge 
_atom_site.auth_seq_id 
_atom_site.auth_comp_id 
_atom_site.auth_asym_id 
_atom_site.auth_atom_id 
_atom_site.pdbx_PDB_model_num 
ATOM   1    N N   . ILE A 1 2   ? 1.869   25.717  -1.123  1.00 46.15 ? 2   ILE A N   1 
ATOM   2    C CA  . ILE A 1 2   ? 1.931   24.326  -0.528  1.00 44.02 ? 2   ILE A CA  1 
ATOM   3    C C   . ILE A 1 2   ? 1.860   24.384  1.004   1.00 42.76 ? 2   ILE A C   1 
ATOM   4    O O   . ILE A 1 2   ? 2.641   25.125  1.607   1.00 44.09 ? 2   ILE A O   1 
ATOM   5    C CB  . ILE A 1 2   ? 3.197   23.550  -0.895  1.00 43.57 ? 2   ILE A CB  1 
ATOM   6    C CG1 . ILE A 1 2   ? 3.375   23.396  -2.390  1.00 44.72 ? 2   ILE A CG1 1 
ATOM   7    C CG2 . ILE A 1 2   ? 3.140   22.151  -0.232  1.00 40.88 ? 2   ILE A CG2 1 
ATOM   8    C CD1 . ILE A 1 2   ? 4.429   22.249  -2.831  1.00 46.94 ? 2   ILE A CD1 1 
ATOM   9    N N   . PRO A 1 3   ? 0.908   23.648  1.634   1.00 42.00 ? 3   PRO A N   1 
ATOM   10   C CA  . PRO A 1 3   ? 0.913   23.571  3.111   1.00 40.54 ? 3   PRO A CA  1 
ATOM   11   C C   . PRO A 1 3   ? 2.238   23.149  3.678   1.00 40.71 ? 3   PRO A C   1 
ATOM   12   O O   . PRO A 1 3   ? 2.983   22.312  3.084   1.00 38.53 ? 3   PRO A O   1 
ATOM   13   C CB  . PRO A 1 3   ? -0.241  22.623  3.437   1.00 40.55 ? 3   PRO A CB  1 
ATOM   14   C CG  . PRO A 1 3   ? -1.166  22.783  2.232   1.00 40.34 ? 3   PRO A CG  1 
ATOM   15   C CD  . PRO A 1 3   ? -0.282  22.966  1.058   1.00 39.85 ? 3   PRO A CD  1 
ATOM   16   N N   . ARG A 1 4   ? 2.626   23.829  4.777   1.00 37.77 ? 4   ARG A N   1 
ATOM   17   C CA  . ARG A 1 4   ? 3.932   23.544  5.312   1.00 37.99 ? 4   ARG A CA  1 
ATOM   18   C C   . ARG A 1 4   ? 4.023   22.023  5.704   1.00 32.75 ? 4   ARG A C   1 
ATOM   19   O O   . ARG A 1 4   ? 5.074   21.431  5.550   1.00 35.60 ? 4   ARG A O   1 
ATOM   20   C CB  . ARG A 1 4   ? 4.235   24.440  6.495   1.00 38.58 ? 4   ARG A CB  1 
ATOM   21   C CG  . ARG A 1 4   ? 3.054   24.591  7.447   1.00 40.69 ? 4   ARG A CG  1 
ATOM   22   C CD  . ARG A 1 4   ? 3.396   25.558  8.648   1.00 43.85 ? 4   ARG A CD  1 
ATOM   23   N NE  . ARG A 1 4   ? 4.170   24.835  9.694   1.00 53.08 ? 4   ARG A NE  1 
ATOM   24   C CZ  . ARG A 1 4   ? 3.645   24.203  10.773  1.00 56.32 ? 4   ARG A CZ  1 
ATOM   25   N NH1 . ARG A 1 4   ? 2.321   24.200  11.014  1.00 57.43 ? 4   ARG A NH1 1 
ATOM   26   N NH2 . ARG A 1 4   ? 4.445   23.567  11.633  1.00 57.14 ? 4   ARG A NH2 1 
ATOM   27   N N   . ARG A 1 5   ? 2.987   21.455  6.252   1.00 32.90 ? 5   ARG A N   1 
ATOM   28   C CA  . ARG A 1 5   ? 3.042   20.012  6.615   1.00 33.41 ? 5   ARG A CA  1 
ATOM   29   C C   . ARG A 1 5   ? 3.365   19.128  5.382   1.00 32.46 ? 5   ARG A C   1 
ATOM   30   O O   . ARG A 1 5   ? 4.128   18.162  5.507   1.00 31.16 ? 5   ARG A O   1 
ATOM   31   C CB  . ARG A 1 5   ? 1.744   19.514  7.221   1.00 34.65 ? 5   ARG A CB  1 
ATOM   32   C CG  . ARG A 1 5   ? 1.717   18.004  7.371   1.00 34.87 ? 5   ARG A CG  1 
ATOM   33   C CD  . ARG A 1 5   ? 0.663   17.589  8.348   1.00 33.46 ? 5   ARG A CD  1 
ATOM   34   N NE  . ARG A 1 5   ? 0.394   16.133  8.298   1.00 32.89 ? 5   ARG A NE  1 
ATOM   35   C CZ  . ARG A 1 5   ? -0.335  15.430  9.176   1.00 34.24 ? 5   ARG A CZ  1 
ATOM   36   N NH1 . ARG A 1 5   ? -0.806  15.991  10.294  1.00 34.66 ? 5   ARG A NH1 1 
ATOM   37   N NH2 . ARG A 1 5   ? -0.565  14.119  8.949   1.00 30.02 ? 5   ARG A NH2 1 
ATOM   38   N N   . ILE A 1 6   ? 2.797   19.476  4.216   1.00 31.85 ? 6   ILE A N   1 
ATOM   39   C CA  . ILE A 1 6   ? 3.011   18.639  3.045   1.00 32.31 ? 6   ILE A CA  1 
ATOM   40   C C   . ILE A 1 6   ? 4.451   18.756  2.579   1.00 33.13 ? 6   ILE A C   1 
ATOM   41   O O   . ILE A 1 6   ? 5.061   17.776  2.205   1.00 31.85 ? 6   ILE A O   1 
ATOM   42   C CB  . ILE A 1 6   ? 1.913   18.932  1.930   1.00 31.28 ? 6   ILE A CB  1 
ATOM   43   C CG1 . ILE A 1 6   ? 0.551   18.517  2.495   1.00 30.98 ? 6   ILE A CG1 1 
ATOM   44   C CG2 . ILE A 1 6   ? 2.360   18.293  0.538   1.00 30.67 ? 6   ILE A CG2 1 
ATOM   45   C CD1 . ILE A 1 6   ? -0.637  18.822  1.607   1.00 33.50 ? 6   ILE A CD1 1 
ATOM   46   N N   . THR A 1 7   ? 5.016   20.000  2.605   1.00 31.08 ? 7   THR A N   1 
ATOM   47   C CA  . THR A 1 7   ? 6.402   20.168  2.307   1.00 31.92 ? 7   THR A CA  1 
ATOM   48   C C   . THR A 1 7   ? 7.283   19.313  3.184   1.00 29.31 ? 7   THR A C   1 
ATOM   49   O O   . THR A 1 7   ? 8.183   18.653  2.658   1.00 30.43 ? 7   THR A O   1 
ATOM   50   C CB  . THR A 1 7   ? 6.819   21.709  2.425   1.00 31.04 ? 7   THR A CB  1 
ATOM   51   O OG1 . THR A 1 7   ? 6.046   22.388  1.416   1.00 35.47 ? 7   THR A OG1 1 
ATOM   52   C CG2 . THR A 1 7   ? 8.282   21.825  2.086   1.00 35.66 ? 7   THR A CG2 1 
ATOM   53   N N   . LYS A 1 8   ? 7.009   19.346  4.488   1.00 32.23 ? 8   LYS A N   1 
ATOM   54   C CA  . LYS A 1 8   ? 7.770   18.596  5.505   1.00 33.93 ? 8   LYS A CA  1 
ATOM   55   C C   . LYS A 1 8   ? 7.748   17.073  5.193   1.00 30.50 ? 8   LYS A C   1 
ATOM   56   O O   . LYS A 1 8   ? 8.799   16.387  5.054   1.00 29.12 ? 8   LYS A O   1 
ATOM   57   C CB  . LYS A 1 8   ? 7.165   18.918  6.890   1.00 34.71 ? 8   LYS A CB  1 
ATOM   58   C CG  . LYS A 1 8   ? 7.884   18.323  8.162   1.00 38.35 ? 8   LYS A CG  1 
ATOM   59   C CD  . LYS A 1 8   ? 7.553   19.233  9.452   1.00 41.71 ? 8   LYS A CD  1 
ATOM   60   C CE  . LYS A 1 8   ? 8.214   18.767  10.809  1.00 46.75 ? 8   LYS A CE  1 
ATOM   61   N NZ  . LYS A 1 8   ? 9.181   17.664  10.560  1.00 52.24 ? 8   LYS A NZ  1 
ATOM   62   N N   . GLU A 1 9   ? 6.531   16.585  5.019   1.00 29.84 ? 9   GLU A N   1 
ATOM   63   C CA  . GLU A 1 9   ? 6.322   15.141  4.678   1.00 29.53 ? 9   GLU A CA  1 
ATOM   64   C C   . GLU A 1 9   ? 7.029   14.748  3.368   1.00 28.70 ? 9   GLU A C   1 
ATOM   65   O O   . GLU A 1 9   ? 7.679   13.720  3.279   1.00 26.62 ? 9   GLU A O   1 
ATOM   66   C CB  . GLU A 1 9   ? 4.861   14.802  4.655   1.00 27.20 ? 9   GLU A CB  1 
ATOM   67   C CG  . GLU A 1 9   ? 4.108   15.070  5.923   1.00 28.20 ? 9   GLU A CG  1 
ATOM   68   C CD  . GLU A 1 9   ? 2.844   14.253  6.027   1.00 32.68 ? 9   GLU A CD  1 
ATOM   69   O OE1 . GLU A 1 9   ? 2.899   12.978  6.080   1.00 31.49 ? 9   GLU A OE1 1 
ATOM   70   O OE2 . GLU A 1 9   ? 1.788   14.866  6.091   1.00 32.38 ? 9   GLU A OE2 1 
ATOM   71   N N   . THR A 1 10  ? 6.935   15.606  2.371   1.00 28.98 ? 10  THR A N   1 
ATOM   72   C CA  . THR A 1 10  ? 7.496   15.327  1.087   1.00 28.36 ? 10  THR A CA  1 
ATOM   73   C C   . THR A 1 10  ? 9.009   15.197  1.156   1.00 30.63 ? 10  THR A C   1 
ATOM   74   O O   . THR A 1 10  ? 9.590   14.272  0.681   1.00 29.50 ? 10  THR A O   1 
ATOM   75   C CB  . THR A 1 10  ? 7.023   16.416  0.073   1.00 28.16 ? 10  THR A CB  1 
ATOM   76   O OG1 . THR A 1 10  ? 5.567   16.372  0.022   1.00 29.55 ? 10  THR A OG1 1 
ATOM   77   C CG2 . THR A 1 10  ? 7.582   16.077  -1.229  1.00 31.45 ? 10  THR A CG2 1 
ATOM   78   N N   . GLN A 1 11  ? 9.637   16.193  1.792   1.00 31.59 ? 11  GLN A N   1 
ATOM   79   C CA  . GLN A 1 11  ? 11.076  16.162  2.031   1.00 33.29 ? 11  GLN A CA  1 
ATOM   80   C C   . GLN A 1 11  ? 11.579  14.976  2.815   1.00 28.96 ? 11  GLN A C   1 
ATOM   81   O O   . GLN A 1 11  ? 12.654  14.412  2.424   1.00 33.52 ? 11  GLN A O   1 
ATOM   82   C CB  . GLN A 1 11  ? 11.517  17.482  2.696   1.00 32.15 ? 11  GLN A CB  1 
ATOM   83   C CG  . GLN A 1 11  ? 11.415  18.646  1.670   1.00 37.15 ? 11  GLN A CG  1 
ATOM   84   C CD  . GLN A 1 11  ? 11.674  20.059  2.345   1.00 41.69 ? 11  GLN A CD  1 
ATOM   85   O OE1 . GLN A 1 11  ? 12.077  20.127  3.520   1.00 46.40 ? 11  GLN A OE1 1 
ATOM   86   N NE2 . GLN A 1 11  ? 11.406  21.165  1.592   1.00 48.35 ? 11  GLN A NE2 1 
ATOM   87   N N   . ASN A 1 12  ? 10.871  14.628  3.896   1.00 29.50 ? 12  ASN A N   1 
ATOM   88   C CA  . ASN A 1 12  ? 11.255  13.484  4.739   1.00 30.35 ? 12  ASN A CA  1 
ATOM   89   C C   . ASN A 1 12  ? 11.210  12.176  3.897   1.00 29.52 ? 12  ASN A C   1 
ATOM   90   O O   . ASN A 1 12  ? 12.111  11.378  3.951   1.00 29.78 ? 12  ASN A O   1 
ATOM   91   C CB  . ASN A 1 12  ? 10.324  13.326  5.929   1.00 30.09 ? 12  ASN A CB  1 
ATOM   92   C CG  . ASN A 1 12  ? 10.627  12.052  6.755   1.00 37.46 ? 12  ASN A CG  1 
ATOM   93   O OD1 . ASN A 1 12  ? 11.744  11.884  7.311   1.00 41.19 ? 12  ASN A OD1 1 
ATOM   94   N ND2 . ASN A 1 12  ? 9.674   11.124  6.788   1.00 29.39 ? 12  ASN A ND2 1 
ATOM   95   N N   . LEU A 1 13  ? 10.150  12.004  3.095   1.00 28.54 ? 13  LEU A N   1 
ATOM   96   C CA  . LEU A 1 13  ? 10.036  10.785  2.286   1.00 28.30 ? 13  LEU A CA  1 
ATOM   97   C C   . LEU A 1 13  ? 11.057  10.745  1.224   1.00 28.92 ? 13  LEU A C   1 
ATOM   98   O O   . LEU A 1 13  ? 11.522  9.689   0.884   1.00 32.22 ? 13  LEU A O   1 
ATOM   99   C CB  . LEU A 1 13  ? 8.589   10.717  1.654   1.00 26.74 ? 13  LEU A CB  1 
ATOM   100  C CG  . LEU A 1 13  ? 7.502   10.372  2.697   1.00 27.13 ? 13  LEU A CG  1 
ATOM   101  C CD1 . LEU A 1 13  ? 6.070   10.658  2.108   1.00 29.04 ? 13  LEU A CD1 1 
ATOM   102  C CD2 . LEU A 1 13  ? 7.611   8.920   3.217   1.00 30.02 ? 13  LEU A CD2 1 
ATOM   103  N N   . ALA A 1 14  ? 11.446  11.905  0.680   1.00 31.31 ? 14  ALA A N   1 
ATOM   104  C CA  . ALA A 1 14  ? 12.432  11.933  -0.384  1.00 33.88 ? 14  ALA A CA  1 
ATOM   105  C C   . ALA A 1 14  ? 13.874  11.720  0.121   1.00 35.70 ? 14  ALA A C   1 
ATOM   106  O O   . ALA A 1 14  ? 14.667  10.994  -0.488  1.00 36.30 ? 14  ALA A O   1 
ATOM   107  C CB  . ALA A 1 14  ? 12.358  13.254  -1.131  1.00 33.50 ? 14  ALA A CB  1 
ATOM   108  N N   . ASN A 1 15  ? 14.145  12.324  1.256   1.00 37.34 ? 15  ASN A N   1 
ATOM   109  C CA  . ASN A 1 15  ? 15.487  12.326  1.867   1.00 38.75 ? 15  ASN A CA  1 
ATOM   110  C C   . ASN A 1 15  ? 15.815  11.176  2.802   1.00 39.34 ? 15  ASN A C   1 
ATOM   111  O O   . ASN A 1 15  ? 16.982  10.795  2.900   1.00 40.88 ? 15  ASN A O   1 
ATOM   112  C CB  . ASN A 1 15  ? 15.653  13.597  2.704   1.00 39.66 ? 15  ASN A CB  1 
ATOM   113  C CG  . ASN A 1 15  ? 15.672  14.865  1.865   1.00 41.96 ? 15  ASN A CG  1 
ATOM   114  O OD1 . ASN A 1 15  ? 15.808  14.846  0.654   1.00 44.25 ? 15  ASN A OD1 1 
ATOM   115  N ND2 . ASN A 1 15  ? 15.477  15.974  2.543   1.00 47.00 ? 15  ASN A ND2 1 
ATOM   116  N N   . GLU A 1 16  ? 14.810  10.645  3.487   1.00 36.67 ? 16  GLU A N   1 
ATOM   117  C CA  . GLU A 1 16  ? 14.988  9.585   4.466   1.00 37.21 ? 16  GLU A CA  1 
ATOM   118  C C   . GLU A 1 16  ? 13.882  8.521   4.226   1.00 33.46 ? 16  GLU A C   1 
ATOM   119  O O   . GLU A 1 16  ? 13.137  8.227   5.139   1.00 31.20 ? 16  GLU A O   1 
ATOM   120  C CB  . GLU A 1 16  ? 14.827  10.177  5.865   1.00 37.55 ? 16  GLU A CB  1 
ATOM   121  C CG  . GLU A 1 16  ? 15.788  11.345  6.214   1.00 43.23 ? 16  GLU A CG  1 
ATOM   122  C CD  . GLU A 1 16  ? 17.320  10.968  6.266   1.00 51.60 ? 16  GLU A CD  1 
ATOM   123  O OE1 . GLU A 1 16  ? 17.741  9.789   6.077   1.00 53.04 ? 16  GLU A OE1 1 
ATOM   124  O OE2 . GLU A 1 16  ? 18.123  11.896  6.503   1.00 55.17 ? 16  GLU A OE2 1 
ATOM   125  N N   . PRO A 1 17  ? 13.783  7.986   2.986   1.00 34.16 ? 17  PRO A N   1 
ATOM   126  C CA  . PRO A 1 17  ? 12.670  7.024   2.798   1.00 32.82 ? 17  PRO A CA  1 
ATOM   127  C C   . PRO A 1 17  ? 12.853  5.770   3.677   1.00 30.21 ? 17  PRO A C   1 
ATOM   128  O O   . PRO A 1 17  ? 14.011  5.324   3.916   1.00 28.65 ? 17  PRO A O   1 
ATOM   129  C CB  . PRO A 1 17  ? 12.821  6.584   1.318   1.00 33.14 ? 17  PRO A CB  1 
ATOM   130  C CG  . PRO A 1 17  ? 14.150  6.896   0.927   1.00 34.88 ? 17  PRO A CG  1 
ATOM   131  C CD  . PRO A 1 17  ? 14.559  8.142   1.731   1.00 33.41 ? 17  PRO A CD  1 
ATOM   132  N N   . PRO A 1 18  ? 11.737  5.137   4.048   1.00 29.03 ? 18  PRO A N   1 
ATOM   133  C CA  . PRO A 1 18  ? 11.917  3.859   4.708   1.00 28.69 ? 18  PRO A CA  1 
ATOM   134  C C   . PRO A 1 18  ? 12.545  2.868   3.770   1.00 27.10 ? 18  PRO A C   1 
ATOM   135  O O   . PRO A 1 18  ? 12.320  2.965   2.596   1.00 27.48 ? 18  PRO A O   1 
ATOM   136  C CB  . PRO A 1 18  ? 10.491  3.473   5.092   1.00 27.55 ? 18  PRO A CB  1 
ATOM   137  C CG  . PRO A 1 18  ? 9.740   4.710   5.030   1.00 31.34 ? 18  PRO A CG  1 
ATOM   138  C CD  . PRO A 1 18  ? 10.289  5.514   3.992   1.00 28.01 ? 18  PRO A CD  1 
ATOM   139  N N   . PRO A 1 19  ? 13.377  1.909   4.264   1.00 27.29 ? 19  PRO A N   1 
ATOM   140  C CA  . PRO A 1 19  ? 13.853  0.899   3.396   1.00 27.88 ? 19  PRO A CA  1 
ATOM   141  C C   . PRO A 1 19  ? 12.701  0.202   2.616   1.00 26.57 ? 19  PRO A C   1 
ATOM   142  O O   . PRO A 1 19  ? 11.724  -0.169  3.253   1.00 27.11 ? 19  PRO A O   1 
ATOM   143  C CB  . PRO A 1 19  ? 14.437  -0.131  4.359   1.00 29.46 ? 19  PRO A CB  1 
ATOM   144  C CG  . PRO A 1 19  ? 14.829  0.680   5.589   1.00 30.02 ? 19  PRO A CG  1 
ATOM   145  C CD  . PRO A 1 19  ? 13.867  1.764   5.657   1.00 29.96 ? 19  PRO A CD  1 
ATOM   146  N N   . GLY A 1 20  ? 12.929  0.017   1.313   1.00 26.98 ? 20  GLY A N   1 
ATOM   147  C CA  . GLY A 1 20  ? 11.983  -0.748  0.477   1.00 27.18 ? 20  GLY A CA  1 
ATOM   148  C C   . GLY A 1 20  ? 10.846  0.156   0.007   1.00 27.07 ? 20  GLY A C   1 
ATOM   149  O O   . GLY A 1 20  ? 9.929   -0.354  -0.689  1.00 28.31 ? 20  GLY A O   1 
ATOM   150  N N   . ILE A 1 21  ? 10.815  1.432   0.425   1.00 24.39 ? 21  ILE A N   1 
ATOM   151  C CA  . ILE A 1 21  ? 9.701   2.350   -0.013  1.00 23.43 ? 21  ILE A CA  1 
ATOM   152  C C   . ILE A 1 21  ? 10.240  3.588   -0.722  1.00 27.76 ? 21  ILE A C   1 
ATOM   153  O O   . ILE A 1 21  ? 11.246  4.187   -0.234  1.00 25.58 ? 21  ILE A O   1 
ATOM   154  C CB  . ILE A 1 21  ? 8.872   2.776   1.195   1.00 25.02 ? 21  ILE A CB  1 
ATOM   155  C CG1 . ILE A 1 21  ? 8.350   1.520   1.942   1.00 24.25 ? 21  ILE A CG1 1 
ATOM   156  C CG2 . ILE A 1 21  ? 7.757   3.857   0.784   1.00 22.88 ? 21  ILE A CG2 1 
ATOM   157  C CD1 . ILE A 1 21  ? 7.582   1.874   3.154   1.00 27.26 ? 21  ILE A CD1 1 
ATOM   158  N N   . MET A 1 22  ? 9.671   3.935   -1.864  1.00 24.35 ? 22  MET A N   1 
ATOM   159  C CA  . MET A 1 22  ? 9.979   5.243   -2.462  1.00 28.76 ? 22  MET A CA  1 
ATOM   160  C C   . MET A 1 22  ? 8.667   5.960   -2.676  1.00 26.47 ? 22  MET A C   1 
ATOM   161  O O   . MET A 1 22  ? 7.678   5.334   -3.033  1.00 26.41 ? 22  MET A O   1 
ATOM   162  C CB  . MET A 1 22  ? 10.667  5.040   -3.798  1.00 27.22 ? 22  MET A CB  1 
ATOM   163  C CG  . MET A 1 22  ? 12.036  4.420   -3.642  1.00 35.01 ? 22  MET A CG  1 
ATOM   164  S SD  . MET A 1 22  ? 12.999  4.612   -5.238  1.00 48.01 ? 22  MET A SD  1 
ATOM   165  C CE  . MET A 1 22  ? 12.839  6.455   -5.460  1.00 48.56 ? 22  MET A CE  1 
ATOM   166  N N   . ALA A 1 23  ? 8.624   7.248   -2.395  1.00 25.43 ? 23  ALA A N   1 
ATOM   167  C CA  . ALA A 1 23  ? 7.377   8.068   -2.575  1.00 25.04 ? 23  ALA A CA  1 
ATOM   168  C C   . ALA A 1 23  ? 7.819   9.410   -3.157  1.00 29.51 ? 23  ALA A C   1 
ATOM   169  O O   . ALA A 1 23  ? 8.611   10.138  -2.513  1.00 29.95 ? 23  ALA A O   1 
ATOM   170  C CB  . ALA A 1 23  ? 6.667   8.236   -1.274  1.00 25.41 ? 23  ALA A CB  1 
ATOM   171  N N   . VAL A 1 24  ? 7.352   9.726   -4.376  1.00 28.77 ? 24  VAL A N   1 
ATOM   172  C CA  . VAL A 1 24  ? 7.761   10.992  -5.075  1.00 30.56 ? 24  VAL A CA  1 
ATOM   173  C C   . VAL A 1 24  ? 6.517   11.619  -5.673  1.00 29.46 ? 24  VAL A C   1 
ATOM   174  O O   . VAL A 1 24  ? 5.690   10.909  -6.300  1.00 28.27 ? 24  VAL A O   1 
ATOM   175  C CB  . VAL A 1 24  ? 8.834   10.670  -6.151  1.00 28.97 ? 24  VAL A CB  1 
ATOM   176  C CG1 . VAL A 1 24  ? 8.299   9.731   -7.116  1.00 37.61 ? 24  VAL A CG1 1 
ATOM   177  C CG2 . VAL A 1 24  ? 9.296   11.885  -6.996  1.00 33.84 ? 24  VAL A CG2 1 
ATOM   178  N N   . PRO A 1 25  ? 6.369   12.928  -5.505  1.00 29.88 ? 25  PRO A N   1 
ATOM   179  C CA  . PRO A 1 25  ? 5.208   13.661  -6.095  1.00 28.34 ? 25  PRO A CA  1 
ATOM   180  C C   . PRO A 1 25  ? 5.224   13.581  -7.604  1.00 27.54 ? 25  PRO A C   1 
ATOM   181  O O   . PRO A 1 25  ? 6.280   13.500  -8.287  1.00 25.49 ? 25  PRO A O   1 
ATOM   182  C CB  . PRO A 1 25  ? 5.461   15.159  -5.683  1.00 30.36 ? 25  PRO A CB  1 
ATOM   183  C CG  . PRO A 1 25  ? 6.361   15.127  -4.623  1.00 31.91 ? 25  PRO A CG  1 
ATOM   184  C CD  . PRO A 1 25  ? 7.269   13.871  -4.778  1.00 30.72 ? 25  PRO A CD  1 
ATOM   185  N N   . VAL A 1 26  ? 4.027   13.668  -8.140  1.00 27.76 ? 26  VAL A N   1 
ATOM   186  C CA  . VAL A 1 26  ? 3.830   13.805  -9.596  1.00 27.30 ? 26  VAL A CA  1 
ATOM   187  C C   . VAL A 1 26  ? 4.210   15.285  -9.866  1.00 27.83 ? 26  VAL A C   1 
ATOM   188  O O   . VAL A 1 26  ? 3.847   16.149  -9.104  1.00 27.59 ? 26  VAL A O   1 
ATOM   189  C CB  . VAL A 1 26  ? 2.339   13.559  -9.960  1.00 27.48 ? 26  VAL A CB  1 
ATOM   190  C CG1 . VAL A 1 26  ? 2.052   13.893  -11.444 1.00 25.96 ? 26  VAL A CG1 1 
ATOM   191  C CG2 . VAL A 1 26  ? 1.949   12.033  -9.661  1.00 26.24 ? 26  VAL A CG2 1 
ATOM   192  N N   . PRO A 1 27  ? 4.995   15.508  -10.934 1.00 30.74 ? 27  PRO A N   1 
ATOM   193  C CA  . PRO A 1 27  ? 5.390   16.835  -11.377 1.00 31.97 ? 27  PRO A CA  1 
ATOM   194  C C   . PRO A 1 27  ? 4.236   17.776  -11.469 1.00 30.45 ? 27  PRO A C   1 
ATOM   195  O O   . PRO A 1 27  ? 3.213   17.440  -12.070 1.00 31.04 ? 27  PRO A O   1 
ATOM   196  C CB  . PRO A 1 27  ? 6.025   16.567  -12.757 1.00 31.46 ? 27  PRO A CB  1 
ATOM   197  C CG  . PRO A 1 27  ? 6.699   15.243  -12.552 1.00 33.23 ? 27  PRO A CG  1 
ATOM   198  C CD  . PRO A 1 27  ? 5.630   14.443  -11.747 1.00 29.57 ? 27  PRO A CD  1 
ATOM   199  N N   . GLU A 1 28  ? 4.411   18.955  -10.885 1.00 30.71 ? 28  GLU A N   1 
ATOM   200  C CA  . GLU A 1 28  ? 3.422   20.000  -10.815 1.00 31.50 ? 28  GLU A CA  1 
ATOM   201  C C   . GLU A 1 28  ? 2.064   19.665  -10.156 1.00 31.38 ? 28  GLU A C   1 
ATOM   202  O O   . GLU A 1 28  ? 1.066   20.433  -10.266 1.00 31.69 ? 28  GLU A O   1 
ATOM   203  C CB  . GLU A 1 28  ? 3.220   20.624  -12.214 1.00 33.80 ? 28  GLU A CB  1 
ATOM   204  C CG  . GLU A 1 28  ? 4.446   21.361  -12.731 1.00 41.82 ? 28  GLU A CG  1 
ATOM   205  C CD  . GLU A 1 28  ? 4.204   21.744  -14.204 1.00 56.13 ? 28  GLU A CD  1 
ATOM   206  O OE1 . GLU A 1 28  ? 3.375   22.687  -14.463 1.00 56.91 ? 28  GLU A OE1 1 
ATOM   207  O OE2 . GLU A 1 28  ? 4.777   21.044  -15.087 1.00 60.70 ? 28  GLU A OE2 1 
ATOM   208  N N   . ASN A 1 29  ? 2.011   18.559  -9.409  1.00 28.59 ? 29  ASN A N   1 
ATOM   209  C CA  . ASN A 1 29  ? 0.795   18.139  -8.719  1.00 26.38 ? 29  ASN A CA  1 
ATOM   210  C C   . ASN A 1 29  ? 1.240   17.668  -7.300  1.00 27.76 ? 29  ASN A C   1 
ATOM   211  O O   . ASN A 1 29  ? 1.379   16.471  -7.037  1.00 26.20 ? 29  ASN A O   1 
ATOM   212  C CB  . ASN A 1 29  ? 0.191   16.967  -9.500  1.00 27.31 ? 29  ASN A CB  1 
ATOM   213  C CG  . ASN A 1 29  ? -0.538  17.460  -10.767 1.00 30.37 ? 29  ASN A CG  1 
ATOM   214  O OD1 . ASN A 1 29  ? -1.742  17.733  -10.720 1.00 26.51 ? 29  ASN A OD1 1 
ATOM   215  N ND2 . ASN A 1 29  ? 0.188   17.616  -11.835 1.00 28.08 ? 29  ASN A ND2 1 
ATOM   216  N N   . TYR A 1 30  ? 1.463   18.636  -6.398  1.00 25.93 ? 30  TYR A N   1 
ATOM   217  C CA  . TYR A 1 30  ? 2.104   18.304  -5.136  1.00 28.09 ? 30  TYR A CA  1 
ATOM   218  C C   . TYR A 1 30  ? 1.297   17.335  -4.235  1.00 25.37 ? 30  TYR A C   1 
ATOM   219  O O   . TYR A 1 30  ? 1.848   16.779  -3.277  1.00 26.26 ? 30  TYR A O   1 
ATOM   220  C CB  . TYR A 1 30  ? 2.445   19.604  -4.376  1.00 29.26 ? 30  TYR A CB  1 
ATOM   221  C CG  . TYR A 1 30  ? 1.273   20.384  -3.766  1.00 30.26 ? 30  TYR A CG  1 
ATOM   222  C CD1 . TYR A 1 30  ? 0.749   20.009  -2.566  1.00 29.02 ? 30  TYR A CD1 1 
ATOM   223  C CD2 . TYR A 1 30  ? 0.735   21.530  -4.376  1.00 37.08 ? 30  TYR A CD2 1 
ATOM   224  C CE1 . TYR A 1 30  ? -0.290  20.709  -1.963  1.00 36.38 ? 30  TYR A CE1 1 
ATOM   225  C CE2 . TYR A 1 30  ? -0.282  22.278  -3.737  1.00 36.40 ? 30  TYR A CE2 1 
ATOM   226  C CZ  . TYR A 1 30  ? -0.825  21.805  -2.570  1.00 32.84 ? 30  TYR A CZ  1 
ATOM   227  O OH  . TYR A 1 30  ? -1.797  22.411  -1.826  1.00 37.17 ? 30  TYR A OH  1 
ATOM   228  N N   . ARG A 1 31  ? -0.011  17.200  -4.504  1.00 24.09 ? 31  ARG A N   1 
ATOM   229  C CA  . ARG A 1 31  ? -0.930  16.381  -3.686  1.00 23.60 ? 31  ARG A CA  1 
ATOM   230  C C   . ARG A 1 31  ? -0.950  14.898  -4.160  1.00 23.45 ? 31  ARG A C   1 
ATOM   231  O O   . ARG A 1 31  ? -1.519  14.040  -3.455  1.00 24.94 ? 31  ARG A O   1 
ATOM   232  C CB  . ARG A 1 31  ? -2.373  16.856  -3.722  1.00 23.50 ? 31  ARG A CB  1 
ATOM   233  C CG  . ARG A 1 31  ? -2.560  18.195  -3.051  1.00 25.04 ? 31  ARG A CG  1 
ATOM   234  C CD  . ARG A 1 31  ? -4.006  18.713  -3.041  1.00 24.71 ? 31  ARG A CD  1 
ATOM   235  N NE  . ARG A 1 31  ? -4.006  19.930  -2.158  1.00 25.71 ? 31  ARG A NE  1 
ATOM   236  C CZ  . ARG A 1 31  ? -4.087  19.858  -0.841  1.00 33.87 ? 31  ARG A CZ  1 
ATOM   237  N NH1 . ARG A 1 31  ? -4.162  18.669  -0.249  1.00 31.18 ? 31  ARG A NH1 1 
ATOM   238  N NH2 . ARG A 1 31  ? -4.052  20.970  -0.116  1.00 30.64 ? 31  ARG A NH2 1 
ATOM   239  N N   . HIS A 1 32  ? -0.328  14.646  -5.315  1.00 25.72 ? 32  HIS A N   1 
ATOM   240  C CA  . HIS A 1 32  ? -0.262  13.299  -5.859  1.00 25.99 ? 32  HIS A CA  1 
ATOM   241  C C   . HIS A 1 32  ? 1.142   12.698  -5.841  1.00 25.86 ? 32  HIS A C   1 
ATOM   242  O O   . HIS A 1 32  ? 2.133   13.325  -6.266  1.00 26.06 ? 32  HIS A O   1 
ATOM   243  C CB  . HIS A 1 32  ? -0.852  13.318  -7.285  1.00 27.71 ? 32  HIS A CB  1 
ATOM   244  C CG  . HIS A 1 32  ? -1.562  12.048  -7.611  1.00 36.09 ? 32  HIS A CG  1 
ATOM   245  N ND1 . HIS A 1 32  ? -2.944  11.959  -7.561  1.00 26.90 ? 32  HIS A ND1 1 
ATOM   246  C CD2 . HIS A 1 32  ? -1.071  10.780  -7.899  1.00 34.01 ? 32  HIS A CD2 1 
ATOM   247  C CE1 . HIS A 1 32  ? -3.273  10.697  -7.847  1.00 40.55 ? 32  HIS A CE1 1 
ATOM   248  N NE2 . HIS A 1 32  ? -2.160  9.972   -8.047  1.00 41.20 ? 32  HIS A NE2 1 
ATOM   249  N N   . PHE A 1 33  ? 1.231   11.442  -5.436  1.00 25.87 ? 33  PHE A N   1 
ATOM   250  C CA  . PHE A 1 33  ? 2.516   10.773  -5.304  1.00 25.24 ? 33  PHE A CA  1 
ATOM   251  C C   . PHE A 1 33  ? 2.485   9.437   -6.041  1.00 25.39 ? 33  PHE A C   1 
ATOM   252  O O   . PHE A 1 33  ? 1.471   8.717   -5.961  1.00 23.17 ? 33  PHE A O   1 
ATOM   253  C CB  . PHE A 1 33  ? 2.791   10.420  -3.853  1.00 25.59 ? 33  PHE A CB  1 
ATOM   254  C CG  . PHE A 1 33  ? 3.189   11.604  -2.991  1.00 27.11 ? 33  PHE A CG  1 
ATOM   255  C CD1 . PHE A 1 33  ? 4.562   11.830  -2.609  1.00 29.30 ? 33  PHE A CD1 1 
ATOM   256  C CD2 . PHE A 1 33  ? 2.186   12.495  -2.567  1.00 23.56 ? 33  PHE A CD2 1 
ATOM   257  C CE1 . PHE A 1 33  ? 4.882   12.982  -1.729  1.00 27.68 ? 33  PHE A CE1 1 
ATOM   258  C CE2 . PHE A 1 33  ? 2.504   13.643  -1.739  1.00 29.51 ? 33  PHE A CE2 1 
ATOM   259  C CZ  . PHE A 1 33  ? 3.844   13.847  -1.346  1.00 27.90 ? 33  PHE A CZ  1 
ATOM   260  N N   . ASN A 1 34  ? 3.593   9.110   -6.664  1.00 22.97 ? 34  ASN A N   1 
ATOM   261  C CA  . ASN A 1 34  ? 3.885   7.765   -7.169  1.00 24.87 ? 34  ASN A CA  1 
ATOM   262  C C   . ASN A 1 34  ? 4.738   7.048   -6.148  1.00 25.03 ? 34  ASN A C   1 
ATOM   263  O O   . ASN A 1 34  ? 5.808   7.588   -5.711  1.00 25.32 ? 34  ASN A O   1 
ATOM   264  C CB  . ASN A 1 34  ? 4.684   7.924   -8.449  1.00 23.83 ? 34  ASN A CB  1 
ATOM   265  C CG  . ASN A 1 34  ? 3.839   8.483   -9.568  1.00 28.52 ? 34  ASN A CG  1 
ATOM   266  O OD1 . ASN A 1 34  ? 4.254   9.405   -10.358 1.00 32.08 ? 34  ASN A OD1 1 
ATOM   267  N ND2 . ASN A 1 34  ? 2.673   7.909   -9.693  1.00 23.07 ? 34  ASN A ND2 1 
ATOM   268  N N   . ILE A 1 35  ? 4.286   5.866   -5.757  1.00 23.50 ? 35  ILE A N   1 
ATOM   269  C CA  . ILE A 1 35  ? 4.962   5.105   -4.671  1.00 22.52 ? 35  ILE A CA  1 
ATOM   270  C C   . ILE A 1 35  ? 5.435   3.764   -5.204  1.00 24.82 ? 35  ILE A C   1 
ATOM   271  O O   . ILE A 1 35  ? 4.767   3.185   -6.073  1.00 24.73 ? 35  ILE A O   1 
ATOM   272  C CB  . ILE A 1 35  ? 3.976   4.897   -3.480  1.00 23.02 ? 35  ILE A CB  1 
ATOM   273  C CG1 . ILE A 1 35  ? 3.538   6.247   -2.810  1.00 27.19 ? 35  ILE A CG1 1 
ATOM   274  C CG2 . ILE A 1 35  ? 4.503   3.824   -2.432  1.00 22.71 ? 35  ILE A CG2 1 
ATOM   275  C CD1 . ILE A 1 35  ? 2.189   6.089   -2.250  1.00 28.92 ? 35  ILE A CD1 1 
ATOM   276  N N   . LEU A 1 36  ? 6.595   3.308   -4.771  1.00 23.01 ? 36  LEU A N   1 
ATOM   277  C CA  . LEU A 1 36  ? 7.059   1.953   -5.078  1.00 24.06 ? 36  LEU A CA  1 
ATOM   278  C C   . LEU A 1 36  ? 7.292   1.313   -3.713  1.00 24.23 ? 36  LEU A C   1 
ATOM   279  O O   . LEU A 1 36  ? 7.970   1.889   -2.859  1.00 23.12 ? 36  LEU A O   1 
ATOM   280  C CB  . LEU A 1 36  ? 8.431   2.008   -5.804  1.00 25.10 ? 36  LEU A CB  1 
ATOM   281  C CG  . LEU A 1 36  ? 8.326   2.522   -7.235  1.00 29.74 ? 36  LEU A CG  1 
ATOM   282  C CD1 . LEU A 1 36  ? 9.740   2.823   -7.765  1.00 35.23 ? 36  LEU A CD1 1 
ATOM   283  C CD2 . LEU A 1 36  ? 7.591   1.536   -8.210  1.00 31.29 ? 36  LEU A CD2 1 
ATOM   284  N N   . ILE A 1 37  ? 6.718   0.123   -3.512  1.00 22.37 ? 37  ILE A N   1 
ATOM   285  C CA  . ILE A 1 37  ? 7.012   -0.667  -2.326  1.00 22.26 ? 37  ILE A CA  1 
ATOM   286  C C   . ILE A 1 37  ? 7.560   -2.029  -2.791  1.00 26.03 ? 37  ILE A C   1 
ATOM   287  O O   . ILE A 1 37  ? 6.969   -2.713  -3.629  1.00 22.94 ? 37  ILE A O   1 
ATOM   288  C CB  . ILE A 1 37  ? 5.782   -0.838  -1.392  1.00 23.96 ? 37  ILE A CB  1 
ATOM   289  C CG1 . ILE A 1 37  ? 5.228   0.543   -0.906  1.00 21.97 ? 37  ILE A CG1 1 
ATOM   290  C CG2 . ILE A 1 37  ? 6.126   -1.798  -0.184  1.00 25.07 ? 37  ILE A CG2 1 
ATOM   291  C CD1 . ILE A 1 37  ? 3.985   0.512   -0.027  1.00 20.83 ? 37  ILE A CD1 1 
ATOM   292  N N   . ASN A 1 38  ? 8.724   -2.401  -2.250  1.00 23.76 ? 38  ASN A N   1 
ATOM   293  C CA  . ASN A 1 38  ? 9.292   -3.701  -2.543  1.00 25.50 ? 38  ASN A CA  1 
ATOM   294  C C   . ASN A 1 38  ? 8.541   -4.798  -1.814  1.00 23.23 ? 38  ASN A C   1 
ATOM   295  O O   . ASN A 1 38  ? 8.132   -4.719  -0.629  1.00 24.19 ? 38  ASN A O   1 
ATOM   296  C CB  . ASN A 1 38  ? 10.826  -3.739  -2.162  1.00 25.06 ? 38  ASN A CB  1 
ATOM   297  C CG  . ASN A 1 38  ? 11.656  -2.890  -3.069  1.00 34.62 ? 38  ASN A CG  1 
ATOM   298  O OD1 . ASN A 1 38  ? 11.275  -2.573  -4.181  1.00 38.04 ? 38  ASN A OD1 1 
ATOM   299  N ND2 . ASN A 1 38  ? 12.836  -2.591  -2.636  1.00 37.82 ? 38  ASN A ND2 1 
ATOM   300  N N   . GLY A 1 39  ? 8.295   -5.906  -2.496  1.00 23.13 ? 39  GLY A N   1 
ATOM   301  C CA  . GLY A 1 39  ? 7.702   -7.030  -1.743  1.00 23.23 ? 39  GLY A CA  1 
ATOM   302  C C   . GLY A 1 39  ? 8.612   -7.504  -0.577  1.00 24.82 ? 39  GLY A C   1 
ATOM   303  O O   . GLY A 1 39  ? 9.832   -7.649  -0.786  1.00 27.20 ? 39  GLY A O   1 
ATOM   304  N N   . PRO A 1 40  ? 8.073   -7.715  0.627   1.00 26.77 ? 40  PRO A N   1 
ATOM   305  C CA  . PRO A 1 40  ? 8.979   -8.053  1.750   1.00 26.10 ? 40  PRO A CA  1 
ATOM   306  C C   . PRO A 1 40  ? 9.620   -9.453  1.561   1.00 27.92 ? 40  PRO A C   1 
ATOM   307  O O   . PRO A 1 40  ? 9.004   -10.434 0.979   1.00 25.39 ? 40  PRO A O   1 
ATOM   308  C CB  . PRO A 1 40  ? 8.050   -8.065  2.972   1.00 26.46 ? 40  PRO A CB  1 
ATOM   309  C CG  . PRO A 1 40  ? 6.887   -7.106  2.561   1.00 25.50 ? 40  PRO A CG  1 
ATOM   310  C CD  . PRO A 1 40  ? 6.695   -7.533  1.101   1.00 25.85 ? 40  PRO A CD  1 
ATOM   311  N N   . ASP A 1 41  ? 10.869  -9.575  2.021   1.00 30.12 ? 41  ASP A N   1 
ATOM   312  C CA  . ASP A 1 41  ? 11.459  -10.939 2.093   1.00 31.39 ? 41  ASP A CA  1 
ATOM   313  C C   . ASP A 1 41  ? 10.584  -11.912 2.907   1.00 29.93 ? 41  ASP A C   1 
ATOM   314  O O   . ASP A 1 41  ? 9.894   -11.529 3.864   1.00 31.38 ? 41  ASP A O   1 
ATOM   315  C CB  . ASP A 1 41  ? 12.826  -10.834 2.752   1.00 35.34 ? 41  ASP A CB  1 
ATOM   316  C CG  . ASP A 1 41  ? 13.853  -10.070 1.883   1.00 41.08 ? 41  ASP A CG  1 
ATOM   317  O OD1 . ASP A 1 41  ? 13.696  -9.855  0.642   1.00 47.69 ? 41  ASP A OD1 1 
ATOM   318  O OD2 . ASP A 1 41  ? 14.896  -9.722  2.476   1.00 49.64 ? 41  ASP A OD2 1 
ATOM   319  N N   . GLY A 1 42  ? 10.558  -13.187 2.512   1.00 30.81 ? 42  GLY A N   1 
ATOM   320  C CA  . GLY A 1 42  ? 9.822   -14.219 3.280   1.00 30.62 ? 42  GLY A CA  1 
ATOM   321  C C   . GLY A 1 42  ? 8.352   -14.242 2.877   1.00 31.47 ? 42  GLY A C   1 
ATOM   322  O O   . GLY A 1 42  ? 7.535   -14.777 3.609   1.00 34.91 ? 42  GLY A O   1 
ATOM   323  N N   . THR A 1 43  ? 7.988   -13.555 1.817   1.00 29.19 ? 43  THR A N   1 
ATOM   324  C CA  . THR A 1 43  ? 6.555   -13.532 1.457   1.00 28.13 ? 43  THR A CA  1 
ATOM   325  C C   . THR A 1 43  ? 6.528   -14.000 -0.015  1.00 25.22 ? 43  THR A C   1 
ATOM   326  O O   . THR A 1 43  ? 7.491   -13.946 -0.727  1.00 27.11 ? 43  THR A O   1 
ATOM   327  C CB  . THR A 1 43  ? 5.916   -12.072 1.617   1.00 25.71 ? 43  THR A CB  1 
ATOM   328  O OG1 . THR A 1 43  ? 6.455   -11.245 0.598   1.00 25.12 ? 43  THR A OG1 1 
ATOM   329  C CG2 . THR A 1 43  ? 6.122   -11.468 3.002   1.00 26.80 ? 43  THR A CG2 1 
ATOM   330  N N   . PRO A 1 44  ? 5.353   -14.329 -0.560  1.00 26.69 ? 44  PRO A N   1 
ATOM   331  C CA  . PRO A 1 44  ? 5.285   -14.587 -2.019  1.00 25.11 ? 44  PRO A CA  1 
ATOM   332  C C   . PRO A 1 44  ? 5.567   -13.362 -2.866  1.00 24.66 ? 44  PRO A C   1 
ATOM   333  O O   . PRO A 1 44  ? 5.689   -13.484 -4.074  1.00 25.43 ? 44  PRO A O   1 
ATOM   334  C CB  . PRO A 1 44  ? 3.779   -15.015 -2.217  1.00 25.23 ? 44  PRO A CB  1 
ATOM   335  C CG  . PRO A 1 44  ? 3.081   -14.541 -1.059  1.00 24.61 ? 44  PRO A CG  1 
ATOM   336  C CD  . PRO A 1 44  ? 4.065   -14.525 0.139   1.00 26.26 ? 44  PRO A CD  1 
ATOM   337  N N   . TYR A 1 45  ? 5.571   -12.145 -2.265  1.00 22.04 ? 45  TYR A N   1 
ATOM   338  C CA  . TYR A 1 45  ? 5.850   -10.937 -2.992  1.00 23.66 ? 45  TYR A CA  1 
ATOM   339  C C   . TYR A 1 45  ? 7.339   -10.595 -3.037  1.00 24.97 ? 45  TYR A C   1 
ATOM   340  O O   . TYR A 1 45  ? 7.766   -9.659  -3.722  1.00 23.88 ? 45  TYR A O   1 
ATOM   341  C CB  . TYR A 1 45  ? 5.016   -9.731  -2.346  1.00 22.72 ? 45  TYR A CB  1 
ATOM   342  C CG  . TYR A 1 45  ? 3.582   -10.176 -1.958  1.00 21.12 ? 45  TYR A CG  1 
ATOM   343  C CD1 . TYR A 1 45  ? 2.663   -10.502 -2.947  1.00 22.60 ? 45  TYR A CD1 1 
ATOM   344  C CD2 . TYR A 1 45  ? 3.197   -10.280 -0.600  1.00 22.87 ? 45  TYR A CD2 1 
ATOM   345  C CE1 . TYR A 1 45  ? 1.411   -10.995 -2.612  1.00 22.24 ? 45  TYR A CE1 1 
ATOM   346  C CE2 . TYR A 1 45  ? 1.910   -10.806 -0.245  1.00 25.20 ? 45  TYR A CE2 1 
ATOM   347  C CZ  . TYR A 1 45  ? 1.025   -11.117 -1.332  1.00 22.81 ? 45  TYR A CZ  1 
ATOM   348  O OH  . TYR A 1 45  ? -0.200  -11.602 -0.960  1.00 21.72 ? 45  TYR A OH  1 
ATOM   349  N N   . GLU A 1 46  ? 8.132   -11.433 -2.385  1.00 25.89 ? 46  GLU A N   1 
ATOM   350  C CA  . GLU A 1 46  ? 9.604   -11.195 -2.423  1.00 27.99 ? 46  GLU A CA  1 
ATOM   351  C C   . GLU A 1 46  ? 10.139  -11.103 -3.856  1.00 29.34 ? 46  GLU A C   1 
ATOM   352  O O   . GLU A 1 46  ? 9.860   -11.941 -4.729  1.00 29.30 ? 46  GLU A O   1 
ATOM   353  C CB  . GLU A 1 46  ? 10.275  -12.296 -1.573  1.00 26.98 ? 46  GLU A CB  1 
ATOM   354  C CG  . GLU A 1 46  ? 11.799  -12.144 -1.488  1.00 30.81 ? 46  GLU A CG  1 
ATOM   355  C CD  . GLU A 1 46  ? 12.458  -13.321 -0.726  1.00 32.21 ? 46  GLU A CD  1 
ATOM   356  O OE1 . GLU A 1 46  ? 11.905  -13.830 0.283   1.00 36.47 ? 46  GLU A OE1 1 
ATOM   357  O OE2 . GLU A 1 46  ? 13.629  -13.625 -1.131  1.00 44.08 ? 46  GLU A OE2 1 
ATOM   358  N N   . GLY A 1 47  ? 10.924  -10.057 -4.110  1.00 30.48 ? 47  GLY A N   1 
ATOM   359  C CA  . GLY A 1 47  ? 11.505  -9.795  -5.428  1.00 29.39 ? 47  GLY A CA  1 
ATOM   360  C C   . GLY A 1 47  ? 10.688  -8.894  -6.330  1.00 29.63 ? 47  GLY A C   1 
ATOM   361  O O   . GLY A 1 47  ? 11.165  -8.392  -7.358  1.00 27.96 ? 47  GLY A O   1 
ATOM   362  N N   . GLY A 1 48  ? 9.402   -8.708  -5.958  1.00 27.91 ? 48  GLY A N   1 
ATOM   363  C CA  . GLY A 1 48  ? 8.524   -7.954  -6.769  1.00 26.12 ? 48  GLY A CA  1 
ATOM   364  C C   . GLY A 1 48  ? 8.639   -6.506  -6.285  1.00 26.32 ? 48  GLY A C   1 
ATOM   365  O O   . GLY A 1 48  ? 9.122   -6.253  -5.197  1.00 24.49 ? 48  GLY A O   1 
ATOM   366  N N   . THR A 1 49  ? 8.282   -5.592  -7.182  1.00 27.21 ? 49  THR A N   1 
ATOM   367  C CA  . THR A 1 49  ? 8.127   -4.182  -6.824  1.00 26.37 ? 49  THR A CA  1 
ATOM   368  C C   . THR A 1 49  ? 6.706   -3.745  -7.211  1.00 25.78 ? 49  THR A C   1 
ATOM   369  O O   . THR A 1 49  ? 6.267   -3.922  -8.362  1.00 26.62 ? 49  THR A O   1 
ATOM   370  C CB  . THR A 1 49  ? 9.162   -3.312  -7.554  1.00 28.43 ? 49  THR A CB  1 
ATOM   371  O OG1 . THR A 1 49  ? 10.478  -3.854  -7.306  1.00 28.67 ? 49  THR A OG1 1 
ATOM   372  C CG2 . THR A 1 49  ? 9.070   -1.857  -7.055  1.00 31.81 ? 49  THR A CG2 1 
ATOM   373  N N   . TYR A 1 50  ? 6.058   -3.095  -6.253  1.00 23.61 ? 50  TYR A N   1 
ATOM   374  C CA  . TYR A 1 50  ? 4.617   -2.737  -6.356  1.00 22.05 ? 50  TYR A CA  1 
ATOM   375  C C   . TYR A 1 50  ? 4.478   -1.240  -6.544  1.00 22.58 ? 50  TYR A C   1 
ATOM   376  O O   . TYR A 1 50  ? 4.962   -0.450  -5.737  1.00 23.18 ? 50  TYR A O   1 
ATOM   377  C CB  . TYR A 1 50  ? 3.839   -3.219  -5.108  1.00 23.99 ? 50  TYR A CB  1 
ATOM   378  C CG  . TYR A 1 50  ? 3.743   -4.694  -5.190  1.00 22.54 ? 50  TYR A CG  1 
ATOM   379  C CD1 . TYR A 1 50  ? 2.634   -5.296  -5.827  1.00 26.97 ? 50  TYR A CD1 1 
ATOM   380  C CD2 . TYR A 1 50  ? 4.869   -5.541  -4.823  1.00 21.07 ? 50  TYR A CD2 1 
ATOM   381  C CE1 . TYR A 1 50  ? 2.599   -6.768  -6.017  1.00 23.61 ? 50  TYR A CE1 1 
ATOM   382  C CE2 . TYR A 1 50  ? 4.817   -6.960  -5.051  1.00 24.79 ? 50  TYR A CE2 1 
ATOM   383  C CZ  . TYR A 1 50  ? 3.660   -7.543  -5.666  1.00 27.83 ? 50  TYR A CZ  1 
ATOM   384  O OH  . TYR A 1 50  ? 3.634   -8.917  -5.938  1.00 24.40 ? 50  TYR A OH  1 
ATOM   385  N N   . LYS A 1 51  ? 3.741   -0.870  -7.577  1.00 20.78 ? 51  LYS A N   1 
ATOM   386  C CA  . LYS A 1 51  ? 3.426   0.536   -7.837  1.00 22.01 ? 51  LYS A CA  1 
ATOM   387  C C   . LYS A 1 51  ? 2.129   0.856   -7.103  1.00 20.66 ? 51  LYS A C   1 
ATOM   388  O O   . LYS A 1 51  ? 1.100   0.110   -7.188  1.00 23.04 ? 51  LYS A O   1 
ATOM   389  C CB  . LYS A 1 51  ? 3.304   0.823   -9.352  1.00 22.76 ? 51  LYS A CB  1 
ATOM   390  C CG  . LYS A 1 51  ? 4.547   0.596   -10.135 1.00 27.63 ? 51  LYS A CG  1 
ATOM   391  C CD  . LYS A 1 51  ? 4.294   1.052   -11.579 1.00 34.13 ? 51  LYS A CD  1 
ATOM   392  C CE  . LYS A 1 51  ? 5.539   0.885   -12.428 1.00 43.20 ? 51  LYS A CE  1 
ATOM   393  N NZ  . LYS A 1 51  ? 5.646   2.110   -13.324 1.00 52.34 ? 51  LYS A NZ  1 
ATOM   394  N N   . LEU A 1 52  ? 2.142   1.973   -6.406  1.00 21.08 ? 52  LEU A N   1 
ATOM   395  C CA  . LEU A 1 52  ? 0.923   2.534   -5.776  1.00 20.33 ? 52  LEU A CA  1 
ATOM   396  C C   . LEU A 1 52  ? 0.814   4.017   -6.151  1.00 21.56 ? 52  LEU A C   1 
ATOM   397  O O   . LEU A 1 52  ? 1.814   4.645   -6.583  1.00 22.90 ? 52  LEU A O   1 
ATOM   398  C CB  . LEU A 1 52  ? 0.926   2.409   -4.213  1.00 21.28 ? 52  LEU A CB  1 
ATOM   399  C CG  . LEU A 1 52  ? 0.886   0.975   -3.604  1.00 23.17 ? 52  LEU A CG  1 
ATOM   400  C CD1 . LEU A 1 52  ? 2.260   0.271   -3.707  1.00 24.96 ? 52  LEU A CD1 1 
ATOM   401  C CD2 . LEU A 1 52  ? 0.503   1.079   -2.132  1.00 22.46 ? 52  LEU A CD2 1 
ATOM   402  N N   . GLU A 1 53  ? -0.367  4.573   -5.992  1.00 21.41 ? 53  GLU A N   1 
ATOM   403  C CA  . GLU A 1 53  ? -0.480  6.028   -6.059  1.00 22.42 ? 53  GLU A CA  1 
ATOM   404  C C   . GLU A 1 53  ? -1.195  6.534   -4.826  1.00 23.71 ? 53  GLU A C   1 
ATOM   405  O O   . GLU A 1 53  ? -1.993  5.796   -4.234  1.00 20.67 ? 53  GLU A O   1 
ATOM   406  C CB  . GLU A 1 53  ? -1.183  6.429   -7.306  1.00 26.77 ? 53  GLU A CB  1 
ATOM   407  C CG  . GLU A 1 53  ? -2.529  6.087   -7.464  1.00 27.88 ? 53  GLU A CG  1 
ATOM   408  C CD  . GLU A 1 53  ? -2.955  6.462   -8.939  1.00 33.82 ? 53  GLU A CD  1 
ATOM   409  O OE1 . GLU A 1 53  ? -2.126  6.941   -9.746  1.00 40.53 ? 53  GLU A OE1 1 
ATOM   410  O OE2 . GLU A 1 53  ? -4.100  6.198   -9.259  1.00 34.16 ? 53  GLU A OE2 1 
ATOM   411  N N   . LEU A 1 54  ? -0.939  7.791   -4.488  1.00 21.48 ? 54  LEU A N   1 
ATOM   412  C CA  . LEU A 1 54  ? -1.493  8.350   -3.285  1.00 22.65 ? 54  LEU A CA  1 
ATOM   413  C C   . LEU A 1 54  ? -1.915  9.803   -3.642  1.00 23.49 ? 54  LEU A C   1 
ATOM   414  O O   . LEU A 1 54  ? -1.162  10.501  -4.346  1.00 23.18 ? 54  LEU A O   1 
ATOM   415  C CB  . LEU A 1 54  ? -0.446  8.352   -2.157  1.00 24.10 ? 54  LEU A CB  1 
ATOM   416  C CG  . LEU A 1 54  ? -0.769  9.047   -0.859  1.00 22.11 ? 54  LEU A CG  1 
ATOM   417  C CD1 . LEU A 1 54  ? 0.006   8.295   0.311   1.00 24.09 ? 54  LEU A CD1 1 
ATOM   418  C CD2 . LEU A 1 54  ? -0.387  10.598  -0.914  1.00 21.48 ? 54  LEU A CD2 1 
ATOM   419  N N   . PHE A 1 55  ? -3.042  10.218  -3.088  1.00 23.96 ? 55  PHE A N   1 
ATOM   420  C CA  . PHE A 1 55  ? -3.538  11.605  -3.249  1.00 22.78 ? 55  PHE A CA  1 
ATOM   421  C C   . PHE A 1 55  ? -3.806  12.103  -1.825  1.00 23.24 ? 55  PHE A C   1 
ATOM   422  O O   . PHE A 1 55  ? -4.527  11.421  -1.057  1.00 22.94 ? 55  PHE A O   1 
ATOM   423  C CB  . PHE A 1 55  ? -4.833  11.612  -4.061  1.00 21.80 ? 55  PHE A CB  1 
ATOM   424  C CG  . PHE A 1 55  ? -5.515  12.944  -4.158  1.00 22.74 ? 55  PHE A CG  1 
ATOM   425  C CD1 . PHE A 1 55  ? -4.813  14.089  -4.622  1.00 25.97 ? 55  PHE A CD1 1 
ATOM   426  C CD2 . PHE A 1 55  ? -6.894  13.037  -3.863  1.00 24.55 ? 55  PHE A CD2 1 
ATOM   427  C CE1 . PHE A 1 55  ? -5.509  15.360  -4.764  1.00 25.59 ? 55  PHE A CE1 1 
ATOM   428  C CE2 . PHE A 1 55  ? -7.543  14.234  -3.996  1.00 26.48 ? 55  PHE A CE2 1 
ATOM   429  C CZ  . PHE A 1 55  ? -6.849  15.418  -4.413  1.00 25.82 ? 55  PHE A CZ  1 
ATOM   430  N N   . LEU A 1 56  ? -3.334  13.344  -1.578  1.00 22.50 ? 56  LEU A N   1 
ATOM   431  C CA  . LEU A 1 56  ? -3.721  14.114  -0.340  1.00 23.57 ? 56  LEU A CA  1 
ATOM   432  C C   . LEU A 1 56  ? -4.953  15.016  -0.701  1.00 25.13 ? 56  LEU A C   1 
ATOM   433  O O   . LEU A 1 56  ? -4.774  15.990  -1.346  1.00 24.51 ? 56  LEU A O   1 
ATOM   434  C CB  . LEU A 1 56  ? -2.551  15.001  0.073   1.00 24.29 ? 56  LEU A CB  1 
ATOM   435  C CG  . LEU A 1 56  ? -1.328  14.118  0.390   1.00 26.06 ? 56  LEU A CG  1 
ATOM   436  C CD1 . LEU A 1 56  ? -0.178  15.081  0.737   1.00 26.15 ? 56  LEU A CD1 1 
ATOM   437  C CD2 . LEU A 1 56  ? -1.600  13.123  1.563   1.00 25.36 ? 56  LEU A CD2 1 
ATOM   438  N N   . PRO A 1 57  ? -6.170  14.645  -0.282  1.00 27.23 ? 57  PRO A N   1 
ATOM   439  C CA  . PRO A 1 57  ? -7.358  15.489  -0.562  1.00 28.12 ? 57  PRO A CA  1 
ATOM   440  C C   . PRO A 1 57  ? -7.216  16.828  0.165   1.00 29.06 ? 57  PRO A C   1 
ATOM   441  O O   . PRO A 1 57  ? -6.380  16.967  1.084   1.00 25.98 ? 57  PRO A O   1 
ATOM   442  C CB  . PRO A 1 57  ? -8.510  14.697  0.022   1.00 28.67 ? 57  PRO A CB  1 
ATOM   443  C CG  . PRO A 1 57  ? -7.883  13.627  0.880   1.00 29.88 ? 57  PRO A CG  1 
ATOM   444  C CD  . PRO A 1 57  ? -6.488  13.430  0.489   1.00 27.22 ? 57  PRO A CD  1 
ATOM   445  N N   . GLU A 1 58  ? -7.972  17.835  -0.284  1.00 28.13 ? 58  GLU A N   1 
ATOM   446  C CA  . GLU A 1 58  ? -7.824  19.173  0.292   1.00 30.21 ? 58  GLU A CA  1 
ATOM   447  C C   . GLU A 1 58  ? -8.095  19.211  1.800   1.00 30.78 ? 58  GLU A C   1 
ATOM   448  O O   . GLU A 1 58  ? -7.479  20.039  2.508   1.00 33.63 ? 58  GLU A O   1 
ATOM   449  C CB  . GLU A 1 58  ? -8.670  20.218  -0.530  1.00 31.04 ? 58  GLU A CB  1 
ATOM   450  C CG  . GLU A 1 58  ? -8.053  20.375  -1.998  1.00 29.16 ? 58  GLU A CG  1 
ATOM   451  C CD  . GLU A 1 58  ? -9.107  21.026  -2.935  1.00 36.56 ? 58  GLU A CD  1 
ATOM   452  O OE1 . GLU A 1 58  ? -10.065 20.348  -3.427  1.00 33.29 ? 58  GLU A OE1 1 
ATOM   453  O OE2 . GLU A 1 58  ? -8.973  22.243  -3.052  1.00 35.35 ? 58  GLU A OE2 1 
ATOM   454  N N   . GLN A 1 59  ? -8.913  18.297  2.338   1.00 33.05 ? 59  GLN A N   1 
ATOM   455  C CA  . GLN A 1 59  ? -9.172  18.272  3.821   1.00 34.06 ? 59  GLN A CA  1 
ATOM   456  C C   . GLN A 1 59  ? -8.160  17.386  4.599   1.00 33.86 ? 59  GLN A C   1 
ATOM   457  O O   . GLN A 1 59  ? -8.342  17.159  5.791   1.00 33.56 ? 59  GLN A O   1 
ATOM   458  C CB  . GLN A 1 59  ? -10.590 17.794  4.144   1.00 39.66 ? 59  GLN A CB  1 
ATOM   459  C CG  . GLN A 1 59  ? -11.727 18.879  3.814   1.00 41.61 ? 59  GLN A CG  1 
ATOM   460  C CD  . GLN A 1 59  ? -11.288 20.318  4.215   1.00 51.09 ? 59  GLN A CD  1 
ATOM   461  O OE1 . GLN A 1 59  ? -11.200 20.649  5.404   1.00 53.74 ? 59  GLN A OE1 1 
ATOM   462  N NE2 . GLN A 1 59  ? -10.981 21.169  3.200   1.00 56.36 ? 59  GLN A NE2 1 
ATOM   463  N N   . TYR A 1 60  ? -7.109  16.902  3.929   1.00 31.59 ? 60  TYR A N   1 
ATOM   464  C CA  . TYR A 1 60  ? -5.924  16.375  4.662   1.00 30.32 ? 60  TYR A CA  1 
ATOM   465  C C   . TYR A 1 60  ? -5.291  17.517  5.512   1.00 30.34 ? 60  TYR A C   1 
ATOM   466  O O   . TYR A 1 60  ? -5.070  18.622  4.988   1.00 29.99 ? 60  TYR A O   1 
ATOM   467  C CB  . TYR A 1 60  ? -4.917  15.811  3.633   1.00 28.93 ? 60  TYR A CB  1 
ATOM   468  C CG  . TYR A 1 60  ? -3.687  15.161  4.246   1.00 25.31 ? 60  TYR A CG  1 
ATOM   469  C CD1 . TYR A 1 60  ? -3.717  13.841  4.774   1.00 23.38 ? 60  TYR A CD1 1 
ATOM   470  C CD2 . TYR A 1 60  ? -2.517  15.905  4.362   1.00 22.22 ? 60  TYR A CD2 1 
ATOM   471  C CE1 . TYR A 1 60  ? -2.554  13.258  5.307   1.00 23.06 ? 60  TYR A CE1 1 
ATOM   472  C CE2 . TYR A 1 60  ? -1.298  15.317  4.966   1.00 28.01 ? 60  TYR A CE2 1 
ATOM   473  C CZ  . TYR A 1 60  ? -1.387  13.989  5.427   1.00 24.75 ? 60  TYR A CZ  1 
ATOM   474  O OH  . TYR A 1 60  ? -0.288  13.393  5.975   1.00 28.32 ? 60  TYR A OH  1 
ATOM   475  N N   . PRO A 1 61  ? -4.834  17.237  6.781   1.00 31.60 ? 61  PRO A N   1 
ATOM   476  C CA  . PRO A 1 61  ? -4.766  15.937  7.416   1.00 30.18 ? 61  PRO A CA  1 
ATOM   477  C C   . PRO A 1 61  ? -5.944  15.517  8.229   1.00 31.15 ? 61  PRO A C   1 
ATOM   478  O O   . PRO A 1 61  ? -5.876  14.512  8.847   1.00 29.85 ? 61  PRO A O   1 
ATOM   479  C CB  . PRO A 1 61  ? -3.489  16.034  8.280   1.00 31.77 ? 61  PRO A CB  1 
ATOM   480  C CG  . PRO A 1 61  ? -3.476  17.499  8.734   1.00 32.74 ? 61  PRO A CG  1 
ATOM   481  C CD  . PRO A 1 61  ? -4.159  18.288  7.580   1.00 32.70 ? 61  PRO A CD  1 
ATOM   482  N N   . MET A 1 62  ? -7.039  16.277  8.265   1.00 32.47 ? 62  MET A N   1 
ATOM   483  C CA  . MET A 1 62  ? -8.213  15.777  8.993   1.00 34.10 ? 62  MET A CA  1 
ATOM   484  C C   . MET A 1 62  ? -8.788  14.522  8.381   1.00 33.71 ? 62  MET A C   1 
ATOM   485  O O   . MET A 1 62  ? -9.356  13.611  9.085   1.00 32.65 ? 62  MET A O   1 
ATOM   486  C CB  . MET A 1 62  ? -9.350  16.829  9.046   1.00 36.55 ? 62  MET A CB  1 
ATOM   487  C CG  . MET A 1 62  ? -9.020  17.923  10.071  1.00 44.19 ? 62  MET A CG  1 
ATOM   488  S SD  . MET A 1 62  ? -8.761  17.443  11.865  1.00 58.59 ? 62  MET A SD  1 
ATOM   489  C CE  . MET A 1 62  ? -9.900  16.071  12.149  1.00 40.98 ? 62  MET A CE  1 
ATOM   490  N N   . GLU A 1 63  ? -8.722  14.487  7.059   1.00 31.87 ? 63  GLU A N   1 
ATOM   491  C CA  . GLU A 1 63  ? -9.101  13.282  6.329   1.00 31.72 ? 63  GLU A CA  1 
ATOM   492  C C   . GLU A 1 63  ? -7.848  12.544  5.782   1.00 27.35 ? 63  GLU A C   1 
ATOM   493  O O   . GLU A 1 63  ? -6.821  13.146  5.579   1.00 27.04 ? 63  GLU A O   1 
ATOM   494  C CB  . GLU A 1 63  ? -10.085 13.661  5.220   1.00 34.15 ? 63  GLU A CB  1 
ATOM   495  C CG  . GLU A 1 63  ? -11.200 14.472  5.916   1.00 41.37 ? 63  GLU A CG  1 
ATOM   496  C CD  . GLU A 1 63  ? -12.448 14.569  5.143   1.00 55.39 ? 63  GLU A CD  1 
ATOM   497  O OE1 . GLU A 1 63  ? -13.367 15.364  5.588   1.00 56.00 ? 63  GLU A OE1 1 
ATOM   498  O OE2 . GLU A 1 63  ? -12.502 13.853  4.105   1.00 59.45 ? 63  GLU A OE2 1 
ATOM   499  N N   . PRO A 1 64  ? -7.947  11.223  5.618   1.00 26.58 ? 64  PRO A N   1 
ATOM   500  C CA  . PRO A 1 64  ? -6.768  10.462  5.275   1.00 28.13 ? 64  PRO A CA  1 
ATOM   501  C C   . PRO A 1 64  ? -6.299  10.641  3.836   1.00 25.67 ? 64  PRO A C   1 
ATOM   502  O O   . PRO A 1 64  ? -7.113  10.903  2.974   1.00 27.31 ? 64  PRO A O   1 
ATOM   503  C CB  . PRO A 1 64  ? -7.203  9.014   5.473   1.00 26.80 ? 64  PRO A CB  1 
ATOM   504  C CG  . PRO A 1 64  ? -8.661  9.076   5.453   1.00 28.92 ? 64  PRO A CG  1 
ATOM   505  C CD  . PRO A 1 64  ? -9.118  10.375  5.855   1.00 28.14 ? 64  PRO A CD  1 
ATOM   506  N N   . PRO A 1 65  ? -5.023  10.339  3.570   1.00 25.29 ? 65  PRO A N   1 
ATOM   507  C CA  . PRO A 1 65  ? -4.590  10.221  2.127   1.00 23.52 ? 65  PRO A CA  1 
ATOM   508  C C   . PRO A 1 65  ? -5.412  9.083   1.466   1.00 23.16 ? 65  PRO A C   1 
ATOM   509  O O   . PRO A 1 65  ? -5.913  8.141   2.188   1.00 23.07 ? 65  PRO A O   1 
ATOM   510  C CB  . PRO A 1 65  ? -3.137  9.686   2.210   1.00 24.67 ? 65  PRO A CB  1 
ATOM   511  C CG  . PRO A 1 65  ? -2.759  9.836   3.697   1.00 25.40 ? 65  PRO A CG  1 
ATOM   512  C CD  . PRO A 1 65  ? -3.995  9.903   4.542   1.00 24.89 ? 65  PRO A CD  1 
ATOM   513  N N   . LYS A 1 66  ? -5.539  9.129   0.137   1.00 21.69 ? 66  LYS A N   1 
ATOM   514  C CA  . LYS A 1 66  ? -6.280  8.071   -0.523  1.00 20.90 ? 66  LYS A CA  1 
ATOM   515  C C   . LYS A 1 66  ? -5.196  7.368   -1.285  1.00 21.12 ? 66  LYS A C   1 
ATOM   516  O O   . LYS A 1 66  ? -4.459  7.976   -2.064  1.00 23.04 ? 66  LYS A O   1 
ATOM   517  C CB  . LYS A 1 66  ? -7.365  8.626   -1.483  1.00 22.07 ? 66  LYS A CB  1 
ATOM   518  C CG  . LYS A 1 66  ? -8.417  9.423   -0.696  1.00 24.51 ? 66  LYS A CG  1 
ATOM   519  C CD  . LYS A 1 66  ? -9.473  9.999   -1.602  1.00 28.86 ? 66  LYS A CD  1 
ATOM   520  C CE  . LYS A 1 66  ? -10.461 10.783  -0.782  1.00 22.56 ? 66  LYS A CE  1 
ATOM   521  N NZ  . LYS A 1 66  ? -11.671 11.080  -1.767  1.00 28.45 ? 66  LYS A NZ  1 
ATOM   522  N N   . VAL A 1 67  ? -5.152  6.031   -1.124  1.00 21.50 ? 67  VAL A N   1 
ATOM   523  C CA  . VAL A 1 67  ? -4.035  5.251   -1.659  1.00 22.64 ? 67  VAL A CA  1 
ATOM   524  C C   . VAL A 1 67  ? -4.544  3.956   -2.286  1.00 22.91 ? 67  VAL A C   1 
ATOM   525  O O   . VAL A 1 67  ? -5.447  3.339   -1.748  1.00 24.37 ? 67  VAL A O   1 
ATOM   526  C CB  . VAL A 1 67  ? -3.041  4.844   -0.474  1.00 23.47 ? 67  VAL A CB  1 
ATOM   527  C CG1 . VAL A 1 67  ? -1.782  4.069   -1.044  1.00 26.17 ? 67  VAL A CG1 1 
ATOM   528  C CG2 . VAL A 1 67  ? -2.638  6.035   0.369   1.00 27.10 ? 67  VAL A CG2 1 
ATOM   529  N N   . ARG A 1 68  ? -3.957  3.572   -3.397  1.00 23.01 ? 68  ARG A N   1 
ATOM   530  C CA  . ARG A 1 68  ? -4.386  2.313   -4.063  1.00 24.78 ? 68  ARG A CA  1 
ATOM   531  C C   . ARG A 1 68  ? -3.219  1.702   -4.788  1.00 22.73 ? 68  ARG A C   1 
ATOM   532  O O   . ARG A 1 68  ? -2.284  2.408   -5.218  1.00 22.11 ? 68  ARG A O   1 
ATOM   533  C CB  . ARG A 1 68  ? -5.552  2.563   -5.070  1.00 25.27 ? 68  ARG A CB  1 
ATOM   534  C CG  . ARG A 1 68  ? -5.068  3.466   -6.214  1.00 30.36 ? 68  ARG A CG  1 
ATOM   535  C CD  . ARG A 1 68  ? -6.122  3.627   -7.232  1.00 42.48 ? 68  ARG A CD  1 
ATOM   536  N NE  . ARG A 1 68  ? -6.236  5.022   -7.616  1.00 45.00 ? 68  ARG A NE  1 
ATOM   537  C CZ  . ARG A 1 68  ? -7.403  5.560   -7.988  1.00 50.74 ? 68  ARG A CZ  1 
ATOM   538  N NH1 . ARG A 1 68  ? -8.484  4.751   -8.045  1.00 46.68 ? 68  ARG A NH1 1 
ATOM   539  N NH2 . ARG A 1 68  ? -7.455  6.862   -8.334  1.00 42.04 ? 68  ARG A NH2 1 
ATOM   540  N N   . PHE A 1 69  ? -3.265  0.366   -4.930  1.00 22.45 ? 69  PHE A N   1 
ATOM   541  C CA  . PHE A 1 69  ? -2.268  -0.336  -5.730  1.00 23.34 ? 69  PHE A CA  1 
ATOM   542  C C   . PHE A 1 69  ? -2.565  -0.198  -7.185  1.00 23.60 ? 69  PHE A C   1 
ATOM   543  O O   . PHE A 1 69  ? -3.745  -0.270  -7.602  1.00 25.38 ? 69  PHE A O   1 
ATOM   544  C CB  . PHE A 1 69  ? -2.314  -1.878  -5.453  1.00 23.38 ? 69  PHE A CB  1 
ATOM   545  C CG  . PHE A 1 69  ? -1.499  -2.277  -4.250  1.00 22.89 ? 69  PHE A CG  1 
ATOM   546  C CD1 . PHE A 1 69  ? -1.905  -1.897  -2.952  1.00 24.29 ? 69  PHE A CD1 1 
ATOM   547  C CD2 . PHE A 1 69  ? -0.287  -2.944  -4.410  1.00 23.31 ? 69  PHE A CD2 1 
ATOM   548  C CE1 . PHE A 1 69  ? -1.080  -2.217  -1.821  1.00 24.48 ? 69  PHE A CE1 1 
ATOM   549  C CE2 . PHE A 1 69  ? 0.485   -3.323  -3.247  1.00 22.07 ? 69  PHE A CE2 1 
ATOM   550  C CZ  . PHE A 1 69  ? 0.070   -2.901  -1.985  1.00 23.85 ? 69  PHE A CZ  1 
ATOM   551  N N   . LEU A 1 70  ? -1.497  -0.110  -7.912  1.00 22.50 ? 70  LEU A N   1 
ATOM   552  C CA  . LEU A 1 70  ? -1.537  -0.047  -9.404  1.00 26.48 ? 70  LEU A CA  1 
ATOM   553  C C   . LEU A 1 70  ? -1.061  -1.409  -9.953  1.00 28.52 ? 70  LEU A C   1 
ATOM   554  O O   . LEU A 1 70  ? -1.509  -1.857  -11.018 1.00 30.45 ? 70  LEU A O   1 
ATOM   555  C CB  . LEU A 1 70  ? -0.742  1.094   -9.951  1.00 23.09 ? 70  LEU A CB  1 
ATOM   556  C CG  . LEU A 1 70  ? -1.161  2.499   -9.464  1.00 23.69 ? 70  LEU A CG  1 
ATOM   557  C CD1 . LEU A 1 70  ? -0.372  3.421   -10.231 1.00 25.85 ? 70  LEU A CD1 1 
ATOM   558  C CD2 . LEU A 1 70  ? -2.597  2.536   -9.873  1.00 25.84 ? 70  LEU A CD2 1 
ATOM   559  N N   . THR A 1 71  ? -0.204  -2.066  -9.243  1.00 26.80 ? 71  THR A N   1 
ATOM   560  C CA  . THR A 1 71  ? 0.251   -3.411  -9.672  1.00 24.89 ? 71  THR A CA  1 
ATOM   561  C C   . THR A 1 71  ? -0.735  -4.471  -9.185  1.00 21.98 ? 71  THR A C   1 
ATOM   562  O O   . THR A 1 71  ? -1.146  -4.551  -8.002  1.00 22.96 ? 71  THR A O   1 
ATOM   563  C CB  . THR A 1 71  ? 1.655   -3.658  -9.037  1.00 25.07 ? 71  THR A CB  1 
ATOM   564  O OG1 . THR A 1 71  ? 2.495   -2.591  -9.423  1.00 24.32 ? 71  THR A OG1 1 
ATOM   565  C CG2 . THR A 1 71  ? 2.295   -4.961  -9.542  1.00 22.36 ? 71  THR A CG2 1 
ATOM   566  N N   . LYS A 1 72  ? -1.057  -5.440  -10.088 1.00 20.40 ? 72  LYS A N   1 
ATOM   567  C CA  . LYS A 1 72  ? -1.971  -6.495  -9.764  1.00 22.45 ? 72  LYS A CA  1 
ATOM   568  C C   . LYS A 1 72  ? -1.330  -7.391  -8.729  1.00 22.29 ? 72  LYS A C   1 
ATOM   569  O O   . LYS A 1 72  ? -0.110  -7.649  -8.825  1.00 23.82 ? 72  LYS A O   1 
ATOM   570  C CB  . LYS A 1 72  ? -2.242  -7.340  -11.091 1.00 22.46 ? 72  LYS A CB  1 
ATOM   571  C CG  . LYS A 1 72  ? -3.064  -8.693  -10.828 1.00 24.14 ? 72  LYS A CG  1 
ATOM   572  C CD  . LYS A 1 72  ? -3.361  -9.321  -12.290 1.00 25.98 ? 72  LYS A CD  1 
ATOM   573  C CE  . LYS A 1 72  ? -4.187  -10.573 -12.075 1.00 30.74 ? 72  LYS A CE  1 
ATOM   574  N NZ  . LYS A 1 72  ? -4.543  -11.308 -13.361 1.00 36.05 ? 72  LYS A NZ  1 
ATOM   575  N N   . ILE A 1 73  ? -2.105  -7.890  -7.771  1.00 22.35 ? 73  ILE A N   1 
ATOM   576  C CA  . ILE A 1 73  ? -1.546  -8.636  -6.634  1.00 22.39 ? 73  ILE A CA  1 
ATOM   577  C C   . ILE A 1 73  ? -2.604  -9.553  -6.004  1.00 22.40 ? 73  ILE A C   1 
ATOM   578  O O   . ILE A 1 73  ? -3.792  -9.208  -5.999  1.00 24.66 ? 73  ILE A O   1 
ATOM   579  C CB  . ILE A 1 73  ? -0.986  -7.629  -5.499  1.00 21.60 ? 73  ILE A CB  1 
ATOM   580  C CG1 . ILE A 1 73  ? -0.195  -8.449  -4.416  1.00 21.27 ? 73  ILE A CG1 1 
ATOM   581  C CG2 . ILE A 1 73  ? -2.153  -6.876  -4.723  1.00 22.07 ? 73  ILE A CG2 1 
ATOM   582  C CD1 . ILE A 1 73  ? 0.290   -7.495  -3.187  1.00 21.31 ? 73  ILE A CD1 1 
ATOM   583  N N   . TYR A 1 74  ? -2.224  -10.754 -5.533  1.00 21.38 ? 74  TYR A N   1 
ATOM   584  C CA  . TYR A 1 74  ? -3.176  -11.667 -4.970  1.00 22.47 ? 74  TYR A CA  1 
ATOM   585  C C   . TYR A 1 74  ? -2.928  -11.558 -3.471  1.00 23.57 ? 74  TYR A C   1 
ATOM   586  O O   . TYR A 1 74  ? -1.891  -12.036 -2.955  1.00 22.66 ? 74  TYR A O   1 
ATOM   587  C CB  . TYR A 1 74  ? -2.849  -13.113 -5.475  1.00 23.42 ? 74  TYR A CB  1 
ATOM   588  C CG  . TYR A 1 74  ? -4.016  -14.081 -5.321  1.00 24.83 ? 74  TYR A CG  1 
ATOM   589  C CD1 . TYR A 1 74  ? -5.138  -13.933 -6.117  1.00 27.56 ? 74  TYR A CD1 1 
ATOM   590  C CD2 . TYR A 1 74  ? -3.963  -15.114 -4.402  1.00 21.07 ? 74  TYR A CD2 1 
ATOM   591  C CE1 . TYR A 1 74  ? -6.222  -14.807 -6.039  1.00 24.66 ? 74  TYR A CE1 1 
ATOM   592  C CE2 . TYR A 1 74  ? -5.039  -16.032 -4.310  1.00 20.92 ? 74  TYR A CE2 1 
ATOM   593  C CZ  . TYR A 1 74  ? -6.136  -15.856 -5.141  1.00 22.63 ? 74  TYR A CZ  1 
ATOM   594  O OH  . TYR A 1 74  ? -7.162  -16.787 -4.950  1.00 23.84 ? 74  TYR A OH  1 
ATOM   595  N N   . HIS A 1 75  ? -3.857  -10.904 -2.763  1.00 20.60 ? 75  HIS A N   1 
ATOM   596  C CA  . HIS A 1 75  ? -3.699  -10.588 -1.359  1.00 20.41 ? 75  HIS A CA  1 
ATOM   597  C C   . HIS A 1 75  ? -5.117  -10.392 -0.753  1.00 21.49 ? 75  HIS A C   1 
ATOM   598  O O   . HIS A 1 75  ? -5.974  -9.805  -1.384  1.00 22.67 ? 75  HIS A O   1 
ATOM   599  C CB  . HIS A 1 75  ? -2.888  -9.232  -1.253  1.00 21.85 ? 75  HIS A CB  1 
ATOM   600  C CG  . HIS A 1 75  ? -2.494  -8.902  0.153   1.00 24.06 ? 75  HIS A CG  1 
ATOM   601  N ND1 . HIS A 1 75  ? -3.402  -8.536  1.127   1.00 20.83 ? 75  HIS A ND1 1 
ATOM   602  C CD2 . HIS A 1 75  ? -1.259  -8.949  0.787   1.00 24.90 ? 75  HIS A CD2 1 
ATOM   603  C CE1 . HIS A 1 75  ? -2.784  -8.394  2.302   1.00 23.28 ? 75  HIS A CE1 1 
ATOM   604  N NE2 . HIS A 1 75  ? -1.484  -8.659  2.132   1.00 22.43 ? 75  HIS A NE2 1 
ATOM   605  N N   . PRO A 1 76  ? -5.379  -10.886 0.424   1.00 21.49 ? 76  PRO A N   1 
ATOM   606  C CA  . PRO A 1 76  ? -6.801  -10.900 0.932   1.00 24.59 ? 76  PRO A CA  1 
ATOM   607  C C   . PRO A 1 76  ? -7.344  -9.450  1.211   1.00 26.09 ? 76  PRO A C   1 
ATOM   608  O O   . PRO A 1 76  ? -8.548  -9.287  1.387   1.00 26.96 ? 76  PRO A O   1 
ATOM   609  C CB  . PRO A 1 76  ? -6.691  -11.688 2.256   1.00 25.76 ? 76  PRO A CB  1 
ATOM   610  C CG  . PRO A 1 76  ? -5.215  -11.645 2.617   1.00 26.62 ? 76  PRO A CG  1 
ATOM   611  C CD  . PRO A 1 76  ? -4.467  -11.613 1.330   1.00 23.19 ? 76  PRO A CD  1 
ATOM   612  N N   . ASN A 1 77  ? -6.428  -8.457  1.350   1.00 25.05 ? 77  ASN A N   1 
ATOM   613  C CA  . ASN A 1 77  ? -6.833  -7.096  1.813   1.00 24.93 ? 77  ASN A CA  1 
ATOM   614  C C   . ASN A 1 77  ? -6.736  -6.101  0.697   1.00 24.42 ? 77  ASN A C   1 
ATOM   615  O O   . ASN A 1 77  ? -6.896  -4.873  0.935   1.00 27.48 ? 77  ASN A O   1 
ATOM   616  C CB  . ASN A 1 77  ? -5.893  -6.673  2.978   1.00 24.92 ? 77  ASN A CB  1 
ATOM   617  C CG  . ASN A 1 77  ? -6.093  -7.503  4.145   1.00 27.99 ? 77  ASN A CG  1 
ATOM   618  O OD1 . ASN A 1 77  ? -7.172  -7.474  4.811   1.00 40.68 ? 77  ASN A OD1 1 
ATOM   619  N ND2 . ASN A 1 77  ? -5.171  -8.323  4.401   1.00 21.83 ? 77  ASN A ND2 1 
ATOM   620  N N   . ILE A 1 78  ? -6.406  -6.576  -0.528  1.00 22.84 ? 78  ILE A N   1 
ATOM   621  C CA  . ILE A 1 78  ? -6.293  -5.742  -1.720  1.00 23.81 ? 78  ILE A CA  1 
ATOM   622  C C   . ILE A 1 78  ? -7.156  -6.300  -2.857  1.00 26.12 ? 78  ILE A C   1 
ATOM   623  O O   . ILE A 1 78  ? -7.016  -7.437  -3.232  1.00 25.58 ? 78  ILE A O   1 
ATOM   624  C CB  . ILE A 1 78  ? -4.856  -5.536  -2.213  1.00 23.24 ? 78  ILE A CB  1 
ATOM   625  C CG1 . ILE A 1 78  ? -3.954  -5.134  -0.961  1.00 23.37 ? 78  ILE A CG1 1 
ATOM   626  C CG2 . ILE A 1 78  ? -4.821  -4.629  -3.507  1.00 27.36 ? 78  ILE A CG2 1 
ATOM   627  C CD1 . ILE A 1 78  ? -2.429  -5.434  -1.182  1.00 25.59 ? 78  ILE A CD1 1 
ATOM   628  N N   . ASP A 1 79  ? -8.103  -5.484  -3.348  1.00 27.92 ? 79  ASP A N   1 
ATOM   629  C CA  . ASP A 1 79  ? -9.097  -6.043  -4.304  1.00 28.58 ? 79  ASP A CA  1 
ATOM   630  C C   . ASP A 1 79  ? -8.656  -5.878  -5.739  1.00 27.19 ? 79  ASP A C   1 
ATOM   631  O O   . ASP A 1 79  ? -7.558  -5.363  -6.010  1.00 27.01 ? 79  ASP A O   1 
ATOM   632  C CB  . ASP A 1 79  ? -10.512 -5.474  -3.936  1.00 29.68 ? 79  ASP A CB  1 
ATOM   633  C CG  . ASP A 1 79  ? -10.754 -4.024  -4.508  1.00 29.41 ? 79  ASP A CG  1 
ATOM   634  O OD1 . ASP A 1 79  ? -9.872  -3.456  -5.135  1.00 27.50 ? 79  ASP A OD1 1 
ATOM   635  O OD2 . ASP A 1 79  ? -11.830 -3.472  -4.291  1.00 28.76 ? 79  ASP A OD2 1 
ATOM   636  N N   . LYS A 1 80  ? -9.491  -6.301  -6.734  1.00 27.85 ? 80  LYS A N   1 
ATOM   637  C CA  . LYS A 1 80  ? -9.081  -6.294  -8.142  1.00 31.31 ? 80  LYS A CA  1 
ATOM   638  C C   . LYS A 1 80  ? -8.829  -4.934  -8.692  1.00 28.94 ? 80  LYS A C   1 
ATOM   639  O O   . LYS A 1 80  ? -8.207  -4.826  -9.696  1.00 29.53 ? 80  LYS A O   1 
ATOM   640  C CB  . LYS A 1 80  ? -10.215 -6.881  -9.070  1.00 31.78 ? 80  LYS A CB  1 
ATOM   641  C CG  . LYS A 1 80  ? -10.300 -8.390  -9.065  1.00 40.79 ? 80  LYS A CG  1 
ATOM   642  C CD  . LYS A 1 80  ? -10.918 -8.970  -10.463 1.00 38.74 ? 80  LYS A CD  1 
ATOM   643  C CE  . LYS A 1 80  ? -10.851 -10.547 -10.552 1.00 45.60 ? 80  LYS A CE  1 
ATOM   644  N NZ  . LYS A 1 80  ? -11.685 -11.049 -9.377  1.00 52.01 ? 80  LYS A NZ  1 
ATOM   645  N N   . LEU A 1 81  ? -9.390  -3.909  -8.050  1.00 29.42 ? 81  LEU A N   1 
ATOM   646  C CA  . LEU A 1 81  ? -9.214  -2.535  -8.504  1.00 29.16 ? 81  LEU A CA  1 
ATOM   647  C C   . LEU A 1 81  ? -8.062  -1.851  -7.672  1.00 32.01 ? 81  LEU A C   1 
ATOM   648  O O   . LEU A 1 81  ? -7.921  -0.575  -7.677  1.00 31.40 ? 81  LEU A O   1 
ATOM   649  C CB  . LEU A 1 81  ? -10.539 -1.841  -8.241  1.00 29.37 ? 81  LEU A CB  1 
ATOM   650  C CG  . LEU A 1 81  ? -11.750 -2.549  -8.913  1.00 35.09 ? 81  LEU A CG  1 
ATOM   651  C CD1 . LEU A 1 81  ? -13.163 -1.976  -8.489  1.00 35.41 ? 81  LEU A CD1 1 
ATOM   652  C CD2 . LEU A 1 81  ? -11.630 -2.504  -10.331 1.00 36.85 ? 81  LEU A CD2 1 
ATOM   653  N N   . GLY A 1 82  ? -7.247  -2.675  -6.971  1.00 29.36 ? 82  GLY A N   1 
ATOM   654  C CA  . GLY A 1 82  ? -6.143  -2.066  -6.157  1.00 28.48 ? 82  GLY A CA  1 
ATOM   655  C C   . GLY A 1 82  ? -6.556  -1.385  -4.872  1.00 28.09 ? 82  GLY A C   1 
ATOM   656  O O   . GLY A 1 82  ? -5.683  -0.759  -4.158  1.00 25.35 ? 82  GLY A O   1 
ATOM   657  N N   . ARG A 1 83  ? -7.818  -1.596  -4.456  1.00 24.67 ? 83  ARG A N   1 
ATOM   658  C CA  . ARG A 1 83  ? -8.274  -0.929  -3.237  1.00 25.54 ? 83  ARG A CA  1 
ATOM   659  C C   . ARG A 1 83  ? -7.797  -1.622  -1.945  1.00 23.87 ? 83  ARG A C   1 
ATOM   660  O O   . ARG A 1 83  ? -7.752  -2.846  -1.890  1.00 24.06 ? 83  ARG A O   1 
ATOM   661  C CB  . ARG A 1 83  ? -9.821  -0.762  -3.267  1.00 26.91 ? 83  ARG A CB  1 
ATOM   662  N N   . ILE A 1 84  ? -7.282  -0.865  -0.971  1.00 24.10 ? 84  ILE A N   1 
ATOM   663  C CA  . ILE A 1 84  ? -6.604  -1.422  0.165   1.00 23.92 ? 84  ILE A CA  1 
ATOM   664  C C   . ILE A 1 84  ? -7.540  -1.359  1.372   1.00 28.86 ? 84  ILE A C   1 
ATOM   665  O O   . ILE A 1 84  ? -7.850  -0.269  1.863   1.00 28.06 ? 84  ILE A O   1 
ATOM   666  C CB  . ILE A 1 84  ? -5.325  -0.589  0.509   1.00 25.57 ? 84  ILE A CB  1 
ATOM   667  C CG1 . ILE A 1 84  ? -4.412  -0.491  -0.711  1.00 23.09 ? 84  ILE A CG1 1 
ATOM   668  C CG2 . ILE A 1 84  ? -4.513  -1.176  1.706   1.00 25.01 ? 84  ILE A CG2 1 
ATOM   669  C CD1 . ILE A 1 84  ? -3.265  0.502   -0.618  1.00 23.89 ? 84  ILE A CD1 1 
ATOM   670  N N   . CYS A 1 85  ? -7.869  -2.515  1.919   1.00 29.49 ? 85  CYS A N   1 
ATOM   671  C CA  . CYS A 1 85  ? -8.693  -2.583  3.116   1.00 30.75 ? 85  CYS A CA  1 
ATOM   672  C C   . CYS A 1 85  ? -7.779  -2.490  4.352   1.00 31.27 ? 85  CYS A C   1 
ATOM   673  O O   . CYS A 1 85  ? -7.233  -3.506  4.849   1.00 30.89 ? 85  CYS A O   1 
ATOM   674  C CB  . CYS A 1 85  ? -9.493  -3.897  3.035   1.00 33.80 ? 85  CYS A CB  1 
ATOM   675  S SG  . CYS A 1 85  ? -10.669 -4.090  4.408   1.00 40.53 ? 85  CYS A SG  1 
ATOM   676  N N   . LEU A 1 86  ? -7.654  -1.284  4.879   1.00 28.38 ? 86  LEU A N   1 
ATOM   677  C CA  . LEU A 1 86  ? -6.870  -1.013  5.968   1.00 28.77 ? 86  LEU A CA  1 
ATOM   678  C C   . LEU A 1 86  ? -7.467  0.050   6.854   1.00 28.21 ? 86  LEU A C   1 
ATOM   679  O O   . LEU A 1 86  ? -7.831  1.167   6.398   1.00 26.93 ? 86  LEU A O   1 
ATOM   680  C CB  . LEU A 1 86  ? -5.529  -0.554  5.441   1.00 31.58 ? 86  LEU A CB  1 
ATOM   681  C CG  . LEU A 1 86  ? -4.293  -0.446  6.261   1.00 32.37 ? 86  LEU A CG  1 
ATOM   682  C CD1 . LEU A 1 86  ? -3.935  -1.763  7.048   1.00 28.69 ? 86  LEU A CD1 1 
ATOM   683  C CD2 . LEU A 1 86  ? -3.238  -0.024  5.284   1.00 27.60 ? 86  LEU A CD2 1 
ATOM   684  N N   . ASP A 1 87  ? -7.639  -0.265  8.155   1.00 26.33 ? 87  ASP A N   1 
ATOM   685  C CA  . ASP A 1 87  ? -8.375  0.716   9.036   1.00 27.25 ? 87  ASP A CA  1 
ATOM   686  C C   . ASP A 1 87  ? -7.860  2.115   9.220   1.00 27.68 ? 87  ASP A C   1 
ATOM   687  O O   . ASP A 1 87  ? -8.630  3.028   9.348   1.00 26.92 ? 87  ASP A O   1 
ATOM   688  C CB  . ASP A 1 87  ? -8.747  0.116   10.416  1.00 29.03 ? 87  ASP A CB  1 
ATOM   689  C CG  . ASP A 1 87  ? -9.914  -0.860  10.340  1.00 36.29 ? 87  ASP A CG  1 
ATOM   690  O OD1 . ASP A 1 87  ? -10.713 -0.909  9.347   1.00 37.45 ? 87  ASP A OD1 1 
ATOM   691  O OD2 . ASP A 1 87  ? -10.015 -1.631  11.263  1.00 38.74 ? 87  ASP A OD2 1 
ATOM   692  N N   . ILE A 1 88  ? -6.513  2.327   9.195   1.00 24.97 ? 88  ILE A N   1 
ATOM   693  C CA  . ILE A 1 88  ? -5.990  3.605   9.301   1.00 25.81 ? 88  ILE A CA  1 
ATOM   694  C C   . ILE A 1 88  ? -6.203  4.497   8.055   1.00 27.75 ? 88  ILE A C   1 
ATOM   695  O O   . ILE A 1 88  ? -5.906  5.686   8.125   1.00 26.59 ? 88  ILE A O   1 
ATOM   696  C CB  . ILE A 1 88  ? -4.515  3.597   9.717   1.00 27.14 ? 88  ILE A CB  1 
ATOM   697  C CG1 . ILE A 1 88  ? -3.588  2.892   8.673   1.00 24.84 ? 88  ILE A CG1 1 
ATOM   698  C CG2 . ILE A 1 88  ? -4.360  3.035   11.222  1.00 23.12 ? 88  ILE A CG2 1 
ATOM   699  C CD1 . ILE A 1 88  ? -2.034  3.230   8.970   1.00 23.65 ? 88  ILE A CD1 1 
ATOM   700  N N   . LEU A 1 89  ? -6.658  3.893   6.932   1.00 26.72 ? 89  LEU A N   1 
ATOM   701  C CA  . LEU A 1 89  ? -7.028  4.675   5.749   1.00 27.38 ? 89  LEU A CA  1 
ATOM   702  C C   . LEU A 1 89  ? -8.516  5.057   5.806   1.00 29.11 ? 89  LEU A C   1 
ATOM   703  O O   . LEU A 1 89  ? -9.041  5.695   4.847   1.00 26.82 ? 89  LEU A O   1 
ATOM   704  C CB  . LEU A 1 89  ? -6.752  3.884   4.452   1.00 26.40 ? 89  LEU A CB  1 
ATOM   705  C CG  . LEU A 1 89  ? -5.209  3.790   4.178   1.00 24.87 ? 89  LEU A CG  1 
ATOM   706  C CD1 . LEU A 1 89  ? -5.001  2.903   2.926   1.00 24.20 ? 89  LEU A CD1 1 
ATOM   707  C CD2 . LEU A 1 89  ? -4.631  5.126   4.049   1.00 31.07 ? 89  LEU A CD2 1 
ATOM   708  N N   . LYS A 1 90  ? -9.212  4.647   6.876   1.00 30.58 ? 90  LYS A N   1 
ATOM   709  C CA  . LYS A 1 90  ? -10.663 4.907   7.002   1.00 33.60 ? 90  LYS A CA  1 
ATOM   710  C C   . LYS A 1 90  ? -10.929 5.387   8.410   1.00 33.15 ? 90  LYS A C   1 
ATOM   711  O O   . LYS A 1 90  ? -10.428 6.408   8.810   1.00 32.91 ? 90  LYS A O   1 
ATOM   712  C CB  . LYS A 1 90  ? -11.476 3.626   6.739   1.00 35.46 ? 90  LYS A CB  1 
ATOM   713  C CG  . LYS A 1 90  ? -11.061 2.719   5.548   1.00 40.94 ? 90  LYS A CG  1 
ATOM   714  C CD  . LYS A 1 90  ? -11.577 1.244   5.741   1.00 39.68 ? 90  LYS A CD  1 
ATOM   715  C CE  . LYS A 1 90  ? -10.859 0.270   4.779   1.00 36.91 ? 90  LYS A CE  1 
ATOM   716  N NZ  . LYS A 1 90  ? -9.654  0.838   4.272   1.00 44.48 ? 90  LYS A NZ  1 
ATOM   717  N N   . ASP A 1 91  ? -11.671 4.635   9.185   1.00 34.24 ? 91  ASP A N   1 
ATOM   718  C CA  . ASP A 1 91  ? -12.147 5.219   10.433  1.00 37.20 ? 91  ASP A CA  1 
ATOM   719  C C   . ASP A 1 91  ? -11.122 5.256   11.536  1.00 36.41 ? 91  ASP A C   1 
ATOM   720  O O   . ASP A 1 91  ? -11.379 5.948   12.539  1.00 37.47 ? 91  ASP A O   1 
ATOM   721  C CB  . ASP A 1 91  ? -13.366 4.489   10.941  1.00 39.86 ? 91  ASP A CB  1 
ATOM   722  C CG  . ASP A 1 91  ? -14.584 4.692   10.043  1.00 47.75 ? 91  ASP A CG  1 
ATOM   723  O OD1 . ASP A 1 91  ? -14.717 5.750   9.334   1.00 56.31 ? 91  ASP A OD1 1 
ATOM   724  O OD2 . ASP A 1 91  ? -15.388 3.752   10.058  1.00 55.83 ? 91  ASP A OD2 1 
ATOM   725  N N   . LYS A 1 92  ? -9.974  4.533   11.426  1.00 33.00 ? 92  LYS A N   1 
ATOM   726  C CA  . LYS A 1 92  ? -8.885  4.732   12.435  1.00 30.68 ? 92  LYS A CA  1 
ATOM   727  C C   . LYS A 1 92  ? -7.798  5.741   11.991  1.00 29.47 ? 92  LYS A C   1 
ATOM   728  O O   . LYS A 1 92  ? -6.782  5.965   12.702  1.00 31.10 ? 92  LYS A O   1 
ATOM   729  C CB  . LYS A 1 92  ? -8.306  3.341   12.859  1.00 28.03 ? 92  LYS A CB  1 
ATOM   730  C CG  . LYS A 1 92  ? -9.323  2.399   13.378  1.00 29.97 ? 92  LYS A CG  1 
ATOM   731  C CD  . LYS A 1 92  ? -8.734  1.185   14.055  1.00 32.05 ? 92  LYS A CD  1 
ATOM   732  C CE  . LYS A 1 92  ? -9.894  0.375   14.665  1.00 37.21 ? 92  LYS A CE  1 
ATOM   733  N NZ  . LYS A 1 92  ? -9.517  -1.021  15.056  1.00 37.54 ? 92  LYS A NZ  1 
ATOM   734  N N   . TRP A 1 93  ? -8.010  6.432   10.840  1.00 29.05 ? 93  TRP A N   1 
ATOM   735  C CA  . TRP A 1 93  ? -7.156  7.536   10.515  1.00 28.79 ? 93  TRP A CA  1 
ATOM   736  C C   . TRP A 1 93  ? -7.261  8.581   11.646  1.00 31.92 ? 93  TRP A C   1 
ATOM   737  O O   . TRP A 1 93  ? -8.325  8.727   12.306  1.00 32.52 ? 93  TRP A O   1 
ATOM   738  C CB  . TRP A 1 93  ? -7.563  8.213   9.174   1.00 27.99 ? 93  TRP A CB  1 
ATOM   739  C CG  . TRP A 1 93  ? -6.825  9.438   8.939   1.00 25.10 ? 93  TRP A CG  1 
ATOM   740  C CD1 . TRP A 1 93  ? -7.295  10.754  9.085   1.00 26.87 ? 93  TRP A CD1 1 
ATOM   741  C CD2 . TRP A 1 93  ? -5.443  9.548   8.610   1.00 28.65 ? 93  TRP A CD2 1 
ATOM   742  N NE1 . TRP A 1 93  ? -6.281  11.625  8.822   1.00 27.64 ? 93  TRP A NE1 1 
ATOM   743  C CE2 . TRP A 1 93  ? -5.130  10.926  8.556   1.00 25.61 ? 93  TRP A CE2 1 
ATOM   744  C CE3 . TRP A 1 93  ? -4.402  8.610   8.343   1.00 25.01 ? 93  TRP A CE3 1 
ATOM   745  C CZ2 . TRP A 1 93  ? -3.856  11.406  8.187   1.00 26.52 ? 93  TRP A CZ2 1 
ATOM   746  C CZ3 . TRP A 1 93  ? -3.133  9.117   7.998   1.00 26.06 ? 93  TRP A CZ3 1 
ATOM   747  C CH2 . TRP A 1 93  ? -2.873  10.498  7.932   1.00 27.01 ? 93  TRP A CH2 1 
ATOM   748  N N   . SER A 1 94  ? -6.157  9.224   11.917  1.00 33.74 ? 94  SER A N   1 
ATOM   749  C CA  . SER A 1 94  ? -6.201  10.514  12.618  1.00 35.26 ? 94  SER A CA  1 
ATOM   750  C C   . SER A 1 94  ? -5.099  11.428  12.085  1.00 34.41 ? 94  SER A C   1 
ATOM   751  O O   . SER A 1 94  ? -4.088  10.966  11.557  1.00 33.11 ? 94  SER A O   1 
ATOM   752  C CB  . SER A 1 94  ? -6.140  10.282  14.150  1.00 35.77 ? 94  SER A CB  1 
ATOM   753  O OG  . SER A 1 94  ? -4.913  10.702  14.678  1.00 40.35 ? 94  SER A OG  1 
ATOM   754  N N   . PRO A 1 95  ? -5.225  12.766  12.244  1.00 32.79 ? 95  PRO A N   1 
ATOM   755  C CA  . PRO A 1 95  ? -4.194  13.738  11.803  1.00 33.35 ? 95  PRO A CA  1 
ATOM   756  C C   . PRO A 1 95  ? -2.834  13.659  12.507  1.00 33.47 ? 95  PRO A C   1 
ATOM   757  O O   . PRO A 1 95  ? -1.826  14.275  12.085  1.00 33.39 ? 95  PRO A O   1 
ATOM   758  C CB  . PRO A 1 95  ? -4.844  15.129  12.108  1.00 34.28 ? 95  PRO A CB  1 
ATOM   759  C CG  . PRO A 1 95  ? -6.145  14.802  12.815  1.00 32.13 ? 95  PRO A CG  1 
ATOM   760  C CD  . PRO A 1 95  ? -6.429  13.384  12.886  1.00 33.89 ? 95  PRO A CD  1 
ATOM   761  N N   . ALA A 1 96  ? -2.816  12.924  13.616  1.00 32.71 ? 96  ALA A N   1 
ATOM   762  C CA  . ALA A 1 96  ? -1.571  12.590  14.304  1.00 32.96 ? 96  ALA A CA  1 
ATOM   763  C C   . ALA A 1 96  ? -0.724  11.541  13.559  1.00 32.18 ? 96  ALA A C   1 
ATOM   764  O O   . ALA A 1 96  ? 0.483   11.459  13.799  1.00 31.56 ? 96  ALA A O   1 
ATOM   765  C CB  . ALA A 1 96  ? -1.884  12.112  15.764  1.00 33.26 ? 96  ALA A CB  1 
ATOM   766  N N   . LEU A 1 97  ? -1.381  10.775  12.672  1.00 30.42 ? 97  LEU A N   1 
ATOM   767  C CA  . LEU A 1 97  ? -0.657  9.848   11.753  1.00 29.47 ? 97  LEU A CA  1 
ATOM   768  C C   . LEU A 1 97  ? -0.128  10.659  10.537  1.00 30.86 ? 97  LEU A C   1 
ATOM   769  O O   . LEU A 1 97  ? -0.332  11.929  10.360  1.00 32.60 ? 97  LEU A O   1 
ATOM   770  C CB  . LEU A 1 97  ? -1.641  8.727   11.318  1.00 27.84 ? 97  LEU A CB  1 
ATOM   771  C CG  . LEU A 1 97  ? -2.346  7.831   12.376  1.00 24.32 ? 97  LEU A CG  1 
ATOM   772  C CD1 . LEU A 1 97  ? -3.125  6.673   11.710  1.00 27.47 ? 97  LEU A CD1 1 
ATOM   773  C CD2 . LEU A 1 97  ? -1.355  7.299   13.436  1.00 27.49 ? 97  LEU A CD2 1 
ATOM   774  N N   . GLN A 1 98  ? 0.649   10.019  9.700   1.00 29.28 ? 98  GLN A N   1 
ATOM   775  C CA  . GLN A 1 98  ? 1.148   10.740  8.543   1.00 30.34 ? 98  GLN A CA  1 
ATOM   776  C C   . GLN A 1 98  ? 1.359   9.730   7.430   1.00 26.24 ? 98  GLN A C   1 
ATOM   777  O O   . GLN A 1 98  ? 1.161   8.516   7.626   1.00 27.45 ? 98  GLN A O   1 
ATOM   778  C CB  . GLN A 1 98  ? 2.445   11.429  8.842   1.00 32.07 ? 98  GLN A CB  1 
ATOM   779  C CG  . GLN A 1 98  ? 3.549   10.526  9.430   1.00 32.62 ? 98  GLN A CG  1 
ATOM   780  C CD  . GLN A 1 98  ? 4.888   11.345  9.713   1.00 39.04 ? 98  GLN A CD  1 
ATOM   781  O OE1 . GLN A 1 98  ? 4.929   12.575  9.536   1.00 47.61 ? 98  GLN A OE1 1 
ATOM   782  N NE2 . GLN A 1 98  ? 5.956   10.632  10.109  1.00 44.99 ? 98  GLN A NE2 1 
ATOM   783  N N   . ILE A 1 99  ? 1.781   10.238  6.310   1.00 24.98 ? 99  ILE A N   1 
ATOM   784  C CA  . ILE A 1 99  ? 1.914   9.468   5.090   1.00 25.34 ? 99  ILE A CA  1 
ATOM   785  C C   . ILE A 1 99  ? 2.911   8.337   5.354   1.00 25.05 ? 99  ILE A C   1 
ATOM   786  O O   . ILE A 1 99  ? 2.650   7.209   4.974   1.00 21.73 ? 99  ILE A O   1 
ATOM   787  C CB  . ILE A 1 99  ? 2.450   10.324  3.893   1.00 25.37 ? 99  ILE A CB  1 
ATOM   788  C CG1 . ILE A 1 99  ? 1.378   11.353  3.492   1.00 27.71 ? 99  ILE A CG1 1 
ATOM   789  C CG2 . ILE A 1 99  ? 2.877   9.349   2.772   1.00 26.89 ? 99  ILE A CG2 1 
ATOM   790  C CD1 . ILE A 1 99  ? 2.008   12.379  2.375   1.00 28.01 ? 99  ILE A CD1 1 
ATOM   791  N N   . ARG A 1 100 ? 4.023   8.649   6.022   1.00 23.17 ? 100 ARG A N   1 
ATOM   792  C CA  . ARG A 1 100 ? 5.050   7.637   6.283   1.00 25.31 ? 100 ARG A CA  1 
ATOM   793  C C   . ARG A 1 100 ? 4.417   6.433   7.010   1.00 23.76 ? 100 ARG A C   1 
ATOM   794  O O   . ARG A 1 100 ? 4.786   5.274   6.703   1.00 21.92 ? 100 ARG A O   1 
ATOM   795  C CB  . ARG A 1 100 ? 6.187   8.115   7.222   1.00 24.33 ? 100 ARG A CB  1 
ATOM   796  C CG  . ARG A 1 100 ? 7.401   7.247   7.229   1.00 28.20 ? 100 ARG A CG  1 
ATOM   797  C CD  . ARG A 1 100 ? 8.480   7.973   8.143   1.00 29.38 ? 100 ARG A CD  1 
ATOM   798  N NE  . ARG A 1 100 ? 9.734   7.237   8.069   1.00 30.24 ? 100 ARG A NE  1 
ATOM   799  C CZ  . ARG A 1 100 ? 10.739  7.525   7.233   1.00 28.58 ? 100 ARG A CZ  1 
ATOM   800  N NH1 . ARG A 1 100 ? 10.740  8.575   6.365   1.00 28.90 ? 100 ARG A NH1 1 
ATOM   801  N NH2 . ARG A 1 100 ? 11.797  6.730   7.270   1.00 28.76 ? 100 ARG A NH2 1 
ATOM   802  N N   . THR A 1 101 ? 3.591   6.703   8.012   1.00 23.14 ? 101 THR A N   1 
ATOM   803  C CA  . THR A 1 101 ? 2.901   5.634   8.810   1.00 24.34 ? 101 THR A CA  1 
ATOM   804  C C   . THR A 1 101 ? 2.036   4.758   7.881   1.00 24.50 ? 101 THR A C   1 
ATOM   805  O O   . THR A 1 101 ? 2.078   3.525   7.973   1.00 19.93 ? 101 THR A O   1 
ATOM   806  C CB  . THR A 1 101 ? 2.111   6.247   9.954   1.00 26.94 ? 101 THR A CB  1 
ATOM   807  O OG1 . THR A 1 101 ? 3.075   7.039   10.711  1.00 31.98 ? 101 THR A OG1 1 
ATOM   808  C CG2 . THR A 1 101 ? 1.503   5.154   10.877  1.00 23.50 ? 101 THR A CG2 1 
ATOM   809  N N   . VAL A 1 102 ? 1.279   5.421   7.016   1.00 22.59 ? 102 VAL A N   1 
ATOM   810  C CA  . VAL A 1 102 ? 0.451   4.655   6.063   1.00 23.34 ? 102 VAL A CA  1 
ATOM   811  C C   . VAL A 1 102 ? 1.314   3.755   5.145   1.00 22.10 ? 102 VAL A C   1 
ATOM   812  O O   . VAL A 1 102 ? 0.987   2.610   4.942   1.00 21.61 ? 102 VAL A O   1 
ATOM   813  C CB  . VAL A 1 102 ? -0.350  5.640   5.226   1.00 26.10 ? 102 VAL A CB  1 
ATOM   814  C CG1 . VAL A 1 102 ? -1.085  4.842   4.099   1.00 25.17 ? 102 VAL A CG1 1 
ATOM   815  C CG2 . VAL A 1 102 ? -1.379  6.313   6.152   1.00 25.87 ? 102 VAL A CG2 1 
ATOM   816  N N   . LEU A 1 103 ? 2.464   4.245   4.668   1.00 21.01 ? 103 LEU A N   1 
ATOM   817  C CA  . LEU A 1 103 ? 3.314   3.454   3.780   1.00 21.45 ? 103 LEU A CA  1 
ATOM   818  C C   . LEU A 1 103 ? 3.961   2.296   4.558   1.00 23.18 ? 103 LEU A C   1 
ATOM   819  O O   . LEU A 1 103 ? 4.062   1.181   4.032   1.00 20.74 ? 103 LEU A O   1 
ATOM   820  C CB  . LEU A 1 103 ? 4.424   4.331   3.155   1.00 21.92 ? 103 LEU A CB  1 
ATOM   821  C CG  . LEU A 1 103 ? 3.858   5.500   2.343   1.00 22.35 ? 103 LEU A CG  1 
ATOM   822  C CD1 . LEU A 1 103 ? 4.902   6.243   1.615   1.00 24.83 ? 103 LEU A CD1 1 
ATOM   823  C CD2 . LEU A 1 103 ? 2.760   4.943   1.248   1.00 26.53 ? 103 LEU A CD2 1 
ATOM   824  N N   . LEU A 1 104 ? 4.399   2.548   5.814   1.00 22.60 ? 104 LEU A N   1 
ATOM   825  C CA  . LEU A 1 104 ? 4.924   1.434   6.599   1.00 21.71 ? 104 LEU A CA  1 
ATOM   826  C C   . LEU A 1 104 ? 3.836   0.371   6.884   1.00 20.16 ? 104 LEU A C   1 
ATOM   827  O O   . LEU A 1 104 ? 4.132   -0.866  6.866   1.00 20.05 ? 104 LEU A O   1 
ATOM   828  C CB  . LEU A 1 104 ? 5.334   1.964   8.008   1.00 20.23 ? 104 LEU A CB  1 
ATOM   829  C CG  . LEU A 1 104 ? 6.706   2.766   8.001   1.00 22.30 ? 104 LEU A CG  1 
ATOM   830  C CD1 . LEU A 1 104 ? 6.850   3.332   9.478   1.00 27.41 ? 104 LEU A CD1 1 
ATOM   831  C CD2 . LEU A 1 104 ? 7.948   2.014   7.607   1.00 22.85 ? 104 LEU A CD2 1 
ATOM   832  N N   . SER A 1 105 ? 2.611   0.824   7.125   1.00 20.20 ? 105 SER A N   1 
ATOM   833  C CA  . SER A 1 105 ? 1.532   -0.110  7.386   1.00 19.30 ? 105 SER A CA  1 
ATOM   834  C C   . SER A 1 105 ? 1.227   -0.988  6.137   1.00 21.55 ? 105 SER A C   1 
ATOM   835  O O   . SER A 1 105 ? 1.055   -2.199  6.239   1.00 20.00 ? 105 SER A O   1 
ATOM   836  C CB  . SER A 1 105 ? 0.307   0.749   7.812   1.00 21.80 ? 105 SER A CB  1 
ATOM   837  O OG  . SER A 1 105 ? -0.857  -0.077  7.932   1.00 25.72 ? 105 SER A OG  1 
ATOM   838  N N   . ILE A 1 106 ? 1.144   -0.348  4.983   1.00 20.83 ? 106 ILE A N   1 
ATOM   839  C CA  . ILE A 1 106 ? 0.976   -1.076  3.721   1.00 21.57 ? 106 ILE A CA  1 
ATOM   840  C C   . ILE A 1 106 ? 2.065   -2.034  3.481   1.00 21.21 ? 106 ILE A C   1 
ATOM   841  O O   . ILE A 1 106 ? 1.829   -3.241  3.118   1.00 21.51 ? 106 ILE A O   1 
ATOM   842  C CB  . ILE A 1 106 ? 0.798   -0.106  2.488   1.00 22.75 ? 106 ILE A CB  1 
ATOM   843  C CG1 . ILE A 1 106 ? -0.545  0.654   2.669   1.00 21.53 ? 106 ILE A CG1 1 
ATOM   844  C CG2 . ILE A 1 106 ? 0.715   -0.923  1.161   1.00 22.24 ? 106 ILE A CG2 1 
ATOM   845  C CD1 . ILE A 1 106 ? -0.575  1.976   1.828   1.00 23.22 ? 106 ILE A CD1 1 
ATOM   846  N N   . GLN A 1 107 ? 3.306   -1.579  3.624   1.00 19.66 ? 107 GLN A N   1 
ATOM   847  C CA  . GLN A 1 107 ? 4.450   -2.530  3.551   1.00 20.24 ? 107 GLN A CA  1 
ATOM   848  C C   . GLN A 1 107 ? 4.343   -3.735  4.490   1.00 20.08 ? 107 GLN A C   1 
ATOM   849  O O   . GLN A 1 107 ? 4.586   -4.896  4.048   1.00 19.27 ? 107 GLN A O   1 
ATOM   850  C CB  . GLN A 1 107 ? 5.779   -1.785  3.854   1.00 20.42 ? 107 GLN A CB  1 
ATOM   851  C CG  . GLN A 1 107 ? 7.077   -2.681  3.805   1.00 21.55 ? 107 GLN A CG  1 
ATOM   852  C CD  . GLN A 1 107 ? 8.292   -1.724  4.097   1.00 21.90 ? 107 GLN A CD  1 
ATOM   853  O OE1 . GLN A 1 107 ? 8.212   -0.948  5.047   1.00 22.42 ? 107 GLN A OE1 1 
ATOM   854  N NE2 . GLN A 1 107 ? 9.334   -1.745  3.240   1.00 24.18 ? 107 GLN A NE2 1 
ATOM   855  N N   . ALA A 1 108 ? 3.878   -3.522  5.718   1.00 20.64 ? 108 ALA A N   1 
ATOM   856  C CA  . ALA A 1 108 ? 3.718   -4.625  6.678   1.00 20.10 ? 108 ALA A CA  1 
ATOM   857  C C   . ALA A 1 108 ? 2.504   -5.475  6.397   1.00 21.68 ? 108 ALA A C   1 
ATOM   858  O O   . ALA A 1 108 ? 2.480   -6.667  6.682   1.00 24.26 ? 108 ALA A O   1 
ATOM   859  C CB  . ALA A 1 108 ? 3.629   -4.031  8.140   1.00 21.07 ? 108 ALA A CB  1 
ATOM   860  N N   . LEU A 1 109 ? 1.506   -4.855  5.798   1.00 21.89 ? 109 LEU A N   1 
ATOM   861  C CA  . LEU A 1 109 ? 0.316   -5.631  5.333   1.00 22.00 ? 109 LEU A CA  1 
ATOM   862  C C   . LEU A 1 109 ? 0.672   -6.707  4.335   1.00 22.47 ? 109 LEU A C   1 
ATOM   863  O O   . LEU A 1 109 ? 0.054   -7.797  4.358   1.00 24.49 ? 109 LEU A O   1 
ATOM   864  C CB  . LEU A 1 109 ? -0.760  -4.658  4.748   1.00 21.46 ? 109 LEU A CB  1 
ATOM   865  C CG  . LEU A 1 109 ? -2.147  -5.288  4.421   1.00 26.98 ? 109 LEU A CG  1 
ATOM   866  C CD1 . LEU A 1 109 ? -2.827  -5.820  5.677   1.00 28.37 ? 109 LEU A CD1 1 
ATOM   867  C CD2 . LEU A 1 109 ? -2.928  -4.119  3.815   1.00 26.30 ? 109 LEU A CD2 1 
ATOM   868  N N   . LEU A 1 110 ? 1.673   -6.437  3.501   1.00 21.81 ? 110 LEU A N   1 
ATOM   869  C CA  . LEU A 1 110 ? 2.243   -7.393  2.594   1.00 23.24 ? 110 LEU A CA  1 
ATOM   870  C C   . LEU A 1 110 ? 2.858   -8.625  3.307   1.00 26.46 ? 110 LEU A C   1 
ATOM   871  O O   . LEU A 1 110 ? 2.775   -9.741  2.751   1.00 25.99 ? 110 LEU A O   1 
ATOM   872  C CB  . LEU A 1 110 ? 3.216   -6.819  1.601   1.00 23.24 ? 110 LEU A CB  1 
ATOM   873  C CG  . LEU A 1 110 ? 2.695   -5.693  0.648   1.00 23.12 ? 110 LEU A CG  1 
ATOM   874  C CD1 . LEU A 1 110 ? 3.804   -5.147  -0.218  1.00 26.16 ? 110 LEU A CD1 1 
ATOM   875  C CD2 . LEU A 1 110 ? 1.454   -6.225  -0.204  1.00 25.16 ? 110 LEU A CD2 1 
ATOM   876  N N   . SER A 1 111 ? 3.385   -8.431  4.525   1.00 25.76 ? 111 SER A N   1 
ATOM   877  C CA  . SER A 1 111 ? 3.826   -9.608  5.411   1.00 27.35 ? 111 SER A CA  1 
ATOM   878  C C   . SER A 1 111 ? 2.822   -10.189 6.358   1.00 30.17 ? 111 SER A C   1 
ATOM   879  O O   . SER A 1 111 ? 2.979   -11.379 6.837   1.00 31.91 ? 111 SER A O   1 
ATOM   880  C CB  . SER A 1 111 ? 5.077   -9.203  6.291   1.00 28.84 ? 111 SER A CB  1 
ATOM   881  O OG  . SER A 1 111 ? 6.155   -9.070  5.446   1.00 32.85 ? 111 SER A OG  1 
ATOM   882  N N   . SER A 1 112 ? 1.833   -9.386  6.737   1.00 29.04 ? 112 SER A N   1 
ATOM   883  C CA  . SER A 1 112 ? 0.894   -9.812  7.727   1.00 29.90 ? 112 SER A CA  1 
ATOM   884  C C   . SER A 1 112 ? -0.556  -9.594  7.194   1.00 28.89 ? 112 SER A C   1 
ATOM   885  O O   . SER A 1 112 ? -1.269  -8.648  7.597   1.00 31.04 ? 112 SER A O   1 
ATOM   886  C CB  . SER A 1 112 ? 1.322   -9.207  9.125   1.00 31.04 ? 112 SER A CB  1 
ATOM   887  O OG  . SER A 1 112 ? 0.202   -8.746  9.768   1.00 45.16 ? 112 SER A OG  1 
ATOM   888  N N   . PRO A 1 113 ? -0.950  -10.393 6.167   1.00 31.26 ? 113 PRO A N   1 
ATOM   889  C CA  . PRO A 1 113 ? -2.332  -10.224 5.634   1.00 32.92 ? 113 PRO A CA  1 
ATOM   890  C C   . PRO A 1 113 ? -3.342  -10.482 6.777   1.00 35.35 ? 113 PRO A C   1 
ATOM   891  O O   . PRO A 1 113 ? -3.060  -11.265 7.674   1.00 35.28 ? 113 PRO A O   1 
ATOM   892  C CB  . PRO A 1 113 ? -2.417  -11.280 4.527   1.00 33.16 ? 113 PRO A CB  1 
ATOM   893  C CG  . PRO A 1 113 ? -0.963  -11.451 4.053   1.00 34.99 ? 113 PRO A CG  1 
ATOM   894  C CD  . PRO A 1 113 ? -0.200  -11.411 5.422   1.00 29.10 ? 113 PRO A CD  1 
ATOM   895  N N   . GLU A 1 114 ? -4.512  -9.844  6.712   1.00 37.34 ? 114 GLU A N   1 
ATOM   896  C CA  . GLU A 1 114 ? -5.631  -10.080 7.682   1.00 38.59 ? 114 GLU A CA  1 
ATOM   897  C C   . GLU A 1 114 ? -6.898  -10.666 6.940   1.00 39.70 ? 114 GLU A C   1 
ATOM   898  O O   . GLU A 1 114 ? -7.744  -9.883  6.559   1.00 38.52 ? 114 GLU A O   1 
ATOM   899  C CB  . GLU A 1 114 ? -6.006  -8.749  8.349   1.00 38.50 ? 114 GLU A CB  1 
ATOM   900  C CG  . GLU A 1 114 ? -4.908  -8.177  9.334   1.00 38.51 ? 114 GLU A CG  1 
ATOM   901  C CD  . GLU A 1 114 ? -4.717  -9.024  10.601  1.00 41.29 ? 114 GLU A CD  1 
ATOM   902  O OE1 . GLU A 1 114 ? -5.401  -10.053 10.743  1.00 41.39 ? 114 GLU A OE1 1 
ATOM   903  O OE2 . GLU A 1 114 ? -3.808  -8.712  11.416  1.00 34.16 ? 114 GLU A OE2 1 
ATOM   904  N N   . PRO A 1 115 ? -6.948  -12.000 6.681   1.00 42.06 ? 115 PRO A N   1 
ATOM   905  C CA  . PRO A 1 115 ? -8.069  -12.465 5.819   1.00 46.62 ? 115 PRO A CA  1 
ATOM   906  C C   . PRO A 1 115 ? -9.548  -12.309 6.390   1.00 49.18 ? 115 PRO A C   1 
ATOM   907  O O   . PRO A 1 115 ? -10.507 -12.640 5.672   1.00 49.33 ? 115 PRO A O   1 
ATOM   908  C CB  . PRO A 1 115 ? -7.669  -13.909 5.412   1.00 44.79 ? 115 PRO A CB  1 
ATOM   909  C CG  . PRO A 1 115 ? -6.709  -14.390 6.521   1.00 44.23 ? 115 PRO A CG  1 
ATOM   910  C CD  . PRO A 1 115 ? -6.047  -13.100 7.089   1.00 44.00 ? 115 PRO A CD  1 
ATOM   911  N N   . ASP A 1 116 ? -9.738  -11.737 7.610   1.00 51.06 ? 116 ASP A N   1 
ATOM   912  C CA  . ASP A 1 116 ? -11.117 -11.474 8.142   1.00 51.79 ? 116 ASP A CA  1 
ATOM   913  C C   . ASP A 1 116 ? -11.719 -10.084 7.926   1.00 54.00 ? 116 ASP A C   1 
ATOM   914  O O   . ASP A 1 116 ? -12.946 -9.903  8.015   1.00 55.40 ? 116 ASP A O   1 
ATOM   915  C CB  . ASP A 1 116 ? -11.303 -11.949 9.583   1.00 52.27 ? 116 ASP A CB  1 
ATOM   916  C CG  . ASP A 1 116 ? -10.656 -13.319 9.830   1.00 54.73 ? 116 ASP A CG  1 
ATOM   917  O OD1 . ASP A 1 116 ? -10.856 -14.275 9.028   1.00 56.82 ? 116 ASP A OD1 1 
ATOM   918  O OD2 . ASP A 1 116 ? -9.940  -13.472 10.852  1.00 56.98 ? 116 ASP A OD2 1 
ATOM   919  N N   . ASP A 1 117 ? -10.890 -9.118  7.585   1.00 55.40 ? 117 ASP A N   1 
ATOM   920  C CA  . ASP A 1 117 ? -11.361 -7.726  7.390   1.00 57.81 ? 117 ASP A CA  1 
ATOM   921  C C   . ASP A 1 117 ? -12.318 -7.487  6.210   1.00 57.80 ? 117 ASP A C   1 
ATOM   922  O O   . ASP A 1 117 ? -13.274 -6.696  6.348   1.00 58.24 ? 117 ASP A O   1 
ATOM   923  C CB  . ASP A 1 117 ? -10.180 -6.736  7.309   1.00 58.75 ? 117 ASP A CB  1 
ATOM   924  C CG  . ASP A 1 117 ? -9.347  -6.710  8.600   1.00 62.15 ? 117 ASP A CG  1 
ATOM   925  O OD1 . ASP A 1 117 ? -9.698  -7.460  9.563   1.00 64.11 ? 117 ASP A OD1 1 
ATOM   926  O OD2 . ASP A 1 117 ? -8.332  -5.959  8.622   1.00 65.46 ? 117 ASP A OD2 1 
ATOM   927  N N   . PRO A 1 118 ? -12.084 -8.162  5.044   1.00 57.85 ? 118 PRO A N   1 
ATOM   928  C CA  . PRO A 1 118 ? -12.984 -7.738  3.958   1.00 56.53 ? 118 PRO A CA  1 
ATOM   929  C C   . PRO A 1 118 ? -14.384 -8.387  4.174   1.00 56.08 ? 118 PRO A C   1 
ATOM   930  O O   . PRO A 1 118 ? -14.499 -9.454  4.877   1.00 54.17 ? 118 PRO A O   1 
ATOM   931  C CB  . PRO A 1 118 ? -12.259 -8.190  2.667   1.00 56.51 ? 118 PRO A CB  1 
ATOM   932  C CG  . PRO A 1 118 ? -11.080 -9.014  3.128   1.00 57.45 ? 118 PRO A CG  1 
ATOM   933  C CD  . PRO A 1 118 ? -11.156 -9.238  4.620   1.00 57.07 ? 118 PRO A CD  1 
ATOM   934  N N   . LEU A 1 119 ? -15.441 -7.740  3.654   1.00 55.19 ? 119 LEU A N   1 
ATOM   935  C CA  . LEU A 1 119 ? -16.788 -8.362  3.813   1.00 55.52 ? 119 LEU A CA  1 
ATOM   936  C C   . LEU A 1 119 ? -16.941 -9.515  2.831   1.00 54.47 ? 119 LEU A C   1 
ATOM   937  O O   . LEU A 1 119 ? -17.383 -10.610 3.201   1.00 54.84 ? 119 LEU A O   1 
ATOM   938  C CB  . LEU A 1 119 ? -17.947 -7.384  3.626   1.00 56.23 ? 119 LEU A CB  1 
ATOM   939  C CG  . LEU A 1 119 ? -17.811 -5.911  4.004   1.00 60.56 ? 119 LEU A CG  1 
ATOM   940  C CD1 . LEU A 1 119 ? -19.215 -5.237  3.812   1.00 64.01 ? 119 LEU A CD1 1 
ATOM   941  C CD2 . LEU A 1 119 ? -17.201 -5.661  5.441   1.00 62.89 ? 119 LEU A CD2 1 
ATOM   942  N N   . ASP A 1 120 ? -16.573 -9.282  1.569   1.00 52.34 ? 120 ASP A N   1 
ATOM   943  C CA  . ASP A 1 120 ? -16.838 -10.313 0.582   1.00 51.36 ? 120 ASP A CA  1 
ATOM   944  C C   . ASP A 1 120 ? -15.685 -10.371 -0.396  1.00 49.16 ? 120 ASP A C   1 
ATOM   945  O O   . ASP A 1 120 ? -15.765 -9.805  -1.530  1.00 49.83 ? 120 ASP A O   1 
ATOM   946  C CB  . ASP A 1 120 ? -18.215 -10.082 -0.093  1.00 53.29 ? 120 ASP A CB  1 
ATOM   947  C CG  . ASP A 1 120 ? -18.788 -11.364 -0.758  1.00 57.95 ? 120 ASP A CG  1 
ATOM   948  O OD1 . ASP A 1 120 ? -18.202 -12.482 -0.583  1.00 63.27 ? 120 ASP A OD1 1 
ATOM   949  O OD2 . ASP A 1 120 ? -19.834 -11.228 -1.459  1.00 63.83 ? 120 ASP A OD2 1 
ATOM   950  N N   . SER A 1 121 ? -14.582 -10.993 0.058   1.00 43.38 ? 121 SER A N   1 
ATOM   951  C CA  . SER A 1 121 ? -13.466 -11.173 -0.807  1.00 38.53 ? 121 SER A CA  1 
ATOM   952  C C   . SER A 1 121 ? -13.272 -12.665 -1.064  1.00 36.43 ? 121 SER A C   1 
ATOM   953  O O   . SER A 1 121 ? -13.055 -13.408 -0.115  1.00 35.56 ? 121 SER A O   1 
ATOM   954  C CB  . SER A 1 121 ? -12.214 -10.564 -0.213  1.00 36.49 ? 121 SER A CB  1 
ATOM   955  O OG  . SER A 1 121 ? -11.128 -10.904 -1.071  1.00 33.32 ? 121 SER A OG  1 
ATOM   956  N N   . LYS A 1 122 ? -13.331 -13.086 -2.334  1.00 33.40 ? 122 LYS A N   1 
ATOM   957  C CA  . LYS A 1 122 ? -13.134 -14.494 -2.706  1.00 33.61 ? 122 LYS A CA  1 
ATOM   958  C C   . LYS A 1 122 ? -11.669 -14.862 -2.452  1.00 31.78 ? 122 LYS A C   1 
ATOM   959  O O   . LYS A 1 122 ? -11.343 -16.014 -2.167  1.00 29.17 ? 122 LYS A O   1 
ATOM   960  C CB  . LYS A 1 122 ? -13.386 -14.729 -4.216  1.00 35.82 ? 122 LYS A CB  1 
ATOM   961  C CG  . LYS A 1 122 ? -14.874 -14.491 -4.636  1.00 41.39 ? 122 LYS A CG  1 
ATOM   962  C CD  . LYS A 1 122 ? -15.784 -15.569 -4.032  1.00 48.10 ? 122 LYS A CD  1 
ATOM   963  C CE  . LYS A 1 122 ? -17.268 -15.242 -4.322  1.00 50.15 ? 122 LYS A CE  1 
ATOM   964  N NZ  . LYS A 1 122 ? -18.117 -15.738 -3.173  1.00 52.50 ? 122 LYS A NZ  1 
ATOM   965  N N   . VAL A 1 123 ? -10.807 -13.863 -2.658  1.00 29.65 ? 123 VAL A N   1 
ATOM   966  C CA  . VAL A 1 123 ? -9.371  -14.067 -2.428  1.00 28.85 ? 123 VAL A CA  1 
ATOM   967  C C   . VAL A 1 123 ? -9.118  -14.380 -0.929  1.00 28.19 ? 123 VAL A C   1 
ATOM   968  O O   . VAL A 1 123 ? -8.407  -15.329 -0.502  1.00 24.75 ? 123 VAL A O   1 
ATOM   969  C CB  . VAL A 1 123 ? -8.565  -12.798 -2.940  1.00 28.46 ? 123 VAL A CB  1 
ATOM   970  C CG1 . VAL A 1 123 ? -7.145  -12.943 -2.632  1.00 28.28 ? 123 VAL A CG1 1 
ATOM   971  C CG2 . VAL A 1 123 ? -8.800  -12.567 -4.411  1.00 29.51 ? 123 VAL A CG2 1 
ATOM   972  N N   . ALA A 1 124 ? -9.682  -13.523 -0.072  1.00 27.99 ? 124 ALA A N   1 
ATOM   973  C CA  . ALA A 1 124 ? -9.614  -13.755 1.335   1.00 28.99 ? 124 ALA A CA  1 
ATOM   974  C C   . ALA A 1 124 ? -10.096 -15.157 1.756   1.00 27.64 ? 124 ALA A C   1 
ATOM   975  O O   . ALA A 1 124 ? -9.432  -15.859 2.563   1.00 27.49 ? 124 ALA A O   1 
ATOM   976  C CB  . ALA A 1 124 ? -10.415 -12.672 2.079   1.00 27.45 ? 124 ALA A CB  1 
ATOM   977  N N   . GLU A 1 125 ? -11.195 -15.618 1.123   1.00 28.22 ? 125 GLU A N   1 
ATOM   978  C CA  . GLU A 1 125 ? -11.670 -16.979 1.424   1.00 28.35 ? 125 GLU A CA  1 
ATOM   979  C C   . GLU A 1 125 ? -10.594 -18.022 1.083   1.00 26.85 ? 125 GLU A C   1 
ATOM   980  O O   . GLU A 1 125 ? -10.441 -18.994 1.809   1.00 28.85 ? 125 GLU A O   1 
ATOM   981  C CB  . GLU A 1 125 ? -12.927 -17.277 0.544   1.00 27.72 ? 125 GLU A CB  1 
ATOM   982  C CG  . GLU A 1 125 ? -14.224 -16.552 1.019   1.00 33.83 ? 125 GLU A CG  1 
ATOM   983  C CD  . GLU A 1 125 ? -14.442 -16.405 2.539   1.00 37.27 ? 125 GLU A CD  1 
ATOM   984  O OE1 . GLU A 1 125 ? -14.159 -17.312 3.390   1.00 36.89 ? 125 GLU A OE1 1 
ATOM   985  O OE2 . GLU A 1 125 ? -15.038 -15.356 2.861   1.00 46.62 ? 125 GLU A OE2 1 
ATOM   986  N N   . HIS A 1 126 ? -9.929  -17.879 -0.072  1.00 25.74 ? 126 HIS A N   1 
ATOM   987  C CA  . HIS A 1 126 ? -8.850  -18.812 -0.454  1.00 25.70 ? 126 HIS A CA  1 
ATOM   988  C C   . HIS A 1 126 ? -7.700  -18.839 0.586   1.00 25.38 ? 126 HIS A C   1 
ATOM   989  O O   . HIS A 1 126 ? -7.223  -19.855 1.040   1.00 25.58 ? 126 HIS A O   1 
ATOM   990  C CB  . HIS A 1 126 ? -8.343  -18.359 -1.854  1.00 23.81 ? 126 HIS A CB  1 
ATOM   991  C CG  . HIS A 1 126 ? -7.384  -19.356 -2.515  1.00 23.81 ? 126 HIS A CG  1 
ATOM   992  N ND1 . HIS A 1 126 ? -6.737  -19.070 -3.686  1.00 24.89 ? 126 HIS A ND1 1 
ATOM   993  C CD2 . HIS A 1 126 ? -6.952  -20.584 -2.140  1.00 25.82 ? 126 HIS A CD2 1 
ATOM   994  C CE1 . HIS A 1 126 ? -6.000  -20.108 -4.063  1.00 19.82 ? 126 HIS A CE1 1 
ATOM   995  N NE2 . HIS A 1 126 ? -6.099  -21.037 -3.118  1.00 25.40 ? 126 HIS A NE2 1 
ATOM   996  N N   . PHE A 1 127 ? -7.246  -17.661 0.984   1.00 26.70 ? 127 PHE A N   1 
ATOM   997  C CA  . PHE A 1 127 ? -6.208  -17.577 2.068   1.00 26.40 ? 127 PHE A CA  1 
ATOM   998  C C   . PHE A 1 127 ? -6.618  -18.202 3.422   1.00 26.39 ? 127 PHE A C   1 
ATOM   999  O O   . PHE A 1 127 ? -5.803  -18.818 4.125   1.00 28.51 ? 127 PHE A O   1 
ATOM   1000 C CB  . PHE A 1 127 ? -5.777  -16.093 2.272   1.00 26.83 ? 127 PHE A CB  1 
ATOM   1001 C CG  . PHE A 1 127 ? -4.799  -15.596 1.248   1.00 26.80 ? 127 PHE A CG  1 
ATOM   1002 C CD1 . PHE A 1 127 ? -3.402  -15.724 1.502   1.00 25.59 ? 127 PHE A CD1 1 
ATOM   1003 C CD2 . PHE A 1 127 ? -5.241  -15.011 0.058   1.00 25.94 ? 127 PHE A CD2 1 
ATOM   1004 C CE1 . PHE A 1 127 ? -2.476  -15.292 0.578   1.00 27.58 ? 127 PHE A CE1 1 
ATOM   1005 C CE2 . PHE A 1 127 ? -4.299  -14.514 -0.933  1.00 24.22 ? 127 PHE A CE2 1 
ATOM   1006 C CZ  . PHE A 1 127 ? -2.889  -14.655 -0.641  1.00 26.80 ? 127 PHE A CZ  1 
ATOM   1007 N N   . LYS A 1 128 ? -7.887  -18.027 3.783   1.00 30.09 ? 128 LYS A N   1 
ATOM   1008 C CA  . LYS A 1 128 ? -8.468  -18.638 4.951   1.00 33.74 ? 128 LYS A CA  1 
ATOM   1009 C C   . LYS A 1 128 ? -8.489  -20.156 4.806   1.00 33.45 ? 128 LYS A C   1 
ATOM   1010 O O   . LYS A 1 128 ? -8.117  -20.894 5.741   1.00 34.50 ? 128 LYS A O   1 
ATOM   1011 C CB  . LYS A 1 128 ? -9.913  -18.099 5.127   1.00 33.62 ? 128 LYS A CB  1 
ATOM   1012 C CG  . LYS A 1 128 ? -10.016 -16.733 5.818   1.00 40.24 ? 128 LYS A CG  1 
ATOM   1013 C CD  . LYS A 1 128 ? -11.388 -15.957 5.596   1.00 39.89 ? 128 LYS A CD  1 
ATOM   1014 C CE  . LYS A 1 128 ? -12.595 -16.523 6.329   1.00 49.97 ? 128 LYS A CE  1 
ATOM   1015 N NZ  . LYS A 1 128 ? -13.795 -15.645 5.981   1.00 48.03 ? 128 LYS A NZ  1 
ATOM   1016 N N   . GLN A 1 129 ? -8.899  -20.666 3.631   1.00 31.85 ? 129 GLN A N   1 
ATOM   1017 C CA  . GLN A 1 129 ? -8.991  -22.141 3.507   1.00 31.15 ? 129 GLN A CA  1 
ATOM   1018 C C   . GLN A 1 129 ? -7.724  -22.838 3.341   1.00 30.06 ? 129 GLN A C   1 
ATOM   1019 O O   . GLN A 1 129 ? -7.532  -23.944 3.859   1.00 31.77 ? 129 GLN A O   1 
ATOM   1020 C CB  . GLN A 1 129 ? -9.846  -22.470 2.306   1.00 32.04 ? 129 GLN A CB  1 
ATOM   1021 C CG  . GLN A 1 129 ? -11.295 -22.202 2.547   1.00 29.87 ? 129 GLN A CG  1 
ATOM   1022 C CD  . GLN A 1 129 ? -11.764 -22.921 3.779   1.00 36.73 ? 129 GLN A CD  1 
ATOM   1023 O OE1 . GLN A 1 129 ? -11.668 -24.174 3.933   1.00 36.56 ? 129 GLN A OE1 1 
ATOM   1024 N NE2 . GLN A 1 129 ? -12.356 -22.142 4.648   1.00 35.73 ? 129 GLN A NE2 1 
ATOM   1025 N N   . ASP A 1 130 ? -6.781  -22.240 2.597   1.00 29.14 ? 130 ASP A N   1 
ATOM   1026 C CA  . ASP A 1 130 ? -5.522  -22.881 2.396   1.00 27.94 ? 130 ASP A CA  1 
ATOM   1027 C C   . ASP A 1 130 ? -4.483  -21.811 2.090   1.00 29.03 ? 130 ASP A C   1 
ATOM   1028 O O   . ASP A 1 130 ? -4.228  -21.461 0.909   1.00 27.04 ? 130 ASP A O   1 
ATOM   1029 C CB  . ASP A 1 130 ? -5.585  -23.902 1.215   1.00 27.08 ? 130 ASP A CB  1 
ATOM   1030 C CG  . ASP A 1 130 ? -4.346  -24.794 1.145   1.00 29.54 ? 130 ASP A CG  1 
ATOM   1031 O OD1 . ASP A 1 130 ? -3.187  -24.372 1.521   1.00 28.31 ? 130 ASP A OD1 1 
ATOM   1032 O OD2 . ASP A 1 130 ? -4.440  -25.933 0.587   1.00 29.59 ? 130 ASP A OD2 1 
ATOM   1033 N N   . LYS A 1 131 ? -3.891  -21.277 3.162   1.00 30.56 ? 131 LYS A N   1 
ATOM   1034 C CA  . LYS A 1 131 ? -2.947  -20.156 3.040   1.00 30.16 ? 131 LYS A CA  1 
ATOM   1035 C C   . LYS A 1 131 ? -1.761  -20.496 2.140   1.00 29.28 ? 131 LYS A C   1 
ATOM   1036 O O   . LYS A 1 131 ? -1.454  -19.706 1.292   1.00 28.54 ? 131 LYS A O   1 
ATOM   1037 C CB  . LYS A 1 131 ? -2.477  -19.727 4.462   1.00 30.79 ? 131 LYS A CB  1 
ATOM   1038 C CG  . LYS A 1 131 ? -1.247  -18.752 4.507   1.00 33.15 ? 131 LYS A CG  1 
ATOM   1039 C CD  . LYS A 1 131 ? -1.006  -18.477 6.032   1.00 35.39 ? 131 LYS A CD  1 
ATOM   1040 C CE  . LYS A 1 131 ? 0.083   -17.456 6.350   1.00 36.77 ? 131 LYS A CE  1 
ATOM   1041 N NZ  . LYS A 1 131 ? 1.484   -17.810 5.806   1.00 40.05 ? 131 LYS A NZ  1 
ATOM   1042 N N   . ASN A 1 132 ? -1.143  -21.657 2.278   1.00 28.43 ? 132 ASN A N   1 
ATOM   1043 C CA  . ASN A 1 132 ? 0.060   -22.008 1.500   1.00 28.50 ? 132 ASN A CA  1 
ATOM   1044 C C   . ASN A 1 132 ? -0.347  -22.093 -0.008  1.00 26.24 ? 132 ASN A C   1 
ATOM   1045 O O   . ASN A 1 132 ? 0.400   -21.692 -0.901  1.00 27.50 ? 132 ASN A O   1 
ATOM   1046 C CB  . ASN A 1 132 ? 0.604   -23.415 1.954   1.00 29.24 ? 132 ASN A CB  1 
ATOM   1047 C CG  . ASN A 1 132 ? 1.803   -23.885 1.132   1.00 34.70 ? 132 ASN A CG  1 
ATOM   1048 O OD1 . ASN A 1 132 ? 1.706   -24.783 0.267   1.00 42.08 ? 132 ASN A OD1 1 
ATOM   1049 N ND2 . ASN A 1 132 ? 2.950   -23.271 1.383   1.00 36.56 ? 132 ASN A ND2 1 
ATOM   1050 N N   . ASP A 1 133 ? -1.552  -22.619 -0.271  1.00 26.04 ? 133 ASP A N   1 
ATOM   1051 C CA  . ASP A 1 133 ? -2.018  -22.724 -1.662  1.00 25.02 ? 133 ASP A CA  1 
ATOM   1052 C C   . ASP A 1 133 ? -2.276  -21.268 -2.246  1.00 22.82 ? 133 ASP A C   1 
ATOM   1053 O O   . ASP A 1 133 ? -1.904  -21.031 -3.368  1.00 22.65 ? 133 ASP A O   1 
ATOM   1054 C CB  . ASP A 1 133 ? -3.356  -23.547 -1.741  1.00 25.64 ? 133 ASP A CB  1 
ATOM   1055 C CG  . ASP A 1 133 ? -3.741  -23.857 -3.189  1.00 25.19 ? 133 ASP A CG  1 
ATOM   1056 O OD1 . ASP A 1 133 ? -2.956  -24.630 -3.834  1.00 25.76 ? 133 ASP A OD1 1 
ATOM   1057 O OD2 . ASP A 1 133 ? -4.792  -23.346 -3.703  1.00 26.13 ? 133 ASP A OD2 1 
ATOM   1058 N N   . ALA A 1 134 ? -2.955  -20.389 -1.487  1.00 24.46 ? 134 ALA A N   1 
ATOM   1059 C CA  . ALA A 1 134 ? -3.250  -19.041 -1.988  1.00 23.61 ? 134 ALA A CA  1 
ATOM   1060 C C   . ALA A 1 134 ? -1.863  -18.351 -2.288  1.00 24.94 ? 134 ALA A C   1 
ATOM   1061 O O   . ALA A 1 134 ? -1.748  -17.614 -3.249  1.00 26.36 ? 134 ALA A O   1 
ATOM   1062 C CB  . ALA A 1 134 ? -4.130  -18.272 -0.928  1.00 25.16 ? 134 ALA A CB  1 
ATOM   1063 N N   . GLU A 1 135 ? -0.850  -18.655 -1.460  1.00 27.05 ? 135 GLU A N   1 
ATOM   1064 C CA  . GLU A 1 135 ? 0.520   -18.108 -1.684  1.00 27.62 ? 135 GLU A CA  1 
ATOM   1065 C C   . GLU A 1 135 ? 1.193   -18.529 -2.979  1.00 28.13 ? 135 GLU A C   1 
ATOM   1066 O O   . GLU A 1 135 ? 1.937   -17.767 -3.520  1.00 27.60 ? 135 GLU A O   1 
ATOM   1067 C CB  . GLU A 1 135 ? 1.397   -18.229 -0.444  1.00 27.34 ? 135 GLU A CB  1 
ATOM   1068 C CG  . GLU A 1 135 ? 0.831   -17.486 0.733   1.00 26.54 ? 135 GLU A CG  1 
ATOM   1069 C CD  . GLU A 1 135 ? 1.700   -17.686 1.967   1.00 39.41 ? 135 GLU A CD  1 
ATOM   1070 O OE1 . GLU A 1 135 ? 2.718   -18.360 1.791   1.00 37.94 ? 135 GLU A OE1 1 
ATOM   1071 O OE2 . GLU A 1 135 ? 1.380   -17.221 3.085   1.00 38.21 ? 135 GLU A OE2 1 
ATOM   1072 N N   . HIS A 1 136 ? 0.900   -19.745 -3.524  1.00 27.84 ? 136 HIS A N   1 
ATOM   1073 C CA  . HIS A 1 136 ? 1.248   -20.071 -4.918  1.00 26.86 ? 136 HIS A CA  1 
ATOM   1074 C C   . HIS A 1 136 ? 0.751   -19.119 -5.889  1.00 25.16 ? 136 HIS A C   1 
ATOM   1075 O O   . HIS A 1 136 ? 1.469   -18.713 -6.815  1.00 24.54 ? 136 HIS A O   1 
ATOM   1076 C CB  . HIS A 1 136 ? 0.575   -21.431 -5.419  1.00 27.48 ? 136 HIS A CB  1 
ATOM   1077 C CG  . HIS A 1 136 ? 1.025   -22.654 -4.683  1.00 29.93 ? 136 HIS A CG  1 
ATOM   1078 N ND1 . HIS A 1 136 ? 0.460   -23.915 -4.937  1.00 32.79 ? 136 HIS A ND1 1 
ATOM   1079 C CD2 . HIS A 1 136 ? 2.055   -22.864 -3.834  1.00 33.80 ? 136 HIS A CD2 1 
ATOM   1080 C CE1 . HIS A 1 136 ? 1.088   -24.816 -4.188  1.00 34.01 ? 136 HIS A CE1 1 
ATOM   1081 N NE2 . HIS A 1 136 ? 2.040   -24.205 -3.496  1.00 33.23 ? 136 HIS A NE2 1 
ATOM   1082 N N   . VAL A 1 137 ? -0.532  -18.760 -5.748  1.00 23.72 ? 137 VAL A N   1 
ATOM   1083 C CA  . VAL A 1 137 ? -1.106  -17.883 -6.763  1.00 24.17 ? 137 VAL A CA  1 
ATOM   1084 C C   . VAL A 1 137 ? -0.355  -16.577 -6.591  1.00 24.57 ? 137 VAL A C   1 
ATOM   1085 O O   . VAL A 1 137 ? 0.060   -15.988 -7.581  1.00 26.14 ? 137 VAL A O   1 
ATOM   1086 C CB  . VAL A 1 137 ? -2.598  -17.704 -6.478  1.00 23.38 ? 137 VAL A CB  1 
ATOM   1087 C CG1 . VAL A 1 137 ? -3.226  -16.768 -7.571  1.00 25.04 ? 137 VAL A CG1 1 
ATOM   1088 C CG2 . VAL A 1 137 ? -3.374  -19.164 -6.460  1.00 26.00 ? 137 VAL A CG2 1 
ATOM   1089 N N   . ALA A 1 138 ? -0.294  -16.071 -5.317  1.00 24.26 ? 138 ALA A N   1 
ATOM   1090 C CA  . ALA A 1 138 ? 0.412   -14.754 -5.081  1.00 22.20 ? 138 ALA A CA  1 
ATOM   1091 C C   . ALA A 1 138 ? 1.840   -14.740 -5.652  1.00 22.68 ? 138 ALA A C   1 
ATOM   1092 O O   . ALA A 1 138 ? 2.273   -13.801 -6.218  1.00 23.76 ? 138 ALA A O   1 
ATOM   1093 C CB  . ALA A 1 138 ? 0.468   -14.557 -3.586  1.00 23.04 ? 138 ALA A CB  1 
ATOM   1094 N N   . ARG A 1 139 ? 2.566   -15.855 -5.496  1.00 24.52 ? 139 ARG A N   1 
ATOM   1095 C CA  . ARG A 1 139 ? 3.963   -15.917 -6.000  1.00 26.17 ? 139 ARG A CA  1 
ATOM   1096 C C   . ARG A 1 139 ? 4.068   -15.902 -7.488  1.00 25.91 ? 139 ARG A C   1 
ATOM   1097 O O   . ARG A 1 139 ? 4.930   -15.214 -8.057  1.00 26.07 ? 139 ARG A O   1 
ATOM   1098 C CB  . ARG A 1 139 ? 4.613   -17.189 -5.434  1.00 27.45 ? 139 ARG A CB  1 
ATOM   1099 C CG  . ARG A 1 139 ? 6.156   -17.195 -5.601  1.00 34.81 ? 139 ARG A CG  1 
ATOM   1100 C CD  . ARG A 1 139 ? 6.652   -18.451 -4.849  1.00 41.46 ? 139 ARG A CD  1 
ATOM   1101 N NE  . ARG A 1 139 ? 6.784   -18.060 -3.469  1.00 48.00 ? 139 ARG A NE  1 
ATOM   1102 C CZ  . ARG A 1 139 ? 6.046   -18.501 -2.454  1.00 53.30 ? 139 ARG A CZ  1 
ATOM   1103 N NH1 . ARG A 1 139 ? 5.086   -19.455 -2.642  1.00 51.37 ? 139 ARG A NH1 1 
ATOM   1104 N NH2 . ARG A 1 139 ? 6.299   -17.976 -1.240  1.00 50.10 ? 139 ARG A NH2 1 
ATOM   1105 N N   . GLN A 1 140 ? 3.181   -16.632 -8.228  1.00 27.89 ? 140 GLN A N   1 
ATOM   1106 C CA  . GLN A 1 140 ? 3.156   -16.520 -9.703  1.00 27.24 ? 140 GLN A CA  1 
ATOM   1107 C C   . GLN A 1 140 ? 2.732   -15.163 -10.211 1.00 27.48 ? 140 GLN A C   1 
ATOM   1108 O O   . GLN A 1 140 ? 3.381   -14.643 -11.104 1.00 26.11 ? 140 GLN A O   1 
ATOM   1109 C CB  . GLN A 1 140 ? 2.140   -17.550 -10.198 1.00 29.23 ? 140 GLN A CB  1 
ATOM   1110 C CG  . GLN A 1 140 ? 1.952   -17.777 -11.724 1.00 34.71 ? 140 GLN A CG  1 
ATOM   1111 C CD  . GLN A 1 140 ? 0.757   -18.796 -11.965 1.00 32.52 ? 140 GLN A CD  1 
ATOM   1112 O OE1 . GLN A 1 140 ? -0.415  -18.508 -11.449 1.00 35.80 ? 140 GLN A OE1 1 
ATOM   1113 N NE2 . GLN A 1 140 ? 1.065   -20.019 -12.606 1.00 27.69 ? 140 GLN A NE2 1 
ATOM   1114 N N   . TRP A 1 141 ? 1.697   -14.542 -9.569  1.00 23.76 ? 141 TRP A N   1 
ATOM   1115 C CA  . TRP A 1 141 ? 1.355   -13.184 -9.989  1.00 24.67 ? 141 TRP A CA  1 
ATOM   1116 C C   . TRP A 1 141 ? 2.543   -12.230 -9.747  1.00 23.39 ? 141 TRP A C   1 
ATOM   1117 O O   . TRP A 1 141 ? 2.780   -11.357 -10.533 1.00 23.84 ? 141 TRP A O   1 
ATOM   1118 C CB  . TRP A 1 141 ? 0.121   -12.653 -9.251  1.00 25.57 ? 141 TRP A CB  1 
ATOM   1119 C CG  . TRP A 1 141 ? -1.197  -13.314 -9.658  1.00 26.53 ? 141 TRP A CG  1 
ATOM   1120 C CD1 . TRP A 1 141 ? -1.364  -14.542 -10.256 1.00 32.70 ? 141 TRP A CD1 1 
ATOM   1121 C CD2 . TRP A 1 141 ? -2.490  -12.813 -9.382  1.00 27.15 ? 141 TRP A CD2 1 
ATOM   1122 N NE1 . TRP A 1 141 ? -2.708  -14.773 -10.470 1.00 32.59 ? 141 TRP A NE1 1 
ATOM   1123 C CE2 . TRP A 1 141 ? -3.435  -13.768 -9.897  1.00 31.86 ? 141 TRP A CE2 1 
ATOM   1124 C CE3 . TRP A 1 141 ? -2.959  -11.603 -8.835  1.00 28.18 ? 141 TRP A CE3 1 
ATOM   1125 C CZ2 . TRP A 1 141 ? -4.853  -13.568 -9.840  1.00 28.68 ? 141 TRP A CZ2 1 
ATOM   1126 C CZ3 . TRP A 1 141 ? -4.385  -11.386 -8.736  1.00 25.90 ? 141 TRP A CZ3 1 
ATOM   1127 C CH2 . TRP A 1 141 ? -5.328  -12.396 -9.223  1.00 31.58 ? 141 TRP A CH2 1 
ATOM   1128 N N   . ASN A 1 142 ? 3.242   -12.433 -8.648  1.00 23.73 ? 142 ASN A N   1 
ATOM   1129 C CA  . ASN A 1 142 ? 4.407   -11.595 -8.348  1.00 26.28 ? 142 ASN A CA  1 
ATOM   1130 C C   . ASN A 1 142 ? 5.456   -11.581 -9.506  1.00 25.94 ? 142 ASN A C   1 
ATOM   1131 O O   . ASN A 1 142 ? 5.951   -10.546 -9.946  1.00 25.62 ? 142 ASN A O   1 
ATOM   1132 C CB  . ASN A 1 142 ? 5.018   -11.992 -7.006  1.00 24.31 ? 142 ASN A CB  1 
ATOM   1133 C CG  . ASN A 1 142 ? 6.262   -11.112 -6.675  1.00 27.47 ? 142 ASN A CG  1 
ATOM   1134 O OD1 . ASN A 1 142 ? 7.437   -11.589 -6.776  1.00 30.20 ? 142 ASN A OD1 1 
ATOM   1135 N ND2 . ASN A 1 142 ? 6.009   -9.838  -6.337  1.00 20.66 ? 142 ASN A ND2 1 
ATOM   1136 N N   . LYS A 1 143 ? 5.757   -12.759 -9.961  1.00 29.98 ? 143 LYS A N   1 
ATOM   1137 C CA  . LYS A 1 143 ? 6.666   -13.028 -11.088 1.00 32.93 ? 143 LYS A CA  1 
ATOM   1138 C C   . LYS A 1 143 ? 6.191   -12.374 -12.378 1.00 31.62 ? 143 LYS A C   1 
ATOM   1139 O O   . LYS A 1 143 ? 6.970   -11.689 -13.076 1.00 31.78 ? 143 LYS A O   1 
ATOM   1140 C CB  . LYS A 1 143 ? 6.800   -14.580 -11.190 1.00 34.24 ? 143 LYS A CB  1 
ATOM   1141 C CG  . LYS A 1 143 ? 7.617   -15.228 -9.999  1.00 40.41 ? 143 LYS A CG  1 
ATOM   1142 C CD  . LYS A 1 143 ? 8.202   -16.735 -10.229 1.00 39.63 ? 143 LYS A CD  1 
ATOM   1143 C CE  . LYS A 1 143 ? 8.582   -17.445 -8.852  1.00 45.54 ? 143 LYS A CE  1 
ATOM   1144 N NZ  . LYS A 1 143 ? 8.108   -18.979 -8.711  1.00 47.56 ? 143 LYS A NZ  1 
ATOM   1145 N N   . ILE A 1 144 ? 4.890   -12.451 -12.656 1.00 29.94 ? 144 ILE A N   1 
ATOM   1146 C CA  . ILE A 1 144 ? 4.294   -11.952 -13.889 1.00 29.94 ? 144 ILE A CA  1 
ATOM   1147 C C   . ILE A 1 144 ? 4.120   -10.467 -13.841 1.00 30.44 ? 144 ILE A C   1 
ATOM   1148 O O   . ILE A 1 144 ? 4.508   -9.806  -14.783 1.00 30.11 ? 144 ILE A O   1 
ATOM   1149 C CB  . ILE A 1 144 ? 2.879   -12.606 -14.175 1.00 29.24 ? 144 ILE A CB  1 
ATOM   1150 C CG1 . ILE A 1 144 ? 3.030   -14.099 -14.475 1.00 33.76 ? 144 ILE A CG1 1 
ATOM   1151 C CG2 . ILE A 1 144 ? 2.170   -11.920 -15.427 1.00 32.76 ? 144 ILE A CG2 1 
ATOM   1152 C CD1 . ILE A 1 144 ? 1.601   -14.732 -14.437 1.00 32.65 ? 144 ILE A CD1 1 
ATOM   1153 N N   . TYR A 1 145 ? 3.499   -9.968  -12.759 1.00 27.42 ? 145 TYR A N   1 
ATOM   1154 C CA  . TYR A 1 145 ? 3.009   -8.573  -12.767 1.00 28.95 ? 145 TYR A CA  1 
ATOM   1155 C C   . TYR A 1 145 ? 3.948   -7.563  -12.037 1.00 27.96 ? 145 TYR A C   1 
ATOM   1156 O O   . TYR A 1 145 ? 3.860   -6.320  -12.320 1.00 26.71 ? 145 TYR A O   1 
ATOM   1157 C CB  . TYR A 1 145 ? 1.616   -8.463  -12.143 1.00 28.44 ? 145 TYR A CB  1 
ATOM   1158 C CG  . TYR A 1 145 ? 0.631   -9.387  -12.905 1.00 31.06 ? 145 TYR A CG  1 
ATOM   1159 C CD1 . TYR A 1 145 ? 0.208   -9.054  -14.242 1.00 33.32 ? 145 TYR A CD1 1 
ATOM   1160 C CD2 . TYR A 1 145 ? 0.188   -10.582 -12.302 1.00 28.81 ? 145 TYR A CD2 1 
ATOM   1161 C CE1 . TYR A 1 145 ? -0.673  -9.901  -14.974 1.00 35.58 ? 145 TYR A CE1 1 
ATOM   1162 C CE2 . TYR A 1 145 ? -0.722  -11.445 -13.016 1.00 35.19 ? 145 TYR A CE2 1 
ATOM   1163 C CZ  . TYR A 1 145 ? -1.123  -11.098 -14.345 1.00 34.63 ? 145 TYR A CZ  1 
ATOM   1164 O OH  . TYR A 1 145 ? -1.992  -11.921 -15.042 1.00 36.00 ? 145 TYR A OH  1 
ATOM   1165 N N   . ALA A 1 146 ? 4.755   -8.061  -11.121 1.00 26.77 ? 146 ALA A N   1 
ATOM   1166 C CA  . ALA A 1 146 ? 5.509   -7.083  -10.206 1.00 27.93 ? 146 ALA A CA  1 
ATOM   1167 C C   . ALA A 1 146 ? 7.016   -7.133  -10.520 1.00 32.66 ? 146 ALA A C   1 
ATOM   1168 O O   . ALA A 1 146 ? 7.850   -6.656  -9.781  1.00 29.71 ? 146 ALA A O   1 
ATOM   1169 C CB  . ALA A 1 146 ? 5.258   -7.424  -8.745  1.00 25.83 ? 146 ALA A CB  1 
ATOM   1170 N N   . ASN A 1 147 ? 7.372   -7.762  -11.638 1.00 39.33 ? 147 ASN A N   1 
ATOM   1171 C CA  . ASN A 1 147 ? 8.828   -7.818  -11.991 1.00 47.44 ? 147 ASN A CA  1 
ATOM   1172 C C   . ASN A 1 147 ? 9.558   -6.749  -12.862 1.00 52.17 ? 147 ASN A C   1 
ATOM   1173 O O   . ASN A 1 147 ? 10.816  -6.508  -12.700 1.00 53.90 ? 147 ASN A O   1 
ATOM   1174 C CB  . ASN A 1 147 ? 9.304   -9.254  -12.162 1.00 47.81 ? 147 ASN A CB  1 
ATOM   1175 C CG  . ASN A 1 147 ? 9.877   -9.763  -10.871 1.00 49.81 ? 147 ASN A CG  1 
ATOM   1176 O OD1 . ASN A 1 147 ? 11.100  -9.619  -10.662 1.00 52.98 ? 147 ASN A OD1 1 
ATOM   1177 N ND2 . ASN A 1 147 ? 9.013   -10.250 -9.939  1.00 43.05 ? 147 ASN A ND2 1 
ATOM   1178 N N   . ASN A 1 148 ? 8.780   -6.120  -13.742 1.00 55.51 ? 148 ASN A N   1 
ATOM   1179 C CA  . ASN A 1 148 ? 9.018   -4.761  -14.288 1.00 59.36 ? 148 ASN A CA  1 
ATOM   1180 C C   . ASN A 1 148 ? 9.509   -3.693  -13.299 1.00 60.23 ? 148 ASN A C   1 
ATOM   1181 O O   . ASN A 1 148 ? 9.387   -3.846  -12.072 1.00 61.90 ? 148 ASN A O   1 
ATOM   1182 C CB  . ASN A 1 148 ? 7.708   -4.266  -14.899 1.00 60.65 ? 148 ASN A CB  1 
ATOM   1183 C CG  . ASN A 1 148 ? 6.483   -5.026  -14.342 1.00 63.71 ? 148 ASN A CG  1 
ATOM   1184 O OD1 . ASN A 1 148 ? 5.953   -5.945  -15.000 1.00 70.98 ? 148 ASN A OD1 1 
ATOM   1185 N ND2 . ASN A 1 148 ? 6.077   -4.693  -13.119 1.00 65.73 ? 148 ASN A ND2 1 
HETATM 1186 O O   . HOH B 2 .   ? 10.126  5.022   9.989   1.00 29.52 ? 150 HOH A O   1 
HETATM 1187 O O   . HOH B 2 .   ? 0.634   -11.483 -6.050  1.00 21.04 ? 151 HOH A O   1 
HETATM 1188 O O   . HOH B 2 .   ? -5.083  -26.558 -2.037  1.00 25.10 ? 152 HOH A O   1 
HETATM 1189 O O   . HOH B 2 .   ? -3.961  -4.270  -7.430  1.00 25.29 ? 153 HOH A O   1 
HETATM 1190 O O   . HOH B 2 .   ? -7.615  1.897   -1.521  1.00 23.79 ? 154 HOH A O   1 
HETATM 1191 O O   . HOH B 2 .   ? 1.647   -9.604  -7.763  1.00 22.46 ? 155 HOH A O   1 
HETATM 1192 O O   . HOH B 2 .   ? -4.468  13.478  -7.809  0.50 32.46 ? 156 HOH A O   1 
HETATM 1193 O O   . HOH B 2 .   ? -1.844  -24.150 -6.184  1.00 30.43 ? 157 HOH A O   1 
HETATM 1194 O O   . HOH B 2 .   ? -3.129  -18.324 -11.088 1.00 29.16 ? 158 HOH A O   1 
HETATM 1195 O O   . HOH B 2 .   ? -8.254  6.752   2.478   1.00 26.02 ? 159 HOH A O   1 
HETATM 1196 O O   . HOH B 2 .   ? -8.996  -9.338  -1.882  1.00 32.42 ? 160 HOH A O   1 
HETATM 1197 O O   . HOH B 2 .   ? 4.975   11.308  6.097   1.00 27.52 ? 161 HOH A O   1 
HETATM 1198 O O   . HOH B 2 .   ? -4.962  -6.894  -7.759  1.00 29.91 ? 162 HOH A O   1 
HETATM 1199 O O   . HOH B 2 .   ? -6.054  -9.721  -4.517  1.00 26.29 ? 163 HOH A O   1 
HETATM 1200 O O   . HOH B 2 .   ? -9.824  10.908  2.606   1.00 25.68 ? 164 HOH A O   1 
HETATM 1201 O O   . HOH B 2 .   ? 8.884   12.914  -1.752  1.00 29.65 ? 165 HOH A O   1 
HETATM 1202 O O   . HOH B 2 .   ? -4.440  19.510  2.551   1.00 31.80 ? 166 HOH A O   1 
HETATM 1203 O O   . HOH B 2 .   ? -7.421  4.939   0.472   1.00 21.04 ? 167 HOH A O   1 
HETATM 1204 O O   . HOH B 2 .   ? 3.605   -20.074 -8.255  1.00 35.03 ? 168 HOH A O   1 
HETATM 1205 O O   . HOH B 2 .   ? 2.490   15.924  -14.282 1.00 28.80 ? 169 HOH A O   1 
HETATM 1206 O O   . HOH B 2 .   ? -8.337  2.308   1.282   1.00 25.43 ? 170 HOH A O   1 
HETATM 1207 O O   . HOH B 2 .   ? 11.606  -7.554  -3.008  1.00 37.56 ? 171 HOH A O   1 
HETATM 1208 O O   . HOH B 2 .   ? 11.262  8.260   -1.767  1.00 30.19 ? 172 HOH A O   1 
HETATM 1209 O O   . HOH B 2 .   ? 8.527   -14.203 -4.550  1.00 33.23 ? 173 HOH A O   1 
HETATM 1210 O O   . HOH B 2 .   ? 6.767   -8.281  -14.132 1.00 48.56 ? 174 HOH A O   1 
HETATM 1211 O O   . HOH B 2 .   ? -0.072  -5.100  -12.926 1.00 27.58 ? 175 HOH A O   1 
HETATM 1212 O O   . HOH B 2 .   ? 5.346   24.915  2.115   1.00 51.72 ? 176 HOH A O   1 
HETATM 1213 O O   . HOH B 2 .   ? 6.641   11.102  -9.790  1.00 31.53 ? 177 HOH A O   1 
HETATM 1214 O O   . HOH B 2 .   ? 9.584   -4.096  1.486   1.00 28.99 ? 178 HOH A O   1 
HETATM 1215 O O   . HOH B 2 .   ? 10.702  0.140   5.790   1.00 32.37 ? 179 HOH A O   1 
HETATM 1216 O O   . HOH B 2 .   ? 4.873   4.034   -8.915  1.00 30.44 ? 180 HOH A O   1 
HETATM 1217 O O   . HOH B 2 .   ? 0.521   -13.511 1.309   1.00 28.75 ? 181 HOH A O   1 
HETATM 1218 O O   . HOH B 2 .   ? 2.498   -12.445 2.686   1.00 26.20 ? 182 HOH A O   1 
HETATM 1219 O O   . HOH B 2 .   ? -5.939  7.105   -4.726  1.00 47.13 ? 183 HOH A O   1 
HETATM 1220 O O   . HOH B 2 .   ? 4.974   17.915  -7.432  1.00 33.92 ? 184 HOH A O   1 
HETATM 1221 O O   . HOH B 2 .   ? 4.350   17.315  -2.435  1.00 29.36 ? 185 HOH A O   1 
HETATM 1222 O O   . HOH B 2 .   ? 0.501   22.672  6.915   1.00 39.54 ? 186 HOH A O   1 
HETATM 1223 O O   . HOH B 2 .   ? 5.287   -12.973 6.328   1.00 33.90 ? 187 HOH A O   1 
HETATM 1224 O O   . HOH B 2 .   ? 12.517  9.598   9.355   1.00 43.17 ? 188 HOH A O   1 
HETATM 1225 O O   . HOH B 2 .   ? -6.205  21.097  5.747   1.00 46.90 ? 189 HOH A O   1 
HETATM 1226 O O   . HOH B 2 .   ? -4.888  -22.045 5.818   1.00 37.46 ? 190 HOH A O   1 
HETATM 1227 O O   . HOH B 2 .   ? 7.487   -14.578 -7.444  1.00 35.00 ? 191 HOH A O   1 
HETATM 1228 O O   . HOH B 2 .   ? -12.972 8.826   -1.886  1.00 32.73 ? 192 HOH A O   1 
HETATM 1229 O O   . HOH B 2 .   ? -7.841  -0.230  17.584  1.00 39.83 ? 193 HOH A O   1 
HETATM 1230 O O   . HOH B 2 .   ? 11.730  -5.910  -4.744  1.00 39.17 ? 194 HOH A O   1 
HETATM 1231 O O   . HOH B 2 .   ? -1.863  -23.863 4.058   1.00 39.29 ? 195 HOH A O   1 
HETATM 1232 O O   . HOH B 2 .   ? 2.528   5.194   -9.475  1.00 36.33 ? 196 HOH A O   1 
HETATM 1233 O O   . HOH B 2 .   ? 13.827  3.352   -0.218  1.00 34.35 ? 197 HOH A O   1 
HETATM 1234 O O   . HOH B 2 .   ? -0.366  -15.029 3.370   1.00 31.02 ? 198 HOH A O   1 
HETATM 1235 O O   . HOH B 2 .   ? 4.387   20.760  -7.757  1.00 35.59 ? 199 HOH A O   1 
HETATM 1236 O O   . HOH B 2 .   ? 3.260   -2.637  -12.059 1.00 37.42 ? 200 HOH A O   1 
HETATM 1237 O O   . HOH B 2 .   ? -9.523  17.562  -2.641  1.00 32.30 ? 201 HOH A O   1 
HETATM 1238 O O   . HOH B 2 .   ? -10.525 8.236   2.105   1.00 33.54 ? 202 HOH A O   1 
HETATM 1239 O O   . HOH B 2 .   ? 11.616  -7.462  3.941   1.00 33.79 ? 203 HOH A O   1 
HETATM 1240 O O   . HOH B 2 .   ? -11.318 16.907  0.999   1.00 38.45 ? 204 HOH A O   1 
HETATM 1241 O O   . HOH B 2 .   ? 10.308  14.589  -3.484  1.00 41.04 ? 205 HOH A O   1 
HETATM 1242 O O   . HOH B 2 .   ? 10.058  -5.287  3.908   1.00 32.42 ? 206 HOH A O   1 
HETATM 1243 O O   . HOH B 2 .   ? 10.956  0.799   -3.334  1.00 29.30 ? 207 HOH A O   1 
HETATM 1244 O O   . HOH B 2 .   ? -6.395  10.021  -7.381  0.50 28.10 ? 208 HOH A O   1 
HETATM 1245 O O   . HOH B 2 .   ? -4.523  -17.185 5.818   1.00 39.41 ? 209 HOH A O   1 
HETATM 1246 O O   . HOH B 2 .   ? -0.538  22.271  -11.398 1.00 38.34 ? 210 HOH A O   1 
HETATM 1247 O O   . HOH B 2 .   ? 6.941   -17.146 1.191   1.00 39.98 ? 211 HOH A O   1 
HETATM 1248 O O   . HOH B 2 .   ? -7.076  -2.849  9.207   1.00 30.70 ? 212 HOH A O   1 
HETATM 1249 O O   . HOH B 2 .   ? 3.274   -21.478 -1.179  1.00 37.81 ? 213 HOH A O   1 
HETATM 1250 O O   . HOH B 2 .   ? 10.793  -9.559  5.585   1.00 36.40 ? 214 HOH A O   1 
HETATM 1251 O O   . HOH B 2 .   ? -4.273  -9.323  -15.922 1.00 37.12 ? 215 HOH A O   1 
HETATM 1252 O O   . HOH B 2 .   ? -2.109  -14.737 -14.628 1.00 35.55 ? 216 HOH A O   1 
HETATM 1253 O O   . HOH B 2 .   ? -1.482  -26.387 -2.552  1.00 37.55 ? 217 HOH A O   1 
HETATM 1254 O O   . HOH B 2 .   ? -12.114 -0.282  1.650   1.00 51.37 ? 218 HOH A O   1 
HETATM 1255 O O   . HOH B 2 .   ? -9.090  5.547   -1.577  1.00 38.21 ? 219 HOH A O   1 
HETATM 1256 O O   . HOH B 2 .   ? -0.846  -25.914 0.221   1.00 37.92 ? 220 HOH A O   1 
HETATM 1257 O O   . HOH B 2 .   ? -14.482 -11.234 -4.121  1.00 53.70 ? 221 HOH A O   1 
HETATM 1258 O O   . HOH B 2 .   ? -8.479  -25.052 5.993   1.00 37.27 ? 222 HOH A O   1 
HETATM 1259 O O   . HOH B 2 .   ? -9.910  -4.293  -0.698  1.00 31.92 ? 223 HOH A O   1 
HETATM 1260 O O   . HOH B 2 .   ? -5.882  0.807   -8.948  1.00 36.23 ? 224 HOH A O   1 
HETATM 1261 O O   . HOH B 2 .   ? -12.627 -18.058 -3.249  1.00 42.06 ? 225 HOH A O   1 
HETATM 1262 O O   . HOH B 2 .   ? 3.726   -14.271 4.110   1.00 44.47 ? 226 HOH A O   1 
HETATM 1263 O O   . HOH B 2 .   ? 8.467   14.845  -8.532  1.00 37.25 ? 227 HOH A O   1 
HETATM 1264 O O   . HOH B 2 .   ? -11.680 -7.842  -6.033  1.00 44.29 ? 228 HOH A O   1 
HETATM 1265 O O   . HOH B 2 .   ? 12.232  -4.594  1.020   1.00 45.07 ? 229 HOH A O   1 
HETATM 1266 O O   . HOH B 2 .   ? 7.954   -9.693  7.759   1.00 49.70 ? 230 HOH A O   1 
HETATM 1267 O O   . HOH B 2 .   ? 2.227   -4.968  -13.654 1.00 39.87 ? 231 HOH A O   1 
HETATM 1268 O O   . HOH B 2 .   ? 8.250   6.476   -6.696  1.00 42.22 ? 232 HOH A O   1 
HETATM 1269 O O   . HOH B 2 .   ? -12.442 1.624   9.190   1.00 53.08 ? 233 HOH A O   1 
HETATM 1270 O O   . HOH B 2 .   ? -9.694  -16.311 -5.682  1.00 36.89 ? 234 HOH A O   1 
HETATM 1271 O O   . HOH B 2 .   ? -2.682  -15.021 5.108   1.00 32.71 ? 235 HOH A O   1 
HETATM 1272 O O   . HOH B 2 .   ? 11.219  16.958  6.774   1.00 52.47 ? 236 HOH A O   1 
HETATM 1273 O O   . HOH B 2 .   ? -7.734  -11.347 9.814   1.00 44.01 ? 237 HOH A O   1 
HETATM 1274 O O   . HOH B 2 .   ? -0.339  -27.556 2.007   1.00 37.64 ? 238 HOH A O   1 
HETATM 1275 O O   . HOH B 2 .   ? 1.548   -14.527 5.426   1.00 39.56 ? 239 HOH A O   1 
HETATM 1276 O O   . HOH B 2 .   ? 0.193   8.743   -10.249 1.00 37.54 ? 240 HOH A O   1 
HETATM 1277 O O   . HOH B 2 .   ? 5.571   -18.855 -9.181  1.00 43.78 ? 241 HOH A O   1 
HETATM 1278 O O   . HOH B 2 .   ? -10.179 -7.214  -0.463  1.00 35.49 ? 242 HOH A O   1 
HETATM 1279 O O   . HOH B 2 .   ? -12.391 19.865  0.395   1.00 43.95 ? 243 HOH A O   1 
HETATM 1280 O O   . HOH B 2 .   ? 13.805  -5.854  -6.302  1.00 50.11 ? 244 HOH A O   1 
HETATM 1281 O O   . HOH B 2 .   ? -10.748 -0.136  -0.399  1.00 54.45 ? 245 HOH A O   1 
HETATM 1282 O O   . HOH B 2 .   ? -5.762  -13.780 -13.098 1.00 36.76 ? 246 HOH A O   1 
HETATM 1283 O O   . HOH B 2 .   ? -0.704  -16.674 -13.569 1.00 35.46 ? 247 HOH A O   1 
HETATM 1284 O O   . HOH B 2 .   ? -9.231  2.743   -3.527  1.00 34.39 ? 248 HOH A O   1 
HETATM 1285 O O   . HOH B 2 .   ? 10.511  -12.173 -7.824  1.00 48.99 ? 249 HOH A O   1 
HETATM 1286 O O   . HOH B 2 .   ? -10.197 -9.367  -4.371  1.00 47.16 ? 250 HOH A O   1 
HETATM 1287 O O   . HOH B 2 .   ? 1.225   23.655  -13.242 1.00 46.40 ? 251 HOH A O   1 
HETATM 1288 O O   . HOH B 2 .   ? -9.705  -11.060 -7.554  1.00 46.88 ? 252 HOH A O   1 
HETATM 1289 O O   . HOH B 2 .   ? -2.586  20.147  4.587   1.00 43.63 ? 253 HOH A O   1 
HETATM 1290 O O   . HOH B 2 .   ? 0.716   25.760  5.723   1.00 56.26 ? 254 HOH A O   1 
HETATM 1291 O O   . HOH B 2 .   ? -10.797 23.703  -4.649  1.00 46.74 ? 255 HOH A O   1 
HETATM 1292 O O   . HOH B 2 .   ? 0.565   27.885  -2.074  1.00 55.30 ? 256 HOH A O   1 
HETATM 1293 O O   . HOH B 2 .   ? -3.827  -4.074  -11.628 1.00 44.91 ? 257 HOH A O   1 
HETATM 1294 O O   . HOH B 2 .   ? 2.691   -7.556  -16.509 1.00 52.64 ? 258 HOH A O   1 
HETATM 1295 O O   . HOH B 2 .   ? 13.510  -15.541 1.537   1.00 52.02 ? 259 HOH A O   1 
HETATM 1296 O O   . HOH B 2 .   ? 0.305   -14.359 8.062   1.00 45.92 ? 260 HOH A O   1 
HETATM 1297 O O   . HOH B 2 .   ? -8.195  -2.207  13.004  1.00 40.67 ? 261 HOH A O   1 
HETATM 1298 O O   . HOH B 2 .   ? -7.757  -9.875  -6.595  1.00 39.81 ? 262 HOH A O   1 
HETATM 1299 O O   . HOH B 2 .   ? -5.826  -6.293  -10.485 1.00 38.69 ? 263 HOH A O   1 
HETATM 1300 O O   . HOH B 2 .   ? -13.180 -12.244 5.082   1.00 48.62 ? 264 HOH A O   1 
HETATM 1301 O O   . HOH B 2 .   ? -14.212 -12.122 2.672   1.00 48.50 ? 265 HOH A O   1 
HETATM 1302 O O   . HOH B 2 .   ? 6.186   -2.830  -11.039 1.00 44.37 ? 266 HOH A O   1 
HETATM 1303 O O   . HOH B 2 .   ? 7.379   12.291  6.438   1.00 53.11 ? 267 HOH A O   1 
HETATM 1304 O O   . HOH B 2 .   ? -10.274 -14.247 -7.452  1.00 43.74 ? 268 HOH A O   1 
HETATM 1305 O O   . HOH B 2 .   ? 6.293   18.991  -3.696  1.00 40.88 ? 269 HOH A O   1 
HETATM 1306 O O   . HOH B 2 .   ? 15.493  0.393   0.403   1.00 47.40 ? 270 HOH A O   1 
HETATM 1307 O O   . HOH B 2 .   ? -12.240 -11.386 -4.262  1.00 52.81 ? 271 HOH A O   1 
HETATM 1308 O O   . HOH B 2 .   ? -0.598  -26.161 3.841   1.00 43.75 ? 272 HOH A O   1 
HETATM 1309 O O   . HOH B 2 .   ? 6.896   19.826  -10.051 1.00 41.57 ? 273 HOH A O   1 
HETATM 1310 O O   . HOH B 2 .   ? 14.208  -6.683  4.189   1.00 39.57 ? 274 HOH A O   1 
HETATM 1311 O O   . HOH B 2 .   ? -2.529  6.585   -12.061 1.00 63.90 ? 275 HOH A O   1 
HETATM 1312 O O   . HOH B 2 .   ? -12.794 1.206   12.411  1.00 54.53 ? 276 HOH A O   1 
HETATM 1313 O O   . HOH B 2 .   ? 7.554   -11.958 6.142   1.00 45.31 ? 277 HOH A O   1 
HETATM 1314 O O   . HOH B 2 .   ? 13.877  13.916  7.213   1.00 49.36 ? 278 HOH A O   1 
HETATM 1315 O O   . HOH B 2 .   ? -0.857  18.848  11.167  1.00 37.57 ? 279 HOH A O   1 
HETATM 1316 O O   . HOH B 2 .   ? 8.059   8.600   -9.700  1.00 50.52 ? 280 HOH A O   1 
HETATM 1317 O O   . HOH B 2 .   ? -12.645 13.274  -0.252  1.00 38.59 ? 281 HOH A O   1 
HETATM 1318 O O   . HOH B 2 .   ? -7.607  19.390  8.083   1.00 51.76 ? 282 HOH A O   1 
HETATM 1319 O O   . HOH B 2 .   ? -17.302 -16.297 -1.121  1.00 46.21 ? 283 HOH A O   1 
HETATM 1320 O O   . HOH B 2 .   ? 8.459   -1.682  -15.018 1.00 67.92 ? 284 HOH A O   1 
HETATM 1321 O O   . HOH B 2 .   ? 6.919   5.009   -9.863  1.00 46.25 ? 285 HOH A O   1 
HETATM 1322 O O   . HOH B 2 .   ? 13.740  -3.641  4.624   1.00 47.71 ? 286 HOH A O   1 
HETATM 1323 O O   . HOH B 2 .   ? 15.613  3.826   2.205   1.00 45.91 ? 287 HOH A O   1 
HETATM 1324 O O   . HOH B 2 .   ? -10.245 -23.090 7.260   1.00 50.79 ? 288 HOH A O   1 
HETATM 1325 O O   . HOH B 2 .   ? 11.231  16.711  -1.585  1.00 46.61 ? 289 HOH A O   1 
HETATM 1326 O O   . HOH B 2 .   ? -11.404 7.148   -0.457  1.00 40.40 ? 290 HOH A O   1 
HETATM 1327 O O   . HOH B 2 .   ? 8.829   -1.392  -11.267 1.00 49.73 ? 291 HOH A O   1 
HETATM 1328 O O   . HOH B 2 .   ? 11.260  -6.156  -8.986  1.00 46.36 ? 292 HOH A O   1 
HETATM 1329 O O   . HOH B 2 .   ? -6.537  -8.401  -7.971  1.00 48.07 ? 293 HOH A O   1 
HETATM 1330 O O   . HOH B 2 .   ? 13.702  5.517   -2.401  1.00 57.38 ? 294 HOH A O   1 
HETATM 1331 O O   . HOH B 2 .   ? 5.580   -10.841 -17.238 1.00 45.01 ? 295 HOH A O   1 
HETATM 1332 O O   . HOH B 2 .   ? 9.653   -6.027  -16.903 1.00 58.18 ? 296 HOH A O   1 
HETATM 1333 O O   . HOH B 2 .   ? 2.946   20.972  9.871   1.00 58.84 ? 297 HOH A O   1 
HETATM 1334 O O   . HOH B 2 .   ? 7.463   23.082  5.805   1.00 45.22 ? 298 HOH A O   1 
HETATM 1335 O O   . HOH B 2 .   ? -7.213  23.562  -2.114  1.00 43.49 ? 299 HOH A O   1 
HETATM 1336 O O   . HOH B 2 .   ? 1.449   -1.013  -13.097 1.00 52.97 ? 300 HOH A O   1 
HETATM 1337 O O   . HOH B 2 .   ? -18.499 -18.347 -3.786  1.00 53.06 ? 301 HOH A O   1 
HETATM 1338 O O   . HOH B 2 .   ? -0.403  6.008   -13.200 1.00 41.04 ? 302 HOH A O   1 
HETATM 1339 O O   . HOH B 2 .   ? -12.913 -1.078  -4.998  1.00 34.82 ? 303 HOH A O   1 
HETATM 1340 O O   . HOH B 2 .   ? -10.161 0.762   -5.472  1.00 38.45 ? 304 HOH A O   1 
HETATM 1341 O O   . HOH B 2 .   ? -11.330 13.067  2.050   1.00 33.82 ? 305 HOH A O   1 
HETATM 1342 O O   . HOH B 2 .   ? 11.158  4.187   8.727   1.00 33.94 ? 306 HOH A O   1 
HETATM 1343 O O   . HOH B 2 .   ? -13.909 -19.968 3.564   1.00 55.68 ? 307 HOH A O   1 
HETATM 1344 O O   . HOH B 2 .   ? -1.390  -11.694 -17.653 1.00 48.45 ? 308 HOH A O   1 
HETATM 1345 O O   . HOH B 2 .   ? 9.726   -12.013 -14.010 1.00 57.50 ? 309 HOH A O   1 
HETATM 1346 O O   . HOH B 2 .   ? -10.418 9.642   11.415  1.00 49.04 ? 310 HOH A O   1 
HETATM 1347 O O   . HOH B 2 .   ? -15.225 13.643  0.448   1.00 40.42 ? 311 HOH A O   1 
HETATM 1348 O O   . HOH B 2 .   ? -9.713  13.090  11.560  1.00 52.27 ? 312 HOH A O   1 
HETATM 1349 O O   . HOH B 2 .   ? 6.338   -1.860  -13.168 1.00 70.82 ? 313 HOH A O   1 
HETATM 1350 O O   . HOH B 2 .   ? -6.731  -9.057  -10.460 1.00 52.72 ? 314 HOH A O   1 
HETATM 1351 O O   . HOH B 2 .   ? -4.543  -2.721  -9.322  1.00 43.19 ? 315 HOH A O   1 
HETATM 1352 O O   . HOH B 2 .   ? -5.275  8.508   -5.420  1.00 74.57 ? 316 HOH A O   1 
HETATM 1353 O O   . HOH B 2 .   ? -1.276  20.472  6.497   1.00 64.43 ? 317 HOH A O   1 
HETATM 1354 O O   . HOH B 2 .   ? -5.030  -5.782  8.563   1.00 50.86 ? 318 HOH A O   1 
# 
loop_
_pdbx_poly_seq_scheme.asym_id 
_pdbx_poly_seq_scheme.entity_id 
_pdbx_poly_seq_scheme.seq_id 
_pdbx_poly_seq_scheme.mon_id 
_pdbx_poly_seq_scheme.ndb_seq_num 
_pdbx_poly_seq_scheme.pdb_seq_num 
_pdbx_poly_seq_scheme.auth_seq_num 
_pdbx_poly_seq_scheme.pdb_mon_id 
_pdbx_poly_seq_scheme.auth_mon_id 
_pdbx_poly_seq_scheme.pdb_strand_id 
_pdbx_poly_seq_scheme.pdb_ins_code 
_pdbx_poly_seq_scheme.hetero 
A 1 1   GLY 1   1   ?   ?   ?   A . n 
A 1 2   ILE 2   2   2   ILE ILE A . n 
A 1 3   PRO 3   3   3   PRO PRO A . n 
A 1 4   ARG 4   4   4   ARG ARG A . n 
A 1 5   ARG 5   5   5   ARG ARG A . n 
A 1 6   ILE 6   6   6   ILE ILE A . n 
A 1 7   THR 7   7   7   THR THR A . n 
A 1 8   LYS 8   8   8   LYS LYS A . n 
A 1 9   GLU 9   9   9   GLU GLU A . n 
A 1 10  THR 10  10  10  THR THR A . n 
A 1 11  GLN 11  11  11  GLN GLN A . n 
A 1 12  ASN 12  12  12  ASN ASN A . n 
A 1 13  LEU 13  13  13  LEU LEU A . n 
A 1 14  ALA 14  14  14  ALA ALA A . n 
A 1 15  ASN 15  15  15  ASN ASN A . n 
A 1 16  GLU 16  16  16  GLU GLU A . n 
A 1 17  PRO 17  17  17  PRO PRO A . n 
A 1 18  PRO 18  18  18  PRO PRO A . n 
A 1 19  PRO 19  19  19  PRO PRO A . n 
A 1 20  GLY 20  20  20  GLY GLY A . n 
A 1 21  ILE 21  21  21  ILE ILE A . n 
A 1 22  MET 22  22  22  MET MET A . n 
A 1 23  ALA 23  23  23  ALA ALA A . n 
A 1 24  VAL 24  24  24  VAL VAL A . n 
A 1 25  PRO 25  25  25  PRO PRO A . n 
A 1 26  VAL 26  26  26  VAL VAL A . n 
A 1 27  PRO 27  27  27  PRO PRO A . n 
A 1 28  GLU 28  28  28  GLU GLU A . n 
A 1 29  ASN 29  29  29  ASN ASN A . n 
A 1 30  TYR 30  30  30  TYR TYR A . n 
A 1 31  ARG 31  31  31  ARG ARG A . n 
A 1 32  HIS 32  32  32  HIS HIS A . n 
A 1 33  PHE 33  33  33  PHE PHE A . n 
A 1 34  ASN 34  34  34  ASN ASN A . n 
A 1 35  ILE 35  35  35  ILE ILE A . n 
A 1 36  LEU 36  36  36  LEU LEU A . n 
A 1 37  ILE 37  37  37  ILE ILE A . n 
A 1 38  ASN 38  38  38  ASN ASN A . n 
A 1 39  GLY 39  39  39  GLY GLY A . n 
A 1 40  PRO 40  40  40  PRO PRO A . n 
A 1 41  ASP 41  41  41  ASP ASP A . n 
A 1 42  GLY 42  42  42  GLY GLY A . n 
A 1 43  THR 43  43  43  THR THR A . n 
A 1 44  PRO 44  44  44  PRO PRO A . n 
A 1 45  TYR 45  45  45  TYR TYR A . n 
A 1 46  GLU 46  46  46  GLU GLU A . n 
A 1 47  GLY 47  47  47  GLY GLY A . n 
A 1 48  GLY 48  48  48  GLY GLY A . n 
A 1 49  THR 49  49  49  THR THR A . n 
A 1 50  TYR 50  50  50  TYR TYR A . n 
A 1 51  LYS 51  51  51  LYS LYS A . n 
A 1 52  LEU 52  52  52  LEU LEU A . n 
A 1 53  GLU 53  53  53  GLU GLU A . n 
A 1 54  LEU 54  54  54  LEU LEU A . n 
A 1 55  PHE 55  55  55  PHE PHE A . n 
A 1 56  LEU 56  56  56  LEU LEU A . n 
A 1 57  PRO 57  57  57  PRO PRO A . n 
A 1 58  GLU 58  58  58  GLU GLU A . n 
A 1 59  GLN 59  59  59  GLN GLN A . n 
A 1 60  TYR 60  60  60  TYR TYR A . n 
A 1 61  PRO 61  61  61  PRO PRO A . n 
A 1 62  MET 62  62  62  MET MET A . n 
A 1 63  GLU 63  63  63  GLU GLU A . n 
A 1 64  PRO 64  64  64  PRO PRO A . n 
A 1 65  PRO 65  65  65  PRO PRO A . n 
A 1 66  LYS 66  66  66  LYS LYS A . n 
A 1 67  VAL 67  67  67  VAL VAL A . n 
A 1 68  ARG 68  68  68  ARG ARG A . n 
A 1 69  PHE 69  69  69  PHE PHE A . n 
A 1 70  LEU 70  70  70  LEU LEU A . n 
A 1 71  THR 71  71  71  THR THR A . n 
A 1 72  LYS 72  72  72  LYS LYS A . n 
A 1 73  ILE 73  73  73  ILE ILE A . n 
A 1 74  TYR 74  74  74  TYR TYR A . n 
A 1 75  HIS 75  75  75  HIS HIS A . n 
A 1 76  PRO 76  76  76  PRO PRO A . n 
A 1 77  ASN 77  77  77  ASN ASN A . n 
A 1 78  ILE 78  78  78  ILE ILE A . n 
A 1 79  ASP 79  79  79  ASP ASP A . n 
A 1 80  LYS 80  80  80  LYS LYS A . n 
A 1 81  LEU 81  81  81  LEU LEU A . n 
A 1 82  GLY 82  82  82  GLY GLY A . n 
A 1 83  ARG 83  83  83  ARG ARG A . n 
A 1 84  ILE 84  84  84  ILE ILE A . n 
A 1 85  CYS 85  85  85  CYS CYS A . n 
A 1 86  LEU 86  86  86  LEU LEU A . n 
A 1 87  ASP 87  87  87  ASP ASP A . n 
A 1 88  ILE 88  88  88  ILE ILE A . n 
A 1 89  LEU 89  89  89  LEU LEU A . n 
A 1 90  LYS 90  90  90  LYS LYS A . n 
A 1 91  ASP 91  91  91  ASP ASP A . n 
A 1 92  LYS 92  92  92  LYS LYS A . n 
A 1 93  TRP 93  93  93  TRP TRP A . n 
A 1 94  SER 94  94  94  SER SER A . n 
A 1 95  PRO 95  95  95  PRO PRO A . n 
A 1 96  ALA 96  96  96  ALA ALA A . n 
A 1 97  LEU 97  97  97  LEU LEU A . n 
A 1 98  GLN 98  98  98  GLN GLN A . n 
A 1 99  ILE 99  99  99  ILE ILE A . n 
A 1 100 ARG 100 100 100 ARG ARG A . n 
A 1 101 THR 101 101 101 THR THR A . n 
A 1 102 VAL 102 102 102 VAL VAL A . n 
A 1 103 LEU 103 103 103 LEU LEU A . n 
A 1 104 LEU 104 104 104 LEU LEU A . n 
A 1 105 SER 105 105 105 SER SER A . n 
A 1 106 ILE 106 106 106 ILE ILE A . n 
A 1 107 GLN 107 107 107 GLN GLN A . n 
A 1 108 ALA 108 108 108 ALA ALA A . n 
A 1 109 LEU 109 109 109 LEU LEU A . n 
A 1 110 LEU 110 110 110 LEU LEU A . n 
A 1 111 SER 111 111 111 SER SER A . n 
A 1 112 SER 112 112 112 SER SER A . n 
A 1 113 PRO 113 113 113 PRO PRO A . n 
A 1 114 GLU 114 114 114 GLU GLU A . n 
A 1 115 PRO 115 115 115 PRO PRO A . n 
A 1 116 ASP 116 116 116 ASP ASP A . n 
A 1 117 ASP 117 117 117 ASP ASP A . n 
A 1 118 PRO 118 118 118 PRO PRO A . n 
A 1 119 LEU 119 119 119 LEU LEU A . n 
A 1 120 ASP 120 120 120 ASP ASP A . n 
A 1 121 SER 121 121 121 SER SER A . n 
A 1 122 LYS 122 122 122 LYS LYS A . n 
A 1 123 VAL 123 123 123 VAL VAL A . n 
A 1 124 ALA 124 124 124 ALA ALA A . n 
A 1 125 GLU 125 125 125 GLU GLU A . n 
A 1 126 HIS 126 126 126 HIS HIS A . n 
A 1 127 PHE 127 127 127 PHE PHE A . n 
A 1 128 LYS 128 128 128 LYS LYS A . n 
A 1 129 GLN 129 129 129 GLN GLN A . n 
A 1 130 ASP 130 130 130 ASP ASP A . n 
A 1 131 LYS 131 131 131 LYS LYS A . n 
A 1 132 ASN 132 132 132 ASN ASN A . n 
A 1 133 ASP 133 133 133 ASP ASP A . n 
A 1 134 ALA 134 134 134 ALA ALA A . n 
A 1 135 GLU 135 135 135 GLU GLU A . n 
A 1 136 HIS 136 136 136 HIS HIS A . n 
A 1 137 VAL 137 137 137 VAL VAL A . n 
A 1 138 ALA 138 138 138 ALA ALA A . n 
A 1 139 ARG 139 139 139 ARG ARG A . n 
A 1 140 GLN 140 140 140 GLN GLN A . n 
A 1 141 TRP 141 141 141 TRP TRP A . n 
A 1 142 ASN 142 142 142 ASN ASN A . n 
A 1 143 LYS 143 143 143 LYS LYS A . n 
A 1 144 ILE 144 144 144 ILE ILE A . n 
A 1 145 TYR 145 145 145 TYR TYR A . n 
A 1 146 ALA 146 146 146 ALA ALA A . n 
A 1 147 ASN 147 147 147 ASN ASN A . n 
A 1 148 ASN 148 148 148 ASN ASN A . n 
A 1 149 ASN 149 149 ?   ?   ?   A . n 
# 
_pdbx_SG_project.id                    1 
_pdbx_SG_project.project_name          ? 
_pdbx_SG_project.full_name_of_center   'Structural Genomics Consortium' 
_pdbx_SG_project.initial_of_center     SGC 
# 
loop_
_pdbx_nonpoly_scheme.asym_id 
_pdbx_nonpoly_scheme.entity_id 
_pdbx_nonpoly_scheme.mon_id 
_pdbx_nonpoly_scheme.ndb_seq_num 
_pdbx_nonpoly_scheme.pdb_seq_num 
_pdbx_nonpoly_scheme.auth_seq_num 
_pdbx_nonpoly_scheme.pdb_mon_id 
_pdbx_nonpoly_scheme.auth_mon_id 
_pdbx_nonpoly_scheme.pdb_strand_id 
_pdbx_nonpoly_scheme.pdb_ins_code 
B 2 HOH 1   150 1   HOH HOH A . 
B 2 HOH 2   151 2   HOH HOH A . 
B 2 HOH 3   152 3   HOH HOH A . 
B 2 HOH 4   153 4   HOH HOH A . 
B 2 HOH 5   154 5   HOH HOH A . 
B 2 HOH 6   155 6   HOH HOH A . 
B 2 HOH 7   156 7   HOH HOH A . 
B 2 HOH 8   157 9   HOH HOH A . 
B 2 HOH 9   158 10  HOH HOH A . 
B 2 HOH 10  159 11  HOH HOH A . 
B 2 HOH 11  160 12  HOH HOH A . 
B 2 HOH 12  161 13  HOH HOH A . 
B 2 HOH 13  162 14  HOH HOH A . 
B 2 HOH 14  163 15  HOH HOH A . 
B 2 HOH 15  164 16  HOH HOH A . 
B 2 HOH 16  165 17  HOH HOH A . 
B 2 HOH 17  166 18  HOH HOH A . 
B 2 HOH 18  167 19  HOH HOH A . 
B 2 HOH 19  168 20  HOH HOH A . 
B 2 HOH 20  169 21  HOH HOH A . 
B 2 HOH 21  170 22  HOH HOH A . 
B 2 HOH 22  171 23  HOH HOH A . 
B 2 HOH 23  172 24  HOH HOH A . 
B 2 HOH 24  173 25  HOH HOH A . 
B 2 HOH 25  174 26  HOH HOH A . 
B 2 HOH 26  175 27  HOH HOH A . 
B 2 HOH 27  176 28  HOH HOH A . 
B 2 HOH 28  177 29  HOH HOH A . 
B 2 HOH 29  178 30  HOH HOH A . 
B 2 HOH 30  179 31  HOH HOH A . 
B 2 HOH 31  180 32  HOH HOH A . 
B 2 HOH 32  181 33  HOH HOH A . 
B 2 HOH 33  182 34  HOH HOH A . 
B 2 HOH 34  183 35  HOH HOH A . 
B 2 HOH 35  184 36  HOH HOH A . 
B 2 HOH 36  185 37  HOH HOH A . 
B 2 HOH 37  186 38  HOH HOH A . 
B 2 HOH 38  187 39  HOH HOH A . 
B 2 HOH 39  188 40  HOH HOH A . 
B 2 HOH 40  189 41  HOH HOH A . 
B 2 HOH 41  190 42  HOH HOH A . 
B 2 HOH 42  191 43  HOH HOH A . 
B 2 HOH 43  192 44  HOH HOH A . 
B 2 HOH 44  193 45  HOH HOH A . 
B 2 HOH 45  194 46  HOH HOH A . 
B 2 HOH 46  195 47  HOH HOH A . 
B 2 HOH 47  196 48  HOH HOH A . 
B 2 HOH 48  197 49  HOH HOH A . 
B 2 HOH 49  198 50  HOH HOH A . 
B 2 HOH 50  199 51  HOH HOH A . 
B 2 HOH 51  200 52  HOH HOH A . 
B 2 HOH 52  201 53  HOH HOH A . 
B 2 HOH 53  202 54  HOH HOH A . 
B 2 HOH 54  203 55  HOH HOH A . 
B 2 HOH 55  204 56  HOH HOH A . 
B 2 HOH 56  205 57  HOH HOH A . 
B 2 HOH 57  206 58  HOH HOH A . 
B 2 HOH 58  207 59  HOH HOH A . 
B 2 HOH 59  208 60  HOH HOH A . 
B 2 HOH 60  209 61  HOH HOH A . 
B 2 HOH 61  210 62  HOH HOH A . 
B 2 HOH 62  211 63  HOH HOH A . 
B 2 HOH 63  212 64  HOH HOH A . 
B 2 HOH 64  213 65  HOH HOH A . 
B 2 HOH 65  214 66  HOH HOH A . 
B 2 HOH 66  215 67  HOH HOH A . 
B 2 HOH 67  216 68  HOH HOH A . 
B 2 HOH 68  217 69  HOH HOH A . 
B 2 HOH 69  218 70  HOH HOH A . 
B 2 HOH 70  219 71  HOH HOH A . 
B 2 HOH 71  220 72  HOH HOH A . 
B 2 HOH 72  221 73  HOH HOH A . 
B 2 HOH 73  222 74  HOH HOH A . 
B 2 HOH 74  223 75  HOH HOH A . 
B 2 HOH 75  224 76  HOH HOH A . 
B 2 HOH 76  225 77  HOH HOH A . 
B 2 HOH 77  226 78  HOH HOH A . 
B 2 HOH 78  227 79  HOH HOH A . 
B 2 HOH 79  228 80  HOH HOH A . 
B 2 HOH 80  229 81  HOH HOH A . 
B 2 HOH 81  230 82  HOH HOH A . 
B 2 HOH 82  231 83  HOH HOH A . 
B 2 HOH 83  232 84  HOH HOH A . 
B 2 HOH 84  233 85  HOH HOH A . 
B 2 HOH 85  234 86  HOH HOH A . 
B 2 HOH 86  235 87  HOH HOH A . 
B 2 HOH 87  236 88  HOH HOH A . 
B 2 HOH 88  237 89  HOH HOH A . 
B 2 HOH 89  238 90  HOH HOH A . 
B 2 HOH 90  239 91  HOH HOH A . 
B 2 HOH 91  240 92  HOH HOH A . 
B 2 HOH 92  241 93  HOH HOH A . 
B 2 HOH 93  242 94  HOH HOH A . 
B 2 HOH 94  243 95  HOH HOH A . 
B 2 HOH 95  244 96  HOH HOH A . 
B 2 HOH 96  245 99  HOH HOH A . 
B 2 HOH 97  246 100 HOH HOH A . 
B 2 HOH 98  247 101 HOH HOH A . 
B 2 HOH 99  248 102 HOH HOH A . 
B 2 HOH 100 249 104 HOH HOH A . 
B 2 HOH 101 250 105 HOH HOH A . 
B 2 HOH 102 251 106 HOH HOH A . 
B 2 HOH 103 252 107 HOH HOH A . 
B 2 HOH 104 253 109 HOH HOH A . 
B 2 HOH 105 254 110 HOH HOH A . 
B 2 HOH 106 255 111 HOH HOH A . 
B 2 HOH 107 256 112 HOH HOH A . 
B 2 HOH 108 257 113 HOH HOH A . 
B 2 HOH 109 258 114 HOH HOH A . 
B 2 HOH 110 259 116 HOH HOH A . 
B 2 HOH 111 260 122 HOH HOH A . 
B 2 HOH 112 261 125 HOH HOH A . 
B 2 HOH 113 262 126 HOH HOH A . 
B 2 HOH 114 263 127 HOH HOH A . 
B 2 HOH 115 264 128 HOH HOH A . 
B 2 HOH 116 265 129 HOH HOH A . 
B 2 HOH 117 266 130 HOH HOH A . 
B 2 HOH 118 267 131 HOH HOH A . 
B 2 HOH 119 268 132 HOH HOH A . 
B 2 HOH 120 269 133 HOH HOH A . 
B 2 HOH 121 270 134 HOH HOH A . 
B 2 HOH 122 271 135 HOH HOH A . 
B 2 HOH 123 272 136 HOH HOH A . 
B 2 HOH 124 273 138 HOH HOH A . 
B 2 HOH 125 274 139 HOH HOH A . 
B 2 HOH 126 275 140 HOH HOH A . 
B 2 HOH 127 276 141 HOH HOH A . 
B 2 HOH 128 277 142 HOH HOH A . 
B 2 HOH 129 278 1   HOH HOH A . 
B 2 HOH 130 279 2   HOH HOH A . 
B 2 HOH 131 280 3   HOH HOH A . 
B 2 HOH 132 281 4   HOH HOH A . 
B 2 HOH 133 282 5   HOH HOH A . 
B 2 HOH 134 283 6   HOH HOH A . 
B 2 HOH 135 284 7   HOH HOH A . 
B 2 HOH 136 285 8   HOH HOH A . 
B 2 HOH 137 286 9   HOH HOH A . 
B 2 HOH 138 287 10  HOH HOH A . 
B 2 HOH 139 288 11  HOH HOH A . 
B 2 HOH 140 289 12  HOH HOH A . 
B 2 HOH 141 290 13  HOH HOH A . 
B 2 HOH 142 291 14  HOH HOH A . 
B 2 HOH 143 292 15  HOH HOH A . 
B 2 HOH 144 293 16  HOH HOH A . 
B 2 HOH 145 294 17  HOH HOH A . 
B 2 HOH 146 295 18  HOH HOH A . 
B 2 HOH 147 296 19  HOH HOH A . 
B 2 HOH 148 297 20  HOH HOH A . 
B 2 HOH 149 298 21  HOH HOH A . 
B 2 HOH 150 299 22  HOH HOH A . 
B 2 HOH 151 300 23  HOH HOH A . 
B 2 HOH 152 301 24  HOH HOH A . 
B 2 HOH 153 302 25  HOH HOH A . 
B 2 HOH 154 303 26  HOH HOH A . 
B 2 HOH 155 304 27  HOH HOH A . 
B 2 HOH 156 305 28  HOH HOH A . 
B 2 HOH 157 306 29  HOH HOH A . 
B 2 HOH 158 307 30  HOH HOH A . 
B 2 HOH 159 308 31  HOH HOH A . 
B 2 HOH 160 309 32  HOH HOH A . 
B 2 HOH 161 310 33  HOH HOH A . 
B 2 HOH 162 311 34  HOH HOH A . 
B 2 HOH 163 312 35  HOH HOH A . 
B 2 HOH 164 313 36  HOH HOH A . 
B 2 HOH 165 314 37  HOH HOH A . 
B 2 HOH 166 315 38  HOH HOH A . 
B 2 HOH 167 316 39  HOH HOH A . 
B 2 HOH 168 317 40  HOH HOH A . 
B 2 HOH 169 318 41  HOH HOH A . 
# 
_pdbx_struct_assembly.id                   1 
_pdbx_struct_assembly.details              software_defined_assembly 
_pdbx_struct_assembly.method_details       PISA 
_pdbx_struct_assembly.oligomeric_details   monomeric 
_pdbx_struct_assembly.oligomeric_count     1 
# 
_pdbx_struct_assembly_gen.assembly_id       1 
_pdbx_struct_assembly_gen.oper_expression   1 
_pdbx_struct_assembly_gen.asym_id_list      A,B 
# 
_pdbx_struct_oper_list.id                   1 
_pdbx_struct_oper_list.type                 'identity operation' 
_pdbx_struct_oper_list.name                 1_555 
_pdbx_struct_oper_list.symmetry_operation   x,y,z 
_pdbx_struct_oper_list.matrix[1][1]         1.0000000000 
_pdbx_struct_oper_list.matrix[1][2]         0.0000000000 
_pdbx_struct_oper_list.matrix[1][3]         0.0000000000 
_pdbx_struct_oper_list.vector[1]            0.0000000000 
_pdbx_struct_oper_list.matrix[2][1]         0.0000000000 
_pdbx_struct_oper_list.matrix[2][2]         1.0000000000 
_pdbx_struct_oper_list.matrix[2][3]         0.0000000000 
_pdbx_struct_oper_list.vector[2]            0.0000000000 
_pdbx_struct_oper_list.matrix[3][1]         0.0000000000 
_pdbx_struct_oper_list.matrix[3][2]         0.0000000000 
_pdbx_struct_oper_list.matrix[3][3]         1.0000000000 
_pdbx_struct_oper_list.vector[3]            0.0000000000 
# 
_pdbx_struct_special_symmetry.id              1 
_pdbx_struct_special_symmetry.PDB_model_num   1 
_pdbx_struct_special_symmetry.auth_asym_id    A 
_pdbx_struct_special_symmetry.auth_comp_id    HOH 
_pdbx_struct_special_symmetry.auth_seq_id     156 
_pdbx_struct_special_symmetry.PDB_ins_code    ? 
_pdbx_struct_special_symmetry.label_asym_id   B 
_pdbx_struct_special_symmetry.label_comp_id   HOH 
_pdbx_struct_special_symmetry.label_seq_id    . 
# 
loop_
_pdbx_audit_revision_history.ordinal 
_pdbx_audit_revision_history.data_content_type 
_pdbx_audit_revision_history.major_revision 
_pdbx_audit_revision_history.minor_revision 
_pdbx_audit_revision_history.revision_date 
1 'Structure model' 1 0 2007-09-04 
2 'Structure model' 1 1 2011-07-13 
3 'Structure model' 1 2 2017-10-25 
4 'Structure model' 1 3 2023-08-30 
# 
_pdbx_audit_revision_details.ordinal             1 
_pdbx_audit_revision_details.revision_ordinal    1 
_pdbx_audit_revision_details.data_content_type   'Structure model' 
_pdbx_audit_revision_details.provider            repository 
_pdbx_audit_revision_details.type                'Initial release' 
_pdbx_audit_revision_details.description         ? 
_pdbx_audit_revision_details.details             ? 
# 
loop_
_pdbx_audit_revision_group.ordinal 
_pdbx_audit_revision_group.revision_ordinal 
_pdbx_audit_revision_group.data_content_type 
_pdbx_audit_revision_group.group 
1 2 'Structure model' 'Source and taxonomy'       
2 2 'Structure model' 'Version format compliance' 
3 3 'Structure model' 'Refinement description'    
4 4 'Structure model' 'Data collection'           
5 4 'Structure model' 'Database references'       
6 4 'Structure model' 'Refinement description'    
# 
loop_
_pdbx_audit_revision_category.ordinal 
_pdbx_audit_revision_category.revision_ordinal 
_pdbx_audit_revision_category.data_content_type 
_pdbx_audit_revision_category.category 
1 3 'Structure model' software                      
2 4 'Structure model' chem_comp_atom                
3 4 'Structure model' chem_comp_bond                
4 4 'Structure model' database_2                    
5 4 'Structure model' pdbx_initial_refinement_model 
6 4 'Structure model' struct_ref_seq_dif            
# 
loop_
_pdbx_audit_revision_item.ordinal 
_pdbx_audit_revision_item.revision_ordinal 
_pdbx_audit_revision_item.data_content_type 
_pdbx_audit_revision_item.item 
1 4 'Structure model' '_database_2.pdbx_DOI'                
2 4 'Structure model' '_database_2.pdbx_database_accession' 
3 4 'Structure model' '_struct_ref_seq_dif.details'         
# 
_pdbx_phasing_MR.entry_id                     2R0J 
_pdbx_phasing_MR.method_rotation              ? 
_pdbx_phasing_MR.method_translation           ? 
_pdbx_phasing_MR.model_details                'Phaser MODE: MR_AUTO' 
_pdbx_phasing_MR.R_factor                     ? 
_pdbx_phasing_MR.R_rigid_body                 ? 
_pdbx_phasing_MR.correlation_coeff_Fo_to_Fc   ? 
_pdbx_phasing_MR.correlation_coeff_Io_to_Ic   ? 
_pdbx_phasing_MR.d_res_high_rotation          2.500 
_pdbx_phasing_MR.d_res_low_rotation           32.980 
_pdbx_phasing_MR.d_res_high_translation       2.500 
_pdbx_phasing_MR.d_res_low_translation        32.980 
_pdbx_phasing_MR.packing                      ? 
_pdbx_phasing_MR.reflns_percent_rotation      ? 
_pdbx_phasing_MR.reflns_percent_translation   ? 
_pdbx_phasing_MR.sigma_F_rotation             ? 
_pdbx_phasing_MR.sigma_F_translation          ? 
_pdbx_phasing_MR.sigma_I_rotation             ? 
_pdbx_phasing_MR.sigma_I_translation          ? 
# 
_phasing.method   MR 
# 
loop_
_software.name 
_software.version 
_software.date 
_software.type 
_software.contact_author 
_software.contact_author_email 
_software.classification 
_software.location 
_software.language 
_software.citation_id 
_software.pdbx_ordinal 
DENZO       .     ?              package 'Zbyszek Otwinowski' zbyszek@mix.swmed.edu       'data reduction'  
http://www.lnls.br/infra/linhasluz/denzo-hkl.htm ?          ? 1 
SCALEPACK   .     ?              package 'Zbyszek Otwinowski' zbyszek@mix.swmed.edu       'data scaling'    
http://www.lnls.br/infra/linhasluz/denzo-hkl.htm ?          ? 2 
PHASER      .     ?              other   'R. J. Read'         cimr-phaser@lists.cam.ac.uk phasing           
http://www-structmed.cimr.cam.ac.uk/phaser/      ?          ? 3 
REFMAC      .     ?              program 'Murshudov, G.N.'    ccp4@dl.ac.uk               refinement        
http://www.ccp4.ac.uk/main.html                  Fortran_77 ? 4 
PDB_EXTRACT 3.000 'July 2, 2007' package PDB                  sw-help@rcsb.rutgers.edu    'data extraction' 
http://pdb.rutgers.edu/software/                 C++        ? 5 
# 
loop_
_pdbx_validate_close_contact.id 
_pdbx_validate_close_contact.PDB_model_num 
_pdbx_validate_close_contact.auth_atom_id_1 
_pdbx_validate_close_contact.auth_asym_id_1 
_pdbx_validate_close_contact.auth_comp_id_1 
_pdbx_validate_close_contact.auth_seq_id_1 
_pdbx_validate_close_contact.PDB_ins_code_1 
_pdbx_validate_close_contact.label_alt_id_1 
_pdbx_validate_close_contact.auth_atom_id_2 
_pdbx_validate_close_contact.auth_asym_id_2 
_pdbx_validate_close_contact.auth_comp_id_2 
_pdbx_validate_close_contact.auth_seq_id_2 
_pdbx_validate_close_contact.PDB_ins_code_2 
_pdbx_validate_close_contact.label_alt_id_2 
_pdbx_validate_close_contact.dist 
1 1 O A HOH 183 ? ? O A HOH 316 ? ? 1.70 
2 1 O A HOH 150 ? ? O A HOH 306 ? ? 1.83 
3 1 O A HOH 162 ? ? O A HOH 293 ? ? 2.19 
# 
_pdbx_validate_symm_contact.id                1 
_pdbx_validate_symm_contact.PDB_model_num     1 
_pdbx_validate_symm_contact.auth_atom_id_1    O 
_pdbx_validate_symm_contact.auth_asym_id_1    A 
_pdbx_validate_symm_contact.auth_comp_id_1    HOH 
_pdbx_validate_symm_contact.auth_seq_id_1     303 
_pdbx_validate_symm_contact.PDB_ins_code_1    ? 
_pdbx_validate_symm_contact.label_alt_id_1    ? 
_pdbx_validate_symm_contact.site_symmetry_1   1_555 
_pdbx_validate_symm_contact.auth_atom_id_2    O 
_pdbx_validate_symm_contact.auth_asym_id_2    A 
_pdbx_validate_symm_contact.auth_comp_id_2    HOH 
_pdbx_validate_symm_contact.auth_seq_id_2     303 
_pdbx_validate_symm_contact.PDB_ins_code_2    ? 
_pdbx_validate_symm_contact.label_alt_id_2    ? 
_pdbx_validate_symm_contact.site_symmetry_2   8_665 
_pdbx_validate_symm_contact.dist              1.62 
# 
loop_
_pdbx_validate_rmsd_bond.id 
_pdbx_validate_rmsd_bond.PDB_model_num 
_pdbx_validate_rmsd_bond.auth_atom_id_1 
_pdbx_validate_rmsd_bond.auth_asym_id_1 
_pdbx_validate_rmsd_bond.auth_comp_id_1 
_pdbx_validate_rmsd_bond.auth_seq_id_1 
_pdbx_validate_rmsd_bond.PDB_ins_code_1 
_pdbx_validate_rmsd_bond.label_alt_id_1 
_pdbx_validate_rmsd_bond.auth_atom_id_2 
_pdbx_validate_rmsd_bond.auth_asym_id_2 
_pdbx_validate_rmsd_bond.auth_comp_id_2 
_pdbx_validate_rmsd_bond.auth_seq_id_2 
_pdbx_validate_rmsd_bond.PDB_ins_code_2 
_pdbx_validate_rmsd_bond.label_alt_id_2 
_pdbx_validate_rmsd_bond.bond_value 
_pdbx_validate_rmsd_bond.bond_target_value 
_pdbx_validate_rmsd_bond.bond_deviation 
_pdbx_validate_rmsd_bond.bond_standard_deviation 
_pdbx_validate_rmsd_bond.linker_flag 
1 1 CD1 A TYR 50  ? ? CE1 A TYR 50  ? ? 1.485 1.389 0.096  0.015 N 
2 1 CB  A GLU 53  ? ? CG  A GLU 53  ? ? 1.398 1.517 -0.119 0.019 N 
3 1 CE2 A TYR 60  ? ? CD2 A TYR 60  ? ? 1.481 1.389 0.092  0.015 N 
4 1 CB  A VAL 137 ? ? CG2 A VAL 137 ? ? 1.653 1.524 0.129  0.021 N 
# 
loop_
_pdbx_validate_rmsd_angle.id 
_pdbx_validate_rmsd_angle.PDB_model_num 
_pdbx_validate_rmsd_angle.auth_atom_id_1 
_pdbx_validate_rmsd_angle.auth_asym_id_1 
_pdbx_validate_rmsd_angle.auth_comp_id_1 
_pdbx_validate_rmsd_angle.auth_seq_id_1 
_pdbx_validate_rmsd_angle.PDB_ins_code_1 
_pdbx_validate_rmsd_angle.label_alt_id_1 
_pdbx_validate_rmsd_angle.auth_atom_id_2 
_pdbx_validate_rmsd_angle.auth_asym_id_2 
_pdbx_validate_rmsd_angle.auth_comp_id_2 
_pdbx_validate_rmsd_angle.auth_seq_id_2 
_pdbx_validate_rmsd_angle.PDB_ins_code_2 
_pdbx_validate_rmsd_angle.label_alt_id_2 
_pdbx_validate_rmsd_angle.auth_atom_id_3 
_pdbx_validate_rmsd_angle.auth_asym_id_3 
_pdbx_validate_rmsd_angle.auth_comp_id_3 
_pdbx_validate_rmsd_angle.auth_seq_id_3 
_pdbx_validate_rmsd_angle.PDB_ins_code_3 
_pdbx_validate_rmsd_angle.label_alt_id_3 
_pdbx_validate_rmsd_angle.angle_value 
_pdbx_validate_rmsd_angle.angle_target_value 
_pdbx_validate_rmsd_angle.angle_deviation 
_pdbx_validate_rmsd_angle.angle_standard_deviation 
_pdbx_validate_rmsd_angle.linker_flag 
1 1 NE A ARG 100 ? ? CZ A ARG 100 ? ? NH1 A ARG 100 ? ? 124.33 120.30 4.03  0.50 N 
2 1 NE A ARG 100 ? ? CZ A ARG 100 ? ? NH2 A ARG 100 ? ? 116.99 120.30 -3.31 0.50 N 
3 1 NE A ARG 139 ? ? CZ A ARG 139 ? ? NH2 A ARG 139 ? ? 117.04 120.30 -3.26 0.50 N 
# 
loop_
_pdbx_validate_torsion.id 
_pdbx_validate_torsion.PDB_model_num 
_pdbx_validate_torsion.auth_comp_id 
_pdbx_validate_torsion.auth_asym_id 
_pdbx_validate_torsion.auth_seq_id 
_pdbx_validate_torsion.PDB_ins_code 
_pdbx_validate_torsion.label_alt_id 
_pdbx_validate_torsion.phi 
_pdbx_validate_torsion.psi 
1 1 GLU A 28  ? ? 57.55   16.17   
2 1 LYS A 90  ? ? -135.35 -115.44 
3 1 PRO A 115 ? ? -65.04  1.51    
4 1 ASP A 130 ? ? -155.24 87.68   
# 
loop_
_pdbx_unobs_or_zero_occ_atoms.id 
_pdbx_unobs_or_zero_occ_atoms.PDB_model_num 
_pdbx_unobs_or_zero_occ_atoms.polymer_flag 
_pdbx_unobs_or_zero_occ_atoms.occupancy_flag 
_pdbx_unobs_or_zero_occ_atoms.auth_asym_id 
_pdbx_unobs_or_zero_occ_atoms.auth_comp_id 
_pdbx_unobs_or_zero_occ_atoms.auth_seq_id 
_pdbx_unobs_or_zero_occ_atoms.PDB_ins_code 
_pdbx_unobs_or_zero_occ_atoms.auth_atom_id 
_pdbx_unobs_or_zero_occ_atoms.label_alt_id 
_pdbx_unobs_or_zero_occ_atoms.label_asym_id 
_pdbx_unobs_or_zero_occ_atoms.label_comp_id 
_pdbx_unobs_or_zero_occ_atoms.label_seq_id 
_pdbx_unobs_or_zero_occ_atoms.label_atom_id 
1 1 Y 1 A ARG 83 ? CG  ? A ARG 83 CG  
2 1 Y 1 A ARG 83 ? CD  ? A ARG 83 CD  
3 1 Y 1 A ARG 83 ? NE  ? A ARG 83 NE  
4 1 Y 1 A ARG 83 ? CZ  ? A ARG 83 CZ  
5 1 Y 1 A ARG 83 ? NH1 ? A ARG 83 NH1 
6 1 Y 1 A ARG 83 ? NH2 ? A ARG 83 NH2 
# 
loop_
_pdbx_unobs_or_zero_occ_residues.id 
_pdbx_unobs_or_zero_occ_residues.PDB_model_num 
_pdbx_unobs_or_zero_occ_residues.polymer_flag 
_pdbx_unobs_or_zero_occ_residues.occupancy_flag 
_pdbx_unobs_or_zero_occ_residues.auth_asym_id 
_pdbx_unobs_or_zero_occ_residues.auth_comp_id 
_pdbx_unobs_or_zero_occ_residues.auth_seq_id 
_pdbx_unobs_or_zero_occ_residues.PDB_ins_code 
_pdbx_unobs_or_zero_occ_residues.label_asym_id 
_pdbx_unobs_or_zero_occ_residues.label_comp_id 
_pdbx_unobs_or_zero_occ_residues.label_seq_id 
1 1 Y 1 A GLY 1   ? A GLY 1   
2 1 Y 1 A ASN 149 ? A ASN 149 
# 
loop_
_chem_comp_atom.comp_id 
_chem_comp_atom.atom_id 
_chem_comp_atom.type_symbol 
_chem_comp_atom.pdbx_aromatic_flag 
_chem_comp_atom.pdbx_stereo_config 
_chem_comp_atom.pdbx_ordinal 
ALA N    N N N 1   
ALA CA   C N S 2   
ALA C    C N N 3   
ALA O    O N N 4   
ALA CB   C N N 5   
ALA OXT  O N N 6   
ALA H    H N N 7   
ALA H2   H N N 8   
ALA HA   H N N 9   
ALA HB1  H N N 10  
ALA HB2  H N N 11  
ALA HB3  H N N 12  
ALA HXT  H N N 13  
ARG N    N N N 14  
ARG CA   C N S 15  
ARG C    C N N 16  
ARG O    O N N 17  
ARG CB   C N N 18  
ARG CG   C N N 19  
ARG CD   C N N 20  
ARG NE   N N N 21  
ARG CZ   C N N 22  
ARG NH1  N N N 23  
ARG NH2  N N N 24  
ARG OXT  O N N 25  
ARG H    H N N 26  
ARG H2   H N N 27  
ARG HA   H N N 28  
ARG HB2  H N N 29  
ARG HB3  H N N 30  
ARG HG2  H N N 31  
ARG HG3  H N N 32  
ARG HD2  H N N 33  
ARG HD3  H N N 34  
ARG HE   H N N 35  
ARG HH11 H N N 36  
ARG HH12 H N N 37  
ARG HH21 H N N 38  
ARG HH22 H N N 39  
ARG HXT  H N N 40  
ASN N    N N N 41  
ASN CA   C N S 42  
ASN C    C N N 43  
ASN O    O N N 44  
ASN CB   C N N 45  
ASN CG   C N N 46  
ASN OD1  O N N 47  
ASN ND2  N N N 48  
ASN OXT  O N N 49  
ASN H    H N N 50  
ASN H2   H N N 51  
ASN HA   H N N 52  
ASN HB2  H N N 53  
ASN HB3  H N N 54  
ASN HD21 H N N 55  
ASN HD22 H N N 56  
ASN HXT  H N N 57  
ASP N    N N N 58  
ASP CA   C N S 59  
ASP C    C N N 60  
ASP O    O N N 61  
ASP CB   C N N 62  
ASP CG   C N N 63  
ASP OD1  O N N 64  
ASP OD2  O N N 65  
ASP OXT  O N N 66  
ASP H    H N N 67  
ASP H2   H N N 68  
ASP HA   H N N 69  
ASP HB2  H N N 70  
ASP HB3  H N N 71  
ASP HD2  H N N 72  
ASP HXT  H N N 73  
CYS N    N N N 74  
CYS CA   C N R 75  
CYS C    C N N 76  
CYS O    O N N 77  
CYS CB   C N N 78  
CYS SG   S N N 79  
CYS OXT  O N N 80  
CYS H    H N N 81  
CYS H2   H N N 82  
CYS HA   H N N 83  
CYS HB2  H N N 84  
CYS HB3  H N N 85  
CYS HG   H N N 86  
CYS HXT  H N N 87  
GLN N    N N N 88  
GLN CA   C N S 89  
GLN C    C N N 90  
GLN O    O N N 91  
GLN CB   C N N 92  
GLN CG   C N N 93  
GLN CD   C N N 94  
GLN OE1  O N N 95  
GLN NE2  N N N 96  
GLN OXT  O N N 97  
GLN H    H N N 98  
GLN H2   H N N 99  
GLN HA   H N N 100 
GLN HB2  H N N 101 
GLN HB3  H N N 102 
GLN HG2  H N N 103 
GLN HG3  H N N 104 
GLN HE21 H N N 105 
GLN HE22 H N N 106 
GLN HXT  H N N 107 
GLU N    N N N 108 
GLU CA   C N S 109 
GLU C    C N N 110 
GLU O    O N N 111 
GLU CB   C N N 112 
GLU CG   C N N 113 
GLU CD   C N N 114 
GLU OE1  O N N 115 
GLU OE2  O N N 116 
GLU OXT  O N N 117 
GLU H    H N N 118 
GLU H2   H N N 119 
GLU HA   H N N 120 
GLU HB2  H N N 121 
GLU HB3  H N N 122 
GLU HG2  H N N 123 
GLU HG3  H N N 124 
GLU HE2  H N N 125 
GLU HXT  H N N 126 
GLY N    N N N 127 
GLY CA   C N N 128 
GLY C    C N N 129 
GLY O    O N N 130 
GLY OXT  O N N 131 
GLY H    H N N 132 
GLY H2   H N N 133 
GLY HA2  H N N 134 
GLY HA3  H N N 135 
GLY HXT  H N N 136 
HIS N    N N N 137 
HIS CA   C N S 138 
HIS C    C N N 139 
HIS O    O N N 140 
HIS CB   C N N 141 
HIS CG   C Y N 142 
HIS ND1  N Y N 143 
HIS CD2  C Y N 144 
HIS CE1  C Y N 145 
HIS NE2  N Y N 146 
HIS OXT  O N N 147 
HIS H    H N N 148 
HIS H2   H N N 149 
HIS HA   H N N 150 
HIS HB2  H N N 151 
HIS HB3  H N N 152 
HIS HD1  H N N 153 
HIS HD2  H N N 154 
HIS HE1  H N N 155 
HIS HE2  H N N 156 
HIS HXT  H N N 157 
HOH O    O N N 158 
HOH H1   H N N 159 
HOH H2   H N N 160 
ILE N    N N N 161 
ILE CA   C N S 162 
ILE C    C N N 163 
ILE O    O N N 164 
ILE CB   C N S 165 
ILE CG1  C N N 166 
ILE CG2  C N N 167 
ILE CD1  C N N 168 
ILE OXT  O N N 169 
ILE H    H N N 170 
ILE H2   H N N 171 
ILE HA   H N N 172 
ILE HB   H N N 173 
ILE HG12 H N N 174 
ILE HG13 H N N 175 
ILE HG21 H N N 176 
ILE HG22 H N N 177 
ILE HG23 H N N 178 
ILE HD11 H N N 179 
ILE HD12 H N N 180 
ILE HD13 H N N 181 
ILE HXT  H N N 182 
LEU N    N N N 183 
LEU CA   C N S 184 
LEU C    C N N 185 
LEU O    O N N 186 
LEU CB   C N N 187 
LEU CG   C N N 188 
LEU CD1  C N N 189 
LEU CD2  C N N 190 
LEU OXT  O N N 191 
LEU H    H N N 192 
LEU H2   H N N 193 
LEU HA   H N N 194 
LEU HB2  H N N 195 
LEU HB3  H N N 196 
LEU HG   H N N 197 
LEU HD11 H N N 198 
LEU HD12 H N N 199 
LEU HD13 H N N 200 
LEU HD21 H N N 201 
LEU HD22 H N N 202 
LEU HD23 H N N 203 
LEU HXT  H N N 204 
LYS N    N N N 205 
LYS CA   C N S 206 
LYS C    C N N 207 
LYS O    O N N 208 
LYS CB   C N N 209 
LYS CG   C N N 210 
LYS CD   C N N 211 
LYS CE   C N N 212 
LYS NZ   N N N 213 
LYS OXT  O N N 214 
LYS H    H N N 215 
LYS H2   H N N 216 
LYS HA   H N N 217 
LYS HB2  H N N 218 
LYS HB3  H N N 219 
LYS HG2  H N N 220 
LYS HG3  H N N 221 
LYS HD2  H N N 222 
LYS HD3  H N N 223 
LYS HE2  H N N 224 
LYS HE3  H N N 225 
LYS HZ1  H N N 226 
LYS HZ2  H N N 227 
LYS HZ3  H N N 228 
LYS HXT  H N N 229 
MET N    N N N 230 
MET CA   C N S 231 
MET C    C N N 232 
MET O    O N N 233 
MET CB   C N N 234 
MET CG   C N N 235 
MET SD   S N N 236 
MET CE   C N N 237 
MET OXT  O N N 238 
MET H    H N N 239 
MET H2   H N N 240 
MET HA   H N N 241 
MET HB2  H N N 242 
MET HB3  H N N 243 
MET HG2  H N N 244 
MET HG3  H N N 245 
MET HE1  H N N 246 
MET HE2  H N N 247 
MET HE3  H N N 248 
MET HXT  H N N 249 
PHE N    N N N 250 
PHE CA   C N S 251 
PHE C    C N N 252 
PHE O    O N N 253 
PHE CB   C N N 254 
PHE CG   C Y N 255 
PHE CD1  C Y N 256 
PHE CD2  C Y N 257 
PHE CE1  C Y N 258 
PHE CE2  C Y N 259 
PHE CZ   C Y N 260 
PHE OXT  O N N 261 
PHE H    H N N 262 
PHE H2   H N N 263 
PHE HA   H N N 264 
PHE HB2  H N N 265 
PHE HB3  H N N 266 
PHE HD1  H N N 267 
PHE HD2  H N N 268 
PHE HE1  H N N 269 
PHE HE2  H N N 270 
PHE HZ   H N N 271 
PHE HXT  H N N 272 
PRO N    N N N 273 
PRO CA   C N S 274 
PRO C    C N N 275 
PRO O    O N N 276 
PRO CB   C N N 277 
PRO CG   C N N 278 
PRO CD   C N N 279 
PRO OXT  O N N 280 
PRO H    H N N 281 
PRO HA   H N N 282 
PRO HB2  H N N 283 
PRO HB3  H N N 284 
PRO HG2  H N N 285 
PRO HG3  H N N 286 
PRO HD2  H N N 287 
PRO HD3  H N N 288 
PRO HXT  H N N 289 
SER N    N N N 290 
SER CA   C N S 291 
SER C    C N N 292 
SER O    O N N 293 
SER CB   C N N 294 
SER OG   O N N 295 
SER OXT  O N N 296 
SER H    H N N 297 
SER H2   H N N 298 
SER HA   H N N 299 
SER HB2  H N N 300 
SER HB3  H N N 301 
SER HG   H N N 302 
SER HXT  H N N 303 
THR N    N N N 304 
THR CA   C N S 305 
THR C    C N N 306 
THR O    O N N 307 
THR CB   C N R 308 
THR OG1  O N N 309 
THR CG2  C N N 310 
THR OXT  O N N 311 
THR H    H N N 312 
THR H2   H N N 313 
THR HA   H N N 314 
THR HB   H N N 315 
THR HG1  H N N 316 
THR HG21 H N N 317 
THR HG22 H N N 318 
THR HG23 H N N 319 
THR HXT  H N N 320 
TRP N    N N N 321 
TRP CA   C N S 322 
TRP C    C N N 323 
TRP O    O N N 324 
TRP CB   C N N 325 
TRP CG   C Y N 326 
TRP CD1  C Y N 327 
TRP CD2  C Y N 328 
TRP NE1  N Y N 329 
TRP CE2  C Y N 330 
TRP CE3  C Y N 331 
TRP CZ2  C Y N 332 
TRP CZ3  C Y N 333 
TRP CH2  C Y N 334 
TRP OXT  O N N 335 
TRP H    H N N 336 
TRP H2   H N N 337 
TRP HA   H N N 338 
TRP HB2  H N N 339 
TRP HB3  H N N 340 
TRP HD1  H N N 341 
TRP HE1  H N N 342 
TRP HE3  H N N 343 
TRP HZ2  H N N 344 
TRP HZ3  H N N 345 
TRP HH2  H N N 346 
TRP HXT  H N N 347 
TYR N    N N N 348 
TYR CA   C N S 349 
TYR C    C N N 350 
TYR O    O N N 351 
TYR CB   C N N 352 
TYR CG   C Y N 353 
TYR CD1  C Y N 354 
TYR CD2  C Y N 355 
TYR CE1  C Y N 356 
TYR CE2  C Y N 357 
TYR CZ   C Y N 358 
TYR OH   O N N 359 
TYR OXT  O N N 360 
TYR H    H N N 361 
TYR H2   H N N 362 
TYR HA   H N N 363 
TYR HB2  H N N 364 
TYR HB3  H N N 365 
TYR HD1  H N N 366 
TYR HD2  H N N 367 
TYR HE1  H N N 368 
TYR HE2  H N N 369 
TYR HH   H N N 370 
TYR HXT  H N N 371 
VAL N    N N N 372 
VAL CA   C N S 373 
VAL C    C N N 374 
VAL O    O N N 375 
VAL CB   C N N 376 
VAL CG1  C N N 377 
VAL CG2  C N N 378 
VAL OXT  O N N 379 
VAL H    H N N 380 
VAL H2   H N N 381 
VAL HA   H N N 382 
VAL HB   H N N 383 
VAL HG11 H N N 384 
VAL HG12 H N N 385 
VAL HG13 H N N 386 
VAL HG21 H N N 387 
VAL HG22 H N N 388 
VAL HG23 H N N 389 
VAL HXT  H N N 390 
# 
loop_
_chem_comp_bond.comp_id 
_chem_comp_bond.atom_id_1 
_chem_comp_bond.atom_id_2 
_chem_comp_bond.value_order 
_chem_comp_bond.pdbx_aromatic_flag 
_chem_comp_bond.pdbx_stereo_config 
_chem_comp_bond.pdbx_ordinal 
ALA N   CA   sing N N 1   
ALA N   H    sing N N 2   
ALA N   H2   sing N N 3   
ALA CA  C    sing N N 4   
ALA CA  CB   sing N N 5   
ALA CA  HA   sing N N 6   
ALA C   O    doub N N 7   
ALA C   OXT  sing N N 8   
ALA CB  HB1  sing N N 9   
ALA CB  HB2  sing N N 10  
ALA CB  HB3  sing N N 11  
ALA OXT HXT  sing N N 12  
ARG N   CA   sing N N 13  
ARG N   H    sing N N 14  
ARG N   H2   sing N N 15  
ARG CA  C    sing N N 16  
ARG CA  CB   sing N N 17  
ARG CA  HA   sing N N 18  
ARG C   O    doub N N 19  
ARG C   OXT  sing N N 20  
ARG CB  CG   sing N N 21  
ARG CB  HB2  sing N N 22  
ARG CB  HB3  sing N N 23  
ARG CG  CD   sing N N 24  
ARG CG  HG2  sing N N 25  
ARG CG  HG3  sing N N 26  
ARG CD  NE   sing N N 27  
ARG CD  HD2  sing N N 28  
ARG CD  HD3  sing N N 29  
ARG NE  CZ   sing N N 30  
ARG NE  HE   sing N N 31  
ARG CZ  NH1  sing N N 32  
ARG CZ  NH2  doub N N 33  
ARG NH1 HH11 sing N N 34  
ARG NH1 HH12 sing N N 35  
ARG NH2 HH21 sing N N 36  
ARG NH2 HH22 sing N N 37  
ARG OXT HXT  sing N N 38  
ASN N   CA   sing N N 39  
ASN N   H    sing N N 40  
ASN N   H2   sing N N 41  
ASN CA  C    sing N N 42  
ASN CA  CB   sing N N 43  
ASN CA  HA   sing N N 44  
ASN C   O    doub N N 45  
ASN C   OXT  sing N N 46  
ASN CB  CG   sing N N 47  
ASN CB  HB2  sing N N 48  
ASN CB  HB3  sing N N 49  
ASN CG  OD1  doub N N 50  
ASN CG  ND2  sing N N 51  
ASN ND2 HD21 sing N N 52  
ASN ND2 HD22 sing N N 53  
ASN OXT HXT  sing N N 54  
ASP N   CA   sing N N 55  
ASP N   H    sing N N 56  
ASP N   H2   sing N N 57  
ASP CA  C    sing N N 58  
ASP CA  CB   sing N N 59  
ASP CA  HA   sing N N 60  
ASP C   O    doub N N 61  
ASP C   OXT  sing N N 62  
ASP CB  CG   sing N N 63  
ASP CB  HB2  sing N N 64  
ASP CB  HB3  sing N N 65  
ASP CG  OD1  doub N N 66  
ASP CG  OD2  sing N N 67  
ASP OD2 HD2  sing N N 68  
ASP OXT HXT  sing N N 69  
CYS N   CA   sing N N 70  
CYS N   H    sing N N 71  
CYS N   H2   sing N N 72  
CYS CA  C    sing N N 73  
CYS CA  CB   sing N N 74  
CYS CA  HA   sing N N 75  
CYS C   O    doub N N 76  
CYS C   OXT  sing N N 77  
CYS CB  SG   sing N N 78  
CYS CB  HB2  sing N N 79  
CYS CB  HB3  sing N N 80  
CYS SG  HG   sing N N 81  
CYS OXT HXT  sing N N 82  
GLN N   CA   sing N N 83  
GLN N   H    sing N N 84  
GLN N   H2   sing N N 85  
GLN CA  C    sing N N 86  
GLN CA  CB   sing N N 87  
GLN CA  HA   sing N N 88  
GLN C   O    doub N N 89  
GLN C   OXT  sing N N 90  
GLN CB  CG   sing N N 91  
GLN CB  HB2  sing N N 92  
GLN CB  HB3  sing N N 93  
GLN CG  CD   sing N N 94  
GLN CG  HG2  sing N N 95  
GLN CG  HG3  sing N N 96  
GLN CD  OE1  doub N N 97  
GLN CD  NE2  sing N N 98  
GLN NE2 HE21 sing N N 99  
GLN NE2 HE22 sing N N 100 
GLN OXT HXT  sing N N 101 
GLU N   CA   sing N N 102 
GLU N   H    sing N N 103 
GLU N   H2   sing N N 104 
GLU CA  C    sing N N 105 
GLU CA  CB   sing N N 106 
GLU CA  HA   sing N N 107 
GLU C   O    doub N N 108 
GLU C   OXT  sing N N 109 
GLU CB  CG   sing N N 110 
GLU CB  HB2  sing N N 111 
GLU CB  HB3  sing N N 112 
GLU CG  CD   sing N N 113 
GLU CG  HG2  sing N N 114 
GLU CG  HG3  sing N N 115 
GLU CD  OE1  doub N N 116 
GLU CD  OE2  sing N N 117 
GLU OE2 HE2  sing N N 118 
GLU OXT HXT  sing N N 119 
GLY N   CA   sing N N 120 
GLY N   H    sing N N 121 
GLY N   H2   sing N N 122 
GLY CA  C    sing N N 123 
GLY CA  HA2  sing N N 124 
GLY CA  HA3  sing N N 125 
GLY C   O    doub N N 126 
GLY C   OXT  sing N N 127 
GLY OXT HXT  sing N N 128 
HIS N   CA   sing N N 129 
HIS N   H    sing N N 130 
HIS N   H2   sing N N 131 
HIS CA  C    sing N N 132 
HIS CA  CB   sing N N 133 
HIS CA  HA   sing N N 134 
HIS C   O    doub N N 135 
HIS C   OXT  sing N N 136 
HIS CB  CG   sing N N 137 
HIS CB  HB2  sing N N 138 
HIS CB  HB3  sing N N 139 
HIS CG  ND1  sing Y N 140 
HIS CG  CD2  doub Y N 141 
HIS ND1 CE1  doub Y N 142 
HIS ND1 HD1  sing N N 143 
HIS CD2 NE2  sing Y N 144 
HIS CD2 HD2  sing N N 145 
HIS CE1 NE2  sing Y N 146 
HIS CE1 HE1  sing N N 147 
HIS NE2 HE2  sing N N 148 
HIS OXT HXT  sing N N 149 
HOH O   H1   sing N N 150 
HOH O   H2   sing N N 151 
ILE N   CA   sing N N 152 
ILE N   H    sing N N 153 
ILE N   H2   sing N N 154 
ILE CA  C    sing N N 155 
ILE CA  CB   sing N N 156 
ILE CA  HA   sing N N 157 
ILE C   O    doub N N 158 
ILE C   OXT  sing N N 159 
ILE CB  CG1  sing N N 160 
ILE CB  CG2  sing N N 161 
ILE CB  HB   sing N N 162 
ILE CG1 CD1  sing N N 163 
ILE CG1 HG12 sing N N 164 
ILE CG1 HG13 sing N N 165 
ILE CG2 HG21 sing N N 166 
ILE CG2 HG22 sing N N 167 
ILE CG2 HG23 sing N N 168 
ILE CD1 HD11 sing N N 169 
ILE CD1 HD12 sing N N 170 
ILE CD1 HD13 sing N N 171 
ILE OXT HXT  sing N N 172 
LEU N   CA   sing N N 173 
LEU N   H    sing N N 174 
LEU N   H2   sing N N 175 
LEU CA  C    sing N N 176 
LEU CA  CB   sing N N 177 
LEU CA  HA   sing N N 178 
LEU C   O    doub N N 179 
LEU C   OXT  sing N N 180 
LEU CB  CG   sing N N 181 
LEU CB  HB2  sing N N 182 
LEU CB  HB3  sing N N 183 
LEU CG  CD1  sing N N 184 
LEU CG  CD2  sing N N 185 
LEU CG  HG   sing N N 186 
LEU CD1 HD11 sing N N 187 
LEU CD1 HD12 sing N N 188 
LEU CD1 HD13 sing N N 189 
LEU CD2 HD21 sing N N 190 
LEU CD2 HD22 sing N N 191 
LEU CD2 HD23 sing N N 192 
LEU OXT HXT  sing N N 193 
LYS N   CA   sing N N 194 
LYS N   H    sing N N 195 
LYS N   H2   sing N N 196 
LYS CA  C    sing N N 197 
LYS CA  CB   sing N N 198 
LYS CA  HA   sing N N 199 
LYS C   O    doub N N 200 
LYS C   OXT  sing N N 201 
LYS CB  CG   sing N N 202 
LYS CB  HB2  sing N N 203 
LYS CB  HB3  sing N N 204 
LYS CG  CD   sing N N 205 
LYS CG  HG2  sing N N 206 
LYS CG  HG3  sing N N 207 
LYS CD  CE   sing N N 208 
LYS CD  HD2  sing N N 209 
LYS CD  HD3  sing N N 210 
LYS CE  NZ   sing N N 211 
LYS CE  HE2  sing N N 212 
LYS CE  HE3  sing N N 213 
LYS NZ  HZ1  sing N N 214 
LYS NZ  HZ2  sing N N 215 
LYS NZ  HZ3  sing N N 216 
LYS OXT HXT  sing N N 217 
MET N   CA   sing N N 218 
MET N   H    sing N N 219 
MET N   H2   sing N N 220 
MET CA  C    sing N N 221 
MET CA  CB   sing N N 222 
MET CA  HA   sing N N 223 
MET C   O    doub N N 224 
MET C   OXT  sing N N 225 
MET CB  CG   sing N N 226 
MET CB  HB2  sing N N 227 
MET CB  HB3  sing N N 228 
MET CG  SD   sing N N 229 
MET CG  HG2  sing N N 230 
MET CG  HG3  sing N N 231 
MET SD  CE   sing N N 232 
MET CE  HE1  sing N N 233 
MET CE  HE2  sing N N 234 
MET CE  HE3  sing N N 235 
MET OXT HXT  sing N N 236 
PHE N   CA   sing N N 237 
PHE N   H    sing N N 238 
PHE N   H2   sing N N 239 
PHE CA  C    sing N N 240 
PHE CA  CB   sing N N 241 
PHE CA  HA   sing N N 242 
PHE C   O    doub N N 243 
PHE C   OXT  sing N N 244 
PHE CB  CG   sing N N 245 
PHE CB  HB2  sing N N 246 
PHE CB  HB3  sing N N 247 
PHE CG  CD1  doub Y N 248 
PHE CG  CD2  sing Y N 249 
PHE CD1 CE1  sing Y N 250 
PHE CD1 HD1  sing N N 251 
PHE CD2 CE2  doub Y N 252 
PHE CD2 HD2  sing N N 253 
PHE CE1 CZ   doub Y N 254 
PHE CE1 HE1  sing N N 255 
PHE CE2 CZ   sing Y N 256 
PHE CE2 HE2  sing N N 257 
PHE CZ  HZ   sing N N 258 
PHE OXT HXT  sing N N 259 
PRO N   CA   sing N N 260 
PRO N   CD   sing N N 261 
PRO N   H    sing N N 262 
PRO CA  C    sing N N 263 
PRO CA  CB   sing N N 264 
PRO CA  HA   sing N N 265 
PRO C   O    doub N N 266 
PRO C   OXT  sing N N 267 
PRO CB  CG   sing N N 268 
PRO CB  HB2  sing N N 269 
PRO CB  HB3  sing N N 270 
PRO CG  CD   sing N N 271 
PRO CG  HG2  sing N N 272 
PRO CG  HG3  sing N N 273 
PRO CD  HD2  sing N N 274 
PRO CD  HD3  sing N N 275 
PRO OXT HXT  sing N N 276 
SER N   CA   sing N N 277 
SER N   H    sing N N 278 
SER N   H2   sing N N 279 
SER CA  C    sing N N 280 
SER CA  CB   sing N N 281 
SER CA  HA   sing N N 282 
SER C   O    doub N N 283 
SER C   OXT  sing N N 284 
SER CB  OG   sing N N 285 
SER CB  HB2  sing N N 286 
SER CB  HB3  sing N N 287 
SER OG  HG   sing N N 288 
SER OXT HXT  sing N N 289 
THR N   CA   sing N N 290 
THR N   H    sing N N 291 
THR N   H2   sing N N 292 
THR CA  C    sing N N 293 
THR CA  CB   sing N N 294 
THR CA  HA   sing N N 295 
THR C   O    doub N N 296 
THR C   OXT  sing N N 297 
THR CB  OG1  sing N N 298 
THR CB  CG2  sing N N 299 
THR CB  HB   sing N N 300 
THR OG1 HG1  sing N N 301 
THR CG2 HG21 sing N N 302 
THR CG2 HG22 sing N N 303 
THR CG2 HG23 sing N N 304 
THR OXT HXT  sing N N 305 
TRP N   CA   sing N N 306 
TRP N   H    sing N N 307 
TRP N   H2   sing N N 308 
TRP CA  C    sing N N 309 
TRP CA  CB   sing N N 310 
TRP CA  HA   sing N N 311 
TRP C   O    doub N N 312 
TRP C   OXT  sing N N 313 
TRP CB  CG   sing N N 314 
TRP CB  HB2  sing N N 315 
TRP CB  HB3  sing N N 316 
TRP CG  CD1  doub Y N 317 
TRP CG  CD2  sing Y N 318 
TRP CD1 NE1  sing Y N 319 
TRP CD1 HD1  sing N N 320 
TRP CD2 CE2  doub Y N 321 
TRP CD2 CE3  sing Y N 322 
TRP NE1 CE2  sing Y N 323 
TRP NE1 HE1  sing N N 324 
TRP CE2 CZ2  sing Y N 325 
TRP CE3 CZ3  doub Y N 326 
TRP CE3 HE3  sing N N 327 
TRP CZ2 CH2  doub Y N 328 
TRP CZ2 HZ2  sing N N 329 
TRP CZ3 CH2  sing Y N 330 
TRP CZ3 HZ3  sing N N 331 
TRP CH2 HH2  sing N N 332 
TRP OXT HXT  sing N N 333 
TYR N   CA   sing N N 334 
TYR N   H    sing N N 335 
TYR N   H2   sing N N 336 
TYR CA  C    sing N N 337 
TYR CA  CB   sing N N 338 
TYR CA  HA   sing N N 339 
TYR C   O    doub N N 340 
TYR C   OXT  sing N N 341 
TYR CB  CG   sing N N 342 
TYR CB  HB2  sing N N 343 
TYR CB  HB3  sing N N 344 
TYR CG  CD1  doub Y N 345 
TYR CG  CD2  sing Y N 346 
TYR CD1 CE1  sing Y N 347 
TYR CD1 HD1  sing N N 348 
TYR CD2 CE2  doub Y N 349 
TYR CD2 HD2  sing N N 350 
TYR CE1 CZ   doub Y N 351 
TYR CE1 HE1  sing N N 352 
TYR CE2 CZ   sing Y N 353 
TYR CE2 HE2  sing N N 354 
TYR CZ  OH   sing N N 355 
TYR OH  HH   sing N N 356 
TYR OXT HXT  sing N N 357 
VAL N   CA   sing N N 358 
VAL N   H    sing N N 359 
VAL N   H2   sing N N 360 
VAL CA  C    sing N N 361 
VAL CA  CB   sing N N 362 
VAL CA  HA   sing N N 363 
VAL C   O    doub N N 364 
VAL C   OXT  sing N N 365 
VAL CB  CG1  sing N N 366 
VAL CB  CG2  sing N N 367 
VAL CB  HB   sing N N 368 
VAL CG1 HG11 sing N N 369 
VAL CG1 HG12 sing N N 370 
VAL CG1 HG13 sing N N 371 
VAL CG2 HG21 sing N N 372 
VAL CG2 HG22 sing N N 373 
VAL CG2 HG23 sing N N 374 
VAL OXT HXT  sing N N 375 
# 
_pdbx_entity_nonpoly.entity_id   2 
_pdbx_entity_nonpoly.name        water 
_pdbx_entity_nonpoly.comp_id     HOH 
# 
_pdbx_initial_refinement_model.id               1 
_pdbx_initial_refinement_model.entity_id_list   ? 
_pdbx_initial_refinement_model.type             'experimental model' 
_pdbx_initial_refinement_model.source_name      PDB 
_pdbx_initial_refinement_model.accession_code   1QCQ 
_pdbx_initial_refinement_model.details          'PDB entry 1QCQ' 
# 
